data_2CS1
#
_entry.id   2CS1
#
_entity_poly.entity_id   1
_entity_poly.type   'polypeptide(L)'
_entity_poly.pdbx_seq_one_letter_code
;GSSGSSGIKKPMSASALFVQDHRPQFLIENPKTSLEDATLQIEELWKTLSEEEKLKYEEKATKDLERYNSQMKRAIEQES
QMSLKDSGPSSG
;
_entity_poly.pdbx_strand_id   A
#
# COMPACT_ATOMS: atom_id res chain seq x y z
N GLY A 1 5.21 6.41 7.50
CA GLY A 1 6.61 6.04 7.63
C GLY A 1 6.78 4.56 7.92
N SER A 2 7.00 4.23 9.18
CA SER A 2 7.19 2.84 9.59
C SER A 2 5.86 2.09 9.60
N SER A 3 4.85 2.71 10.19
CA SER A 3 3.53 2.11 10.28
C SER A 3 2.49 3.13 10.72
N GLY A 4 1.33 3.12 10.05
CA GLY A 4 0.27 4.05 10.39
C GLY A 4 -0.80 3.42 11.27
N SER A 5 -1.97 4.04 11.30
CA SER A 5 -3.07 3.54 12.12
C SER A 5 -4.42 3.85 11.46
N SER A 6 -5.48 3.25 11.99
CA SER A 6 -6.82 3.46 11.46
C SER A 6 -7.07 4.95 11.18
N GLY A 7 -7.82 5.22 10.12
CA GLY A 7 -8.13 6.60 9.77
C GLY A 7 -7.46 7.03 8.48
N ILE A 8 -6.28 7.62 8.60
CA ILE A 8 -5.54 8.09 7.43
C ILE A 8 -5.31 6.95 6.43
N LYS A 9 -6.09 6.93 5.36
CA LYS A 9 -5.97 5.90 4.34
C LYS A 9 -4.60 5.96 3.67
N LYS A 10 -3.79 4.92 3.91
CA LYS A 10 -2.46 4.85 3.32
C LYS A 10 -2.54 4.63 1.81
N PRO A 11 -1.56 5.21 1.08
CA PRO A 11 -1.50 5.09 -0.38
C PRO A 11 -1.14 3.68 -0.83
N MET A 12 -1.44 3.37 -2.08
CA MET A 12 -1.14 2.05 -2.64
C MET A 12 0.35 1.92 -2.95
N SER A 13 0.95 0.83 -2.49
CA SER A 13 2.37 0.59 -2.73
C SER A 13 2.59 -0.11 -4.07
N ALA A 14 3.81 0.01 -4.60
CA ALA A 14 4.16 -0.61 -5.86
C ALA A 14 3.77 -2.09 -5.89
N SER A 15 3.70 -2.69 -4.71
CA SER A 15 3.34 -4.10 -4.59
C SER A 15 1.90 -4.33 -5.05
N ALA A 16 1.03 -3.37 -4.76
CA ALA A 16 -0.37 -3.47 -5.14
C ALA A 16 -0.56 -3.16 -6.62
N LEU A 17 0.03 -2.06 -7.07
CA LEU A 17 -0.08 -1.66 -8.47
C LEU A 17 0.15 -2.84 -9.40
N PHE A 18 1.39 -3.32 -9.43
CA PHE A 18 1.75 -4.45 -10.27
C PHE A 18 0.60 -5.46 -10.34
N VAL A 19 -0.06 -5.67 -9.21
CA VAL A 19 -1.17 -6.61 -9.14
C VAL A 19 -2.40 -6.06 -9.85
N GLN A 20 -2.86 -4.89 -9.41
CA GLN A 20 -4.04 -4.26 -10.00
C GLN A 20 -3.80 -3.96 -11.48
N ASP A 21 -2.55 -4.04 -11.90
CA ASP A 21 -2.19 -3.78 -13.29
C ASP A 21 -2.39 -5.02 -14.15
N HIS A 22 -2.29 -6.19 -13.52
CA HIS A 22 -2.46 -7.44 -14.23
C HIS A 22 -3.68 -8.20 -13.70
N ARG A 23 -4.31 -7.66 -12.66
CA ARG A 23 -5.48 -8.27 -12.06
C ARG A 23 -6.56 -8.52 -13.12
N PRO A 24 -7.03 -7.42 -13.75
CA PRO A 24 -8.06 -7.49 -14.78
C PRO A 24 -7.57 -8.15 -16.06
N GLN A 25 -6.36 -7.75 -16.49
CA GLN A 25 -5.78 -8.30 -17.71
C GLN A 25 -5.74 -9.83 -17.65
N PHE A 26 -5.59 -10.36 -16.45
CA PHE A 26 -5.53 -11.81 -16.26
C PHE A 26 -6.91 -12.43 -16.41
N LEU A 27 -7.94 -11.66 -16.06
CA LEU A 27 -9.32 -12.14 -16.15
C LEU A 27 -9.82 -12.07 -17.59
N ILE A 28 -9.84 -10.86 -18.15
CA ILE A 28 -10.29 -10.66 -19.52
C ILE A 28 -9.81 -11.78 -20.43
N GLU A 29 -8.50 -12.00 -20.44
CA GLU A 29 -7.91 -13.05 -21.28
C GLU A 29 -8.19 -14.43 -20.69
N ASN A 30 -8.23 -14.50 -19.36
CA ASN A 30 -8.47 -15.76 -18.67
C ASN A 30 -9.60 -15.60 -17.63
N PRO A 31 -10.84 -15.65 -18.12
CA PRO A 31 -12.03 -15.52 -17.26
C PRO A 31 -12.22 -16.73 -16.35
N LYS A 32 -12.08 -17.92 -16.92
CA LYS A 32 -12.24 -19.17 -16.17
C LYS A 32 -11.53 -19.07 -14.81
N THR A 33 -10.46 -18.28 -14.76
CA THR A 33 -9.70 -18.10 -13.53
C THR A 33 -10.48 -17.27 -12.52
N SER A 34 -10.72 -17.84 -11.35
CA SER A 34 -11.46 -17.15 -10.29
C SER A 34 -10.72 -15.89 -9.84
N LEU A 35 -11.44 -14.96 -9.25
CA LEU A 35 -10.86 -13.72 -8.77
C LEU A 35 -9.57 -13.99 -7.98
N GLU A 36 -9.70 -14.72 -6.88
CA GLU A 36 -8.55 -15.04 -6.04
C GLU A 36 -7.45 -15.70 -6.86
N ASP A 37 -7.73 -16.90 -7.38
CA ASP A 37 -6.77 -17.64 -8.18
C ASP A 37 -5.97 -16.69 -9.07
N ALA A 38 -6.66 -15.78 -9.73
CA ALA A 38 -6.01 -14.81 -10.61
C ALA A 38 -4.93 -14.02 -9.87
N THR A 39 -5.29 -13.51 -8.69
CA THR A 39 -4.37 -12.73 -7.88
C THR A 39 -3.30 -13.63 -7.25
N LEU A 40 -3.75 -14.65 -6.53
CA LEU A 40 -2.83 -15.58 -5.88
C LEU A 40 -1.63 -15.86 -6.76
N GLN A 41 -1.85 -15.89 -8.07
CA GLN A 41 -0.77 -16.14 -9.03
C GLN A 41 0.03 -14.86 -9.31
N ILE A 42 -0.67 -13.74 -9.40
CA ILE A 42 -0.04 -12.46 -9.66
C ILE A 42 0.87 -12.05 -8.50
N GLU A 43 0.47 -12.44 -7.29
CA GLU A 43 1.25 -12.11 -6.09
C GLU A 43 2.58 -12.85 -6.09
N GLU A 44 2.52 -14.17 -6.20
CA GLU A 44 3.73 -14.99 -6.21
C GLU A 44 4.60 -14.65 -7.41
N LEU A 45 3.99 -14.04 -8.43
CA LEU A 45 4.72 -13.67 -9.64
C LEU A 45 5.50 -12.38 -9.43
N TRP A 46 5.14 -11.65 -8.39
CA TRP A 46 5.80 -10.38 -8.09
C TRP A 46 6.94 -10.59 -7.09
N LYS A 47 6.87 -11.69 -6.34
CA LYS A 47 7.90 -12.00 -5.36
C LYS A 47 9.10 -12.67 -6.02
N THR A 48 8.88 -13.24 -7.20
CA THR A 48 9.95 -13.90 -7.94
C THR A 48 10.69 -12.93 -8.84
N LEU A 49 10.13 -11.72 -8.98
CA LEU A 49 10.74 -10.70 -9.82
C LEU A 49 12.10 -10.28 -9.27
N SER A 50 12.85 -9.53 -10.08
CA SER A 50 14.18 -9.06 -9.67
C SER A 50 14.08 -7.70 -8.99
N GLU A 51 15.23 -7.20 -8.53
CA GLU A 51 15.28 -5.90 -7.86
C GLU A 51 14.88 -4.78 -8.81
N GLU A 52 15.69 -4.58 -9.85
CA GLU A 52 15.42 -3.54 -10.83
C GLU A 52 13.96 -3.56 -11.28
N GLU A 53 13.53 -4.70 -11.81
CA GLU A 53 12.15 -4.87 -12.26
C GLU A 53 11.17 -4.23 -11.29
N LYS A 54 11.43 -4.41 -10.00
CA LYS A 54 10.58 -3.86 -8.95
C LYS A 54 10.76 -2.34 -8.85
N LEU A 55 12.00 -1.90 -8.86
CA LEU A 55 12.31 -0.47 -8.77
C LEU A 55 11.43 0.34 -9.72
N LYS A 56 11.34 -0.10 -10.96
CA LYS A 56 10.53 0.57 -11.97
C LYS A 56 9.16 0.93 -11.40
N TYR A 57 8.61 0.04 -10.57
CA TYR A 57 7.30 0.26 -9.97
C TYR A 57 7.44 1.00 -8.65
N GLU A 58 8.51 0.72 -7.92
CA GLU A 58 8.75 1.37 -6.64
C GLU A 58 8.70 2.89 -6.78
N GLU A 59 9.09 3.39 -7.95
CA GLU A 59 9.08 4.82 -8.21
C GLU A 59 7.66 5.34 -8.41
N LYS A 60 6.77 4.45 -8.85
CA LYS A 60 5.37 4.82 -9.07
C LYS A 60 4.64 5.00 -7.74
N ALA A 61 5.18 4.40 -6.69
CA ALA A 61 4.58 4.50 -5.37
C ALA A 61 5.15 5.70 -4.59
N THR A 62 6.45 5.89 -4.69
CA THR A 62 7.12 6.99 -4.00
C THR A 62 6.71 8.33 -4.59
N LYS A 63 6.64 8.40 -5.91
CA LYS A 63 6.27 9.63 -6.60
C LYS A 63 4.89 10.10 -6.14
N ASP A 64 4.06 9.17 -5.69
CA ASP A 64 2.72 9.50 -5.22
C ASP A 64 2.70 9.59 -3.69
N LEU A 65 3.82 9.29 -3.06
CA LEU A 65 3.93 9.33 -1.61
C LEU A 65 3.71 10.76 -1.10
N GLU A 66 3.94 11.73 -1.97
CA GLU A 66 3.76 13.14 -1.61
C GLU A 66 2.41 13.37 -0.94
N ARG A 67 1.49 12.42 -1.14
CA ARG A 67 0.16 12.53 -0.56
C ARG A 67 0.18 12.17 0.93
N TYR A 68 0.72 11.00 1.24
CA TYR A 68 0.80 10.54 2.62
C TYR A 68 1.59 11.52 3.48
N ASN A 69 2.63 12.09 2.89
CA ASN A 69 3.48 13.05 3.60
C ASN A 69 2.67 14.28 4.01
N SER A 70 1.63 14.59 3.24
CA SER A 70 0.80 15.74 3.51
C SER A 70 -0.25 15.42 4.57
N GLN A 71 -0.68 14.16 4.61
CA GLN A 71 -1.67 13.72 5.59
C GLN A 71 -1.03 13.50 6.96
N MET A 72 0.28 13.76 7.03
CA MET A 72 1.01 13.59 8.28
C MET A 72 1.12 14.91 9.03
N LYS A 73 1.42 15.98 8.30
CA LYS A 73 1.55 17.30 8.90
C LYS A 73 0.46 17.54 9.94
N ARG A 74 -0.77 17.16 9.60
CA ARG A 74 -1.90 17.33 10.51
C ARG A 74 -1.93 16.23 11.56
N ALA A 75 -1.56 15.02 11.15
CA ALA A 75 -1.54 13.88 12.06
C ALA A 75 -0.35 13.96 13.02
N ILE A 76 0.39 15.06 12.93
CA ILE A 76 1.55 15.26 13.80
C ILE A 76 1.13 15.38 15.26
N GLU A 77 -0.17 15.52 15.49
CA GLU A 77 -0.69 15.66 16.84
C GLU A 77 -1.48 14.42 17.24
N GLN A 78 -2.10 14.47 18.42
CA GLN A 78 -2.88 13.35 18.93
C GLN A 78 -4.22 13.26 18.21
N GLU A 79 -4.19 13.32 16.89
CA GLU A 79 -5.41 13.25 16.09
C GLU A 79 -5.50 11.91 15.36
N SER A 80 -4.36 11.36 15.01
CA SER A 80 -4.31 10.08 14.29
C SER A 80 -3.50 9.06 15.09
N GLN A 81 -2.40 9.51 15.68
CA GLN A 81 -1.54 8.62 16.46
C GLN A 81 -1.79 8.80 17.95
N MET A 82 -1.79 7.69 18.68
CA MET A 82 -2.01 7.73 20.13
C MET A 82 -0.93 6.97 20.86
N SER A 83 -0.55 7.46 22.04
CA SER A 83 0.48 6.83 22.85
C SER A 83 0.19 6.97 24.34
N LEU A 84 0.95 6.27 25.16
CA LEU A 84 0.77 6.33 26.61
C LEU A 84 2.03 6.85 27.29
N LYS A 85 1.86 7.86 28.14
CA LYS A 85 2.99 8.44 28.86
C LYS A 85 2.70 8.47 30.37
N ASP A 86 3.62 7.90 31.15
CA ASP A 86 3.47 7.86 32.60
C ASP A 86 4.06 9.13 33.23
N SER A 87 3.61 9.43 34.44
CA SER A 87 4.10 10.62 35.16
C SER A 87 5.01 10.22 36.31
N GLY A 88 6.24 10.72 36.27
CA GLY A 88 7.20 10.40 37.33
C GLY A 88 6.81 11.01 38.66
N PRO A 89 7.63 10.74 39.69
CA PRO A 89 7.40 11.26 41.04
C PRO A 89 7.62 12.76 41.14
N SER A 90 7.30 13.34 42.29
CA SER A 90 7.46 14.77 42.50
C SER A 90 8.69 15.05 43.38
N SER A 91 8.95 16.33 43.63
CA SER A 91 10.08 16.73 44.44
C SER A 91 9.68 17.79 45.45
N GLY A 92 10.62 18.21 46.29
CA GLY A 92 10.34 19.22 47.29
C GLY A 92 9.43 20.32 46.77
N GLY A 1 -0.06 -4.46 6.10
CA GLY A 1 -0.08 -3.84 7.43
C GLY A 1 -1.34 -4.16 8.20
N SER A 2 -2.40 -3.39 7.94
CA SER A 2 -3.67 -3.59 8.62
C SER A 2 -4.84 -3.44 7.64
N SER A 3 -5.87 -4.27 7.83
CA SER A 3 -7.04 -4.23 6.97
C SER A 3 -8.26 -3.72 7.74
N GLY A 4 -9.08 -2.92 7.06
CA GLY A 4 -10.28 -2.39 7.68
C GLY A 4 -10.72 -1.09 7.06
N SER A 5 -11.71 -0.45 7.67
CA SER A 5 -12.24 0.82 7.15
C SER A 5 -11.70 2.00 7.96
N SER A 6 -10.83 2.78 7.34
CA SER A 6 -10.23 3.94 7.98
C SER A 6 -10.57 5.22 7.24
N GLY A 7 -10.46 6.35 7.93
CA GLY A 7 -10.76 7.63 7.31
C GLY A 7 -9.82 7.97 6.18
N ILE A 8 -8.76 8.74 6.50
CA ILE A 8 -7.78 9.13 5.51
C ILE A 8 -7.38 7.94 4.63
N LYS A 9 -7.76 7.99 3.36
CA LYS A 9 -7.44 6.93 2.42
C LYS A 9 -5.93 6.82 2.21
N LYS A 10 -5.38 5.64 2.46
CA LYS A 10 -3.95 5.40 2.30
C LYS A 10 -3.60 5.18 0.83
N PRO A 11 -2.38 5.58 0.45
CA PRO A 11 -1.89 5.43 -0.93
C PRO A 11 -1.64 3.98 -1.30
N MET A 12 -1.43 3.73 -2.60
CA MET A 12 -1.18 2.39 -3.08
C MET A 12 0.30 2.03 -2.97
N SER A 13 0.61 0.73 -3.00
CA SER A 13 1.98 0.27 -2.91
C SER A 13 2.42 -0.38 -4.21
N ALA A 14 3.72 -0.27 -4.51
CA ALA A 14 4.27 -0.85 -5.73
C ALA A 14 3.61 -2.19 -6.05
N SER A 15 3.41 -3.00 -5.01
CA SER A 15 2.79 -4.31 -5.17
C SER A 15 1.37 -4.18 -5.70
N ALA A 16 0.58 -3.33 -5.06
CA ALA A 16 -0.80 -3.10 -5.47
C ALA A 16 -0.88 -2.61 -6.91
N LEU A 17 0.00 -1.67 -7.26
CA LEU A 17 0.03 -1.12 -8.61
C LEU A 17 0.20 -2.23 -9.64
N PHE A 18 1.32 -2.96 -9.54
CA PHE A 18 1.61 -4.05 -10.47
C PHE A 18 0.43 -5.02 -10.55
N VAL A 19 -0.10 -5.41 -9.39
CA VAL A 19 -1.22 -6.33 -9.34
C VAL A 19 -2.40 -5.81 -10.14
N GLN A 20 -2.90 -4.64 -9.75
CA GLN A 20 -4.04 -4.03 -10.45
C GLN A 20 -3.78 -3.95 -11.94
N ASP A 21 -2.52 -3.83 -12.32
CA ASP A 21 -2.14 -3.74 -13.73
C ASP A 21 -2.42 -5.06 -14.44
N HIS A 22 -1.97 -6.16 -13.85
CA HIS A 22 -2.17 -7.48 -14.44
C HIS A 22 -3.31 -8.22 -13.73
N ARG A 23 -4.12 -7.47 -12.99
CA ARG A 23 -5.24 -8.06 -12.26
C ARG A 23 -6.27 -8.65 -13.22
N PRO A 24 -6.83 -7.79 -14.09
CA PRO A 24 -7.83 -8.21 -15.08
C PRO A 24 -7.24 -9.09 -16.17
N GLN A 25 -6.08 -8.69 -16.69
CA GLN A 25 -5.41 -9.44 -17.74
C GLN A 25 -5.39 -10.93 -17.42
N PHE A 26 -4.89 -11.26 -16.23
CA PHE A 26 -4.81 -12.66 -15.80
C PHE A 26 -6.10 -13.41 -16.13
N LEU A 27 -7.24 -12.76 -15.88
CA LEU A 27 -8.54 -13.35 -16.15
C LEU A 27 -8.78 -13.46 -17.66
N ILE A 28 -8.77 -12.32 -18.33
CA ILE A 28 -8.99 -12.28 -19.78
C ILE A 28 -8.32 -13.46 -20.46
N GLU A 29 -7.07 -13.73 -20.11
CA GLU A 29 -6.31 -14.83 -20.69
C GLU A 29 -6.76 -16.16 -20.09
N ASN A 30 -7.20 -16.13 -18.84
CA ASN A 30 -7.66 -17.33 -18.16
C ASN A 30 -9.03 -17.11 -17.52
N PRO A 31 -10.09 -17.20 -18.34
CA PRO A 31 -11.47 -17.02 -17.88
C PRO A 31 -11.93 -18.16 -16.97
N LYS A 32 -11.03 -19.10 -16.70
CA LYS A 32 -11.35 -20.23 -15.84
C LYS A 32 -10.87 -20.00 -14.42
N THR A 33 -10.41 -18.78 -14.15
CA THR A 33 -9.91 -18.42 -12.83
C THR A 33 -10.83 -17.40 -12.16
N SER A 34 -11.05 -17.57 -10.86
CA SER A 34 -11.91 -16.65 -10.11
C SER A 34 -11.16 -15.38 -9.74
N LEU A 35 -11.90 -14.36 -9.34
CA LEU A 35 -11.32 -13.08 -8.96
C LEU A 35 -10.10 -13.28 -8.06
N GLU A 36 -10.36 -13.73 -6.83
CA GLU A 36 -9.30 -13.96 -5.86
C GLU A 36 -8.18 -14.79 -6.49
N ASP A 37 -8.51 -16.03 -6.86
CA ASP A 37 -7.53 -16.93 -7.46
C ASP A 37 -6.57 -16.16 -8.37
N ALA A 38 -7.12 -15.42 -9.32
CA ALA A 38 -6.30 -14.64 -10.25
C ALA A 38 -5.23 -13.85 -9.50
N THR A 39 -5.67 -12.97 -8.61
CA THR A 39 -4.75 -12.16 -7.83
C THR A 39 -3.72 -13.02 -7.10
N LEU A 40 -4.20 -13.99 -6.34
CA LEU A 40 -3.32 -14.89 -5.60
C LEU A 40 -2.07 -15.20 -6.39
N GLN A 41 -2.25 -15.64 -7.64
CA GLN A 41 -1.13 -15.98 -8.51
C GLN A 41 -0.31 -14.74 -8.84
N ILE A 42 -1.00 -13.64 -9.16
CA ILE A 42 -0.34 -12.39 -9.50
C ILE A 42 0.61 -11.96 -8.40
N GLU A 43 0.21 -12.18 -7.15
CA GLU A 43 1.02 -11.80 -6.01
C GLU A 43 2.38 -12.50 -6.06
N GLU A 44 2.36 -13.82 -6.17
CA GLU A 44 3.59 -14.60 -6.22
C GLU A 44 4.41 -14.24 -7.46
N LEU A 45 3.72 -13.87 -8.53
CA LEU A 45 4.39 -13.49 -9.77
C LEU A 45 5.19 -12.21 -9.59
N TRP A 46 4.78 -11.39 -8.63
CA TRP A 46 5.46 -10.14 -8.35
C TRP A 46 6.69 -10.36 -7.47
N LYS A 47 6.69 -11.47 -6.74
CA LYS A 47 7.81 -11.81 -5.86
C LYS A 47 8.89 -12.57 -6.63
N THR A 48 8.74 -12.63 -7.94
CA THR A 48 9.70 -13.33 -8.78
C THR A 48 10.24 -12.42 -9.88
N LEU A 49 9.54 -11.32 -10.13
CA LEU A 49 9.94 -10.38 -11.15
C LEU A 49 11.42 -10.03 -11.02
N SER A 50 11.92 -9.22 -11.95
CA SER A 50 13.32 -8.81 -11.94
C SER A 50 13.57 -7.72 -10.91
N GLU A 51 14.82 -7.32 -10.77
CA GLU A 51 15.20 -6.28 -9.82
C GLU A 51 14.77 -4.91 -10.32
N GLU A 52 14.91 -4.69 -11.63
CA GLU A 52 14.54 -3.42 -12.23
C GLU A 52 13.02 -3.26 -12.29
N GLU A 53 12.32 -4.39 -12.42
CA GLU A 53 10.86 -4.37 -12.49
C GLU A 53 10.27 -3.82 -11.20
N LYS A 54 10.80 -4.25 -10.07
CA LYS A 54 10.33 -3.80 -8.77
C LYS A 54 10.69 -2.33 -8.53
N LEU A 55 11.91 -1.96 -8.91
CA LEU A 55 12.37 -0.59 -8.75
C LEU A 55 11.45 0.39 -9.47
N LYS A 56 11.38 0.24 -10.79
CA LYS A 56 10.54 1.11 -11.61
C LYS A 56 9.25 1.48 -10.87
N TYR A 57 8.49 0.46 -10.49
CA TYR A 57 7.24 0.67 -9.77
C TYR A 57 7.47 1.47 -8.49
N GLU A 58 8.41 1.00 -7.68
CA GLU A 58 8.73 1.66 -6.42
C GLU A 58 8.81 3.17 -6.60
N GLU A 59 9.76 3.61 -7.43
CA GLU A 59 9.95 5.03 -7.69
C GLU A 59 8.61 5.73 -7.90
N LYS A 60 7.73 5.11 -8.69
CA LYS A 60 6.41 5.66 -8.96
C LYS A 60 5.58 5.73 -7.68
N ALA A 61 5.70 4.70 -6.86
CA ALA A 61 4.95 4.63 -5.60
C ALA A 61 5.45 5.68 -4.62
N THR A 62 6.74 5.63 -4.31
CA THR A 62 7.34 6.58 -3.37
C THR A 62 6.97 8.01 -3.73
N LYS A 63 6.85 8.28 -5.03
CA LYS A 63 6.49 9.62 -5.50
C LYS A 63 5.06 9.97 -5.12
N ASP A 64 4.20 8.95 -5.06
CA ASP A 64 2.81 9.15 -4.70
C ASP A 64 2.61 9.07 -3.20
N LEU A 65 3.57 8.45 -2.52
CA LEU A 65 3.49 8.30 -1.07
C LEU A 65 3.59 9.66 -0.38
N GLU A 66 4.47 10.51 -0.89
CA GLU A 66 4.66 11.85 -0.33
C GLU A 66 3.32 12.49 0.02
N ARG A 67 2.50 12.71 -1.01
CA ARG A 67 1.19 13.33 -0.81
C ARG A 67 0.56 12.85 0.49
N TYR A 68 0.54 11.53 0.69
CA TYR A 68 -0.04 10.95 1.89
C TYR A 68 0.69 11.43 3.15
N ASN A 69 2.01 11.20 3.18
CA ASN A 69 2.81 11.62 4.31
C ASN A 69 2.39 12.99 4.83
N SER A 70 2.41 13.98 3.94
CA SER A 70 2.03 15.34 4.30
C SER A 70 0.71 15.34 5.07
N GLN A 71 -0.28 14.62 4.54
CA GLN A 71 -1.59 14.55 5.17
C GLN A 71 -1.48 14.01 6.60
N MET A 72 -0.81 12.88 6.75
CA MET A 72 -0.63 12.26 8.06
C MET A 72 -0.21 13.31 9.09
N LYS A 73 0.87 14.02 8.81
CA LYS A 73 1.39 15.04 9.71
C LYS A 73 0.24 15.88 10.27
N ARG A 74 -0.68 16.28 9.40
CA ARG A 74 -1.82 17.09 9.82
C ARG A 74 -2.75 16.29 10.72
N ALA A 75 -2.90 15.01 10.43
CA ALA A 75 -3.76 14.14 11.22
C ALA A 75 -3.22 13.98 12.63
N ILE A 76 -1.91 14.15 12.78
CA ILE A 76 -1.27 14.01 14.08
C ILE A 76 -1.79 15.06 15.07
N GLU A 77 -2.10 16.25 14.54
CA GLU A 77 -2.61 17.33 15.37
C GLU A 77 -4.11 17.18 15.59
N GLN A 78 -4.70 18.17 16.27
CA GLN A 78 -6.14 18.15 16.55
C GLN A 78 -6.94 18.50 15.31
N GLU A 79 -6.64 17.84 14.20
CA GLU A 79 -7.33 18.08 12.93
C GLU A 79 -8.11 16.85 12.49
N SER A 80 -7.41 15.72 12.40
CA SER A 80 -8.03 14.47 11.98
C SER A 80 -8.81 13.84 13.12
N GLN A 81 -8.13 13.62 14.24
CA GLN A 81 -8.76 13.02 15.41
C GLN A 81 -8.45 13.82 16.67
N MET A 82 -7.17 13.91 17.02
CA MET A 82 -6.74 14.66 18.19
C MET A 82 -5.23 14.74 18.27
N SER A 83 -4.73 15.55 19.19
CA SER A 83 -3.29 15.73 19.36
C SER A 83 -2.78 14.97 20.59
N LEU A 84 -1.64 14.32 20.45
CA LEU A 84 -1.05 13.57 21.54
C LEU A 84 0.24 14.23 22.05
N LYS A 85 0.52 14.04 23.32
CA LYS A 85 1.72 14.62 23.93
C LYS A 85 2.45 13.59 24.79
N ASP A 86 3.69 13.90 25.15
CA ASP A 86 4.49 13.00 25.98
C ASP A 86 4.67 13.57 27.39
N SER A 87 5.22 14.78 27.47
CA SER A 87 5.45 15.43 28.75
C SER A 87 4.46 16.58 28.96
N GLY A 88 3.69 16.50 30.04
CA GLY A 88 2.71 17.54 30.33
C GLY A 88 3.11 18.39 31.52
N PRO A 89 2.62 18.03 32.72
CA PRO A 89 2.91 18.75 33.95
C PRO A 89 4.36 18.57 34.39
N SER A 90 4.78 19.36 35.38
CA SER A 90 6.14 19.29 35.89
C SER A 90 6.22 19.86 37.31
N SER A 91 7.32 19.60 37.99
CA SER A 91 7.53 20.08 39.35
C SER A 91 8.71 21.03 39.42
N GLY A 92 9.80 20.66 38.76
CA GLY A 92 11.00 21.50 38.77
C GLY A 92 12.25 20.71 39.05
N GLY A 1 -7.23 -3.13 14.06
CA GLY A 1 -6.13 -2.84 13.17
C GLY A 1 -5.25 -4.04 12.91
N SER A 2 -5.58 -4.80 11.86
CA SER A 2 -4.81 -5.99 11.51
C SER A 2 -3.33 -5.78 11.79
N SER A 3 -2.76 -4.72 11.23
CA SER A 3 -1.36 -4.41 11.41
C SER A 3 -1.16 -3.33 12.47
N GLY A 4 -1.98 -2.28 12.40
CA GLY A 4 -1.89 -1.20 13.36
C GLY A 4 -2.47 0.10 12.83
N SER A 5 -3.65 0.01 12.24
CA SER A 5 -4.31 1.19 11.69
C SER A 5 -4.41 2.30 12.72
N SER A 6 -3.68 3.38 12.50
CA SER A 6 -3.67 4.51 13.41
C SER A 6 -4.23 5.76 12.74
N GLY A 7 -5.55 5.80 12.57
CA GLY A 7 -6.18 6.94 11.93
C GLY A 7 -5.74 7.12 10.49
N ILE A 8 -4.66 7.86 10.29
CA ILE A 8 -4.13 8.10 8.96
C ILE A 8 -3.99 6.80 8.17
N LYS A 9 -4.53 6.78 6.96
CA LYS A 9 -4.45 5.61 6.10
C LYS A 9 -3.37 5.76 5.03
N LYS A 10 -2.49 4.77 4.93
CA LYS A 10 -1.42 4.81 3.95
C LYS A 10 -1.92 4.40 2.57
N PRO A 11 -1.38 5.04 1.52
CA PRO A 11 -1.76 4.76 0.14
C PRO A 11 -1.29 3.39 -0.33
N MET A 12 -1.31 3.17 -1.64
CA MET A 12 -0.88 1.90 -2.21
C MET A 12 0.63 1.89 -2.43
N SER A 13 1.15 0.79 -2.96
CA SER A 13 2.57 0.64 -3.21
C SER A 13 2.82 -0.18 -4.47
N ALA A 14 4.09 -0.36 -4.81
CA ALA A 14 4.47 -1.13 -6.00
C ALA A 14 3.97 -2.56 -5.89
N SER A 15 3.57 -2.97 -4.70
CA SER A 15 3.08 -4.32 -4.46
C SER A 15 1.59 -4.41 -4.75
N ALA A 16 0.97 -3.25 -4.98
CA ALA A 16 -0.47 -3.21 -5.26
C ALA A 16 -0.71 -2.87 -6.73
N LEU A 17 -0.10 -1.79 -7.20
CA LEU A 17 -0.26 -1.35 -8.58
C LEU A 17 -0.14 -2.53 -9.54
N PHE A 18 1.05 -3.11 -9.61
CA PHE A 18 1.29 -4.25 -10.49
C PHE A 18 0.07 -5.16 -10.55
N VAL A 19 -0.45 -5.53 -9.37
CA VAL A 19 -1.61 -6.40 -9.28
C VAL A 19 -2.77 -5.85 -10.09
N GLN A 20 -3.04 -4.55 -9.93
CA GLN A 20 -4.13 -3.90 -10.66
C GLN A 20 -3.79 -3.76 -12.13
N ASP A 21 -2.50 -3.63 -12.43
CA ASP A 21 -2.04 -3.48 -13.80
C ASP A 21 -2.26 -4.77 -14.59
N HIS A 22 -1.95 -5.90 -13.97
CA HIS A 22 -2.12 -7.20 -14.60
C HIS A 22 -3.28 -7.97 -13.97
N ARG A 23 -4.08 -7.29 -13.18
CA ARG A 23 -5.21 -7.91 -12.51
C ARG A 23 -6.15 -8.56 -13.53
N PRO A 24 -6.69 -7.74 -14.44
CA PRO A 24 -7.60 -8.22 -15.49
C PRO A 24 -6.90 -9.09 -16.52
N GLN A 25 -5.74 -8.63 -16.98
CA GLN A 25 -4.95 -9.37 -17.97
C GLN A 25 -4.92 -10.86 -17.64
N PHE A 26 -4.80 -11.17 -16.35
CA PHE A 26 -4.74 -12.55 -15.90
C PHE A 26 -6.06 -13.27 -16.20
N LEU A 27 -7.16 -12.67 -15.78
CA LEU A 27 -8.48 -13.25 -16.01
C LEU A 27 -8.77 -13.40 -17.49
N ILE A 28 -8.71 -12.30 -18.21
CA ILE A 28 -8.96 -12.31 -19.65
C ILE A 28 -8.41 -13.57 -20.30
N GLU A 29 -7.12 -13.83 -20.08
CA GLU A 29 -6.47 -15.01 -20.64
C GLU A 29 -6.94 -16.28 -19.95
N ASN A 30 -7.16 -16.18 -18.63
CA ASN A 30 -7.62 -17.31 -17.85
C ASN A 30 -8.98 -17.03 -17.23
N PRO A 31 -10.03 -17.19 -18.05
CA PRO A 31 -11.41 -16.96 -17.61
C PRO A 31 -11.89 -18.03 -16.63
N LYS A 32 -11.14 -19.13 -16.53
CA LYS A 32 -11.48 -20.21 -15.63
C LYS A 32 -10.81 -20.05 -14.28
N THR A 33 -10.77 -18.81 -13.79
CA THR A 33 -10.15 -18.50 -12.51
C THR A 33 -10.92 -17.43 -11.76
N SER A 34 -11.25 -17.70 -10.51
CA SER A 34 -12.00 -16.75 -9.68
C SER A 34 -11.17 -15.49 -9.46
N LEU A 35 -11.87 -14.38 -9.17
CA LEU A 35 -11.21 -13.11 -8.93
C LEU A 35 -10.05 -13.27 -7.95
N GLU A 36 -10.32 -13.91 -6.82
CA GLU A 36 -9.28 -14.13 -5.81
C GLU A 36 -8.13 -14.94 -6.38
N ASP A 37 -8.43 -16.15 -6.84
CA ASP A 37 -7.41 -17.02 -7.41
C ASP A 37 -6.48 -16.26 -8.35
N ALA A 38 -7.07 -15.65 -9.37
CA ALA A 38 -6.30 -14.87 -10.35
C ALA A 38 -5.27 -14.00 -9.64
N THR A 39 -5.72 -13.25 -8.63
CA THR A 39 -4.84 -12.37 -7.88
C THR A 39 -3.82 -13.16 -7.08
N LEU A 40 -4.27 -14.28 -6.52
CA LEU A 40 -3.39 -15.14 -5.72
C LEU A 40 -2.15 -15.54 -6.51
N GLN A 41 -2.30 -15.63 -7.83
CA GLN A 41 -1.19 -16.00 -8.69
C GLN A 41 -0.37 -14.78 -9.10
N ILE A 42 -1.03 -13.63 -9.16
CA ILE A 42 -0.37 -12.38 -9.52
C ILE A 42 0.52 -11.88 -8.40
N GLU A 43 0.09 -12.10 -7.16
CA GLU A 43 0.85 -11.68 -5.99
C GLU A 43 2.19 -12.42 -5.92
N GLU A 44 2.15 -13.73 -6.10
CA GLU A 44 3.35 -14.55 -6.05
C GLU A 44 4.21 -14.34 -7.30
N LEU A 45 3.57 -13.88 -8.37
CA LEU A 45 4.27 -13.64 -9.63
C LEU A 45 5.05 -12.33 -9.57
N TRP A 46 4.81 -11.55 -8.52
CA TRP A 46 5.50 -10.27 -8.35
C TRP A 46 6.70 -10.42 -7.43
N LYS A 47 6.65 -11.41 -6.55
CA LYS A 47 7.74 -11.66 -5.61
C LYS A 47 8.95 -12.24 -6.32
N THR A 48 8.70 -12.90 -7.45
CA THR A 48 9.77 -13.51 -8.24
C THR A 48 10.26 -12.57 -9.34
N LEU A 49 10.00 -11.27 -9.16
CA LEU A 49 10.41 -10.27 -10.13
C LEU A 49 11.81 -9.76 -9.84
N SER A 50 12.45 -9.19 -10.85
CA SER A 50 13.81 -8.67 -10.70
C SER A 50 13.78 -7.28 -10.08
N GLU A 51 14.83 -6.95 -9.32
CA GLU A 51 14.93 -5.65 -8.67
C GLU A 51 14.54 -4.53 -9.63
N GLU A 52 15.32 -4.38 -10.69
CA GLU A 52 15.05 -3.34 -11.68
C GLU A 52 13.58 -3.34 -12.10
N GLU A 53 13.04 -4.53 -12.31
CA GLU A 53 11.63 -4.67 -12.71
C GLU A 53 10.71 -3.96 -11.72
N LYS A 54 11.04 -4.06 -10.44
CA LYS A 54 10.26 -3.43 -9.39
C LYS A 54 10.51 -1.93 -9.34
N LEU A 55 11.79 -1.55 -9.31
CA LEU A 55 12.17 -0.15 -9.26
C LEU A 55 11.21 0.71 -10.09
N LYS A 56 11.04 0.33 -11.36
CA LYS A 56 10.14 1.05 -12.26
C LYS A 56 8.82 1.39 -11.56
N TYR A 57 8.20 0.38 -10.98
CA TYR A 57 6.92 0.55 -10.29
C TYR A 57 7.12 1.35 -9.00
N GLU A 58 8.17 1.02 -8.26
CA GLU A 58 8.47 1.71 -7.01
C GLU A 58 8.37 3.22 -7.18
N GLU A 59 9.19 3.76 -8.07
CA GLU A 59 9.19 5.20 -8.33
C GLU A 59 7.79 5.78 -8.23
N LYS A 60 6.86 5.17 -8.97
CA LYS A 60 5.47 5.62 -8.97
C LYS A 60 4.91 5.66 -7.56
N ALA A 61 5.13 4.59 -6.81
CA ALA A 61 4.64 4.49 -5.44
C ALA A 61 5.30 5.55 -4.55
N THR A 62 6.61 5.44 -4.38
CA THR A 62 7.37 6.38 -3.56
C THR A 62 7.00 7.81 -3.89
N LYS A 63 6.73 8.07 -5.17
CA LYS A 63 6.36 9.40 -5.63
C LYS A 63 5.15 9.93 -4.87
N ASP A 64 4.19 9.04 -4.61
CA ASP A 64 2.99 9.41 -3.89
C ASP A 64 3.23 9.44 -2.38
N LEU A 65 4.07 8.51 -1.91
CA LEU A 65 4.38 8.44 -0.49
C LEU A 65 4.65 9.82 0.09
N GLU A 66 5.38 10.64 -0.65
CA GLU A 66 5.69 12.00 -0.21
C GLU A 66 4.49 12.63 0.50
N ARG A 67 3.41 12.83 -0.25
CA ARG A 67 2.20 13.42 0.30
C ARG A 67 1.86 12.81 1.66
N TYR A 68 1.81 11.48 1.70
CA TYR A 68 1.49 10.76 2.93
C TYR A 68 2.38 11.23 4.07
N ASN A 69 3.67 11.35 3.80
CA ASN A 69 4.63 11.79 4.80
C ASN A 69 4.29 13.18 5.32
N SER A 70 3.90 14.07 4.41
CA SER A 70 3.53 15.43 4.78
C SER A 70 2.53 15.44 5.92
N GLN A 71 1.83 14.32 6.11
CA GLN A 71 0.83 14.20 7.16
C GLN A 71 1.47 13.72 8.45
N MET A 72 2.17 12.59 8.38
CA MET A 72 2.84 12.02 9.55
C MET A 72 3.53 13.12 10.37
N LYS A 73 4.06 14.11 9.68
CA LYS A 73 4.75 15.22 10.33
C LYS A 73 4.00 15.65 11.59
N ARG A 74 2.88 16.34 11.41
CA ARG A 74 2.07 16.80 12.54
C ARG A 74 1.66 15.64 13.42
N ALA A 75 1.64 14.44 12.85
CA ALA A 75 1.26 13.24 13.59
C ALA A 75 2.38 12.79 14.52
N ILE A 76 3.59 13.26 14.24
CA ILE A 76 4.75 12.90 15.07
C ILE A 76 4.54 13.31 16.51
N GLU A 77 3.68 14.30 16.73
CA GLU A 77 3.38 14.78 18.07
C GLU A 77 2.28 13.96 18.72
N GLN A 78 1.87 14.37 19.92
CA GLN A 78 0.82 13.67 20.64
C GLN A 78 -0.55 14.01 20.07
N GLU A 79 -0.68 13.89 18.75
CA GLU A 79 -1.95 14.18 18.08
C GLU A 79 -2.60 12.90 17.58
N SER A 80 -1.91 12.19 16.69
CA SER A 80 -2.43 10.94 16.14
C SER A 80 -2.98 10.05 17.24
N GLN A 81 -3.87 9.13 16.85
CA GLN A 81 -4.47 8.21 17.81
C GLN A 81 -3.56 7.02 18.06
N MET A 82 -2.32 7.29 18.45
CA MET A 82 -1.35 6.24 18.73
C MET A 82 -1.72 5.48 20.00
N SER A 83 -2.42 6.16 20.91
CA SER A 83 -2.83 5.55 22.17
C SER A 83 -1.69 4.75 22.78
N LEU A 84 -0.50 5.35 22.81
CA LEU A 84 0.67 4.68 23.38
C LEU A 84 1.53 5.67 24.15
N LYS A 85 1.53 5.53 25.47
CA LYS A 85 2.32 6.41 26.33
C LYS A 85 3.80 6.04 26.29
N ASP A 86 4.67 7.04 26.39
CA ASP A 86 6.10 6.81 26.37
C ASP A 86 6.82 7.72 27.37
N SER A 87 8.08 7.41 27.64
CA SER A 87 8.87 8.19 28.59
C SER A 87 10.26 8.46 28.03
N GLY A 88 10.99 9.35 28.71
CA GLY A 88 12.34 9.68 28.27
C GLY A 88 13.39 9.38 29.32
N PRO A 89 14.58 8.99 28.87
CA PRO A 89 15.69 8.66 29.76
C PRO A 89 16.26 9.88 30.46
N SER A 90 17.33 9.68 31.23
CA SER A 90 17.95 10.77 31.96
C SER A 90 19.47 10.63 31.95
N SER A 91 20.17 11.66 32.44
CA SER A 91 21.62 11.65 32.47
C SER A 91 22.14 12.47 33.65
N GLY A 92 23.43 12.30 33.95
CA GLY A 92 24.02 13.03 35.06
C GLY A 92 25.13 13.95 34.62
N GLY A 1 -9.87 -9.13 2.22
CA GLY A 1 -10.59 -8.91 3.47
C GLY A 1 -10.12 -7.66 4.18
N SER A 2 -11.04 -7.01 4.90
CA SER A 2 -10.72 -5.79 5.64
C SER A 2 -10.70 -6.05 7.13
N SER A 3 -9.81 -5.35 7.84
CA SER A 3 -9.69 -5.51 9.29
C SER A 3 -10.18 -4.25 10.00
N GLY A 4 -11.38 -4.34 10.57
CA GLY A 4 -11.94 -3.20 11.29
C GLY A 4 -12.05 -1.96 10.42
N SER A 5 -12.00 -0.79 11.05
CA SER A 5 -12.09 0.47 10.33
C SER A 5 -11.48 1.61 11.15
N SER A 6 -10.34 2.11 10.70
CA SER A 6 -9.66 3.20 11.39
C SER A 6 -9.91 4.53 10.69
N GLY A 7 -9.40 4.66 9.48
CA GLY A 7 -9.57 5.89 8.72
C GLY A 7 -8.49 6.09 7.68
N ILE A 8 -7.51 6.92 8.01
CA ILE A 8 -6.41 7.19 7.09
C ILE A 8 -5.83 5.91 6.52
N LYS A 9 -6.26 5.56 5.31
CA LYS A 9 -5.77 4.34 4.66
C LYS A 9 -4.48 4.61 3.91
N LYS A 10 -3.54 3.67 4.00
CA LYS A 10 -2.25 3.80 3.33
C LYS A 10 -2.41 3.70 1.82
N PRO A 11 -1.54 4.40 1.07
CA PRO A 11 -1.56 4.39 -0.40
C PRO A 11 -1.13 3.05 -0.98
N MET A 12 -1.65 2.73 -2.15
CA MET A 12 -1.31 1.48 -2.82
C MET A 12 0.15 1.46 -3.23
N SER A 13 0.93 0.59 -2.60
CA SER A 13 2.36 0.47 -2.91
C SER A 13 2.57 -0.29 -4.20
N ALA A 14 3.81 -0.27 -4.70
CA ALA A 14 4.15 -0.97 -5.93
C ALA A 14 3.49 -2.33 -5.99
N SER A 15 3.48 -3.03 -4.86
CA SER A 15 2.88 -4.36 -4.78
C SER A 15 1.46 -4.36 -5.35
N ALA A 16 0.61 -3.51 -4.78
CA ALA A 16 -0.77 -3.40 -5.23
C ALA A 16 -0.84 -2.93 -6.67
N LEU A 17 -0.11 -1.87 -6.99
CA LEU A 17 -0.09 -1.31 -8.34
C LEU A 17 0.07 -2.42 -9.38
N PHE A 18 1.15 -3.20 -9.25
CA PHE A 18 1.41 -4.29 -10.17
C PHE A 18 0.19 -5.20 -10.31
N VAL A 19 -0.39 -5.56 -9.17
CA VAL A 19 -1.58 -6.42 -9.17
C VAL A 19 -2.71 -5.81 -9.98
N GLN A 20 -2.98 -4.54 -9.73
CA GLN A 20 -4.05 -3.83 -10.43
C GLN A 20 -3.73 -3.72 -11.92
N ASP A 21 -2.45 -3.77 -12.25
CA ASP A 21 -2.01 -3.67 -13.65
C ASP A 21 -2.28 -4.97 -14.39
N HIS A 22 -1.99 -6.09 -13.75
CA HIS A 22 -2.20 -7.41 -14.35
C HIS A 22 -3.43 -8.09 -13.76
N ARG A 23 -4.17 -7.35 -12.93
CA ARG A 23 -5.36 -7.89 -12.30
C ARG A 23 -6.39 -8.32 -13.34
N PRO A 24 -6.83 -7.37 -14.18
CA PRO A 24 -7.81 -7.63 -15.23
C PRO A 24 -7.23 -8.48 -16.36
N GLN A 25 -6.00 -8.17 -16.76
CA GLN A 25 -5.35 -8.91 -17.83
C GLN A 25 -5.33 -10.40 -17.53
N PHE A 26 -4.89 -10.77 -16.33
CA PHE A 26 -4.82 -12.16 -15.92
C PHE A 26 -6.11 -12.90 -16.30
N LEU A 27 -7.25 -12.25 -16.06
CA LEU A 27 -8.54 -12.85 -16.38
C LEU A 27 -8.71 -13.01 -17.89
N ILE A 28 -8.64 -11.90 -18.61
CA ILE A 28 -8.77 -11.92 -20.07
C ILE A 28 -8.13 -13.17 -20.66
N GLU A 29 -6.84 -13.34 -20.39
CA GLU A 29 -6.10 -14.49 -20.90
C GLU A 29 -6.52 -15.77 -20.19
N ASN A 30 -6.80 -15.65 -18.90
CA ASN A 30 -7.21 -16.80 -18.10
C ASN A 30 -8.66 -16.64 -17.62
N PRO A 31 -9.61 -16.95 -18.51
CA PRO A 31 -11.04 -16.85 -18.20
C PRO A 31 -11.50 -17.90 -17.19
N LYS A 32 -10.84 -19.06 -17.22
CA LYS A 32 -11.17 -20.14 -16.31
C LYS A 32 -10.52 -19.94 -14.95
N THR A 33 -10.55 -18.70 -14.47
CA THR A 33 -9.97 -18.37 -13.17
C THR A 33 -10.83 -17.35 -12.43
N SER A 34 -10.94 -17.53 -11.12
CA SER A 34 -11.74 -16.63 -10.29
C SER A 34 -10.92 -15.39 -9.90
N LEU A 35 -11.60 -14.38 -9.38
CA LEU A 35 -10.95 -13.14 -8.97
C LEU A 35 -9.75 -13.43 -8.08
N GLU A 36 -10.00 -14.13 -6.97
CA GLU A 36 -8.94 -14.48 -6.04
C GLU A 36 -7.81 -15.24 -6.74
N ASP A 37 -8.09 -16.47 -7.14
CA ASP A 37 -7.10 -17.30 -7.82
C ASP A 37 -6.24 -16.45 -8.74
N ALA A 38 -6.88 -15.65 -9.58
CA ALA A 38 -6.17 -14.78 -10.51
C ALA A 38 -5.12 -13.94 -9.79
N THR A 39 -5.49 -13.39 -8.65
CA THR A 39 -4.58 -12.56 -7.86
C THR A 39 -3.57 -13.41 -7.10
N LEU A 40 -4.08 -14.36 -6.32
CA LEU A 40 -3.22 -15.25 -5.54
C LEU A 40 -1.94 -15.56 -6.30
N GLN A 41 -2.05 -15.71 -7.62
CA GLN A 41 -0.89 -16.01 -8.45
C GLN A 41 -0.07 -14.75 -8.72
N ILE A 42 -0.77 -13.66 -9.05
CA ILE A 42 -0.11 -12.39 -9.34
C ILE A 42 0.76 -11.96 -8.16
N GLU A 43 0.24 -12.12 -6.95
CA GLU A 43 0.96 -11.75 -5.73
C GLU A 43 2.31 -12.46 -5.66
N GLU A 44 2.27 -13.79 -5.74
CA GLU A 44 3.48 -14.60 -5.68
C GLU A 44 4.40 -14.28 -6.86
N LEU A 45 3.82 -13.78 -7.94
CA LEU A 45 4.59 -13.44 -9.13
C LEU A 45 5.34 -12.12 -8.93
N TRP A 46 4.73 -11.20 -8.19
CA TRP A 46 5.34 -9.91 -7.93
C TRP A 46 6.46 -10.04 -6.90
N LYS A 47 6.36 -11.05 -6.05
CA LYS A 47 7.36 -11.29 -5.02
C LYS A 47 8.56 -12.05 -5.57
N THR A 48 8.50 -12.37 -6.87
CA THR A 48 9.57 -13.09 -7.53
C THR A 48 9.96 -12.43 -8.84
N LEU A 49 9.50 -11.20 -9.04
CA LEU A 49 9.80 -10.46 -10.26
C LEU A 49 11.28 -10.09 -10.33
N SER A 50 11.66 -9.37 -11.39
CA SER A 50 13.05 -8.96 -11.56
C SER A 50 13.34 -7.70 -10.76
N GLU A 51 14.63 -7.43 -10.53
CA GLU A 51 15.05 -6.27 -9.78
C GLU A 51 14.44 -4.99 -10.37
N GLU A 52 14.91 -4.63 -11.56
CA GLU A 52 14.41 -3.43 -12.23
C GLU A 52 12.89 -3.40 -12.26
N GLU A 53 12.29 -4.50 -12.71
CA GLU A 53 10.84 -4.60 -12.79
C GLU A 53 10.19 -3.97 -11.56
N LYS A 54 10.72 -4.28 -10.38
CA LYS A 54 10.18 -3.74 -9.13
C LYS A 54 10.47 -2.25 -9.02
N LEU A 55 11.70 -1.86 -9.36
CA LEU A 55 12.10 -0.46 -9.30
C LEU A 55 11.20 0.40 -10.17
N LYS A 56 11.19 0.13 -11.47
CA LYS A 56 10.38 0.88 -12.41
C LYS A 56 9.03 1.24 -11.79
N TYR A 57 8.51 0.34 -10.95
CA TYR A 57 7.23 0.56 -10.29
C TYR A 57 7.41 1.34 -8.98
N GLU A 58 8.48 0.99 -8.25
CA GLU A 58 8.77 1.65 -6.99
C GLU A 58 8.71 3.18 -7.13
N GLU A 59 9.44 3.70 -8.10
CA GLU A 59 9.47 5.14 -8.34
C GLU A 59 8.05 5.69 -8.46
N LYS A 60 7.17 4.91 -9.07
CA LYS A 60 5.77 5.32 -9.25
C LYS A 60 5.05 5.37 -7.91
N ALA A 61 5.50 4.56 -6.96
CA ALA A 61 4.89 4.52 -5.64
C ALA A 61 5.44 5.63 -4.74
N THR A 62 6.76 5.64 -4.57
CA THR A 62 7.41 6.65 -3.75
C THR A 62 7.05 8.06 -4.20
N LYS A 63 6.59 8.18 -5.43
CA LYS A 63 6.21 9.47 -5.99
C LYS A 63 4.92 9.97 -5.35
N ASP A 64 4.10 9.04 -4.86
CA ASP A 64 2.84 9.40 -4.22
C ASP A 64 2.88 9.09 -2.73
N LEU A 65 3.87 8.30 -2.32
CA LEU A 65 4.03 7.94 -0.92
C LEU A 65 4.18 9.17 -0.05
N GLU A 66 5.00 10.12 -0.50
CA GLU A 66 5.23 11.35 0.23
C GLU A 66 3.92 11.93 0.76
N ARG A 67 2.84 11.75 -0.01
CA ARG A 67 1.53 12.24 0.36
C ARG A 67 1.09 11.67 1.71
N TYR A 68 1.08 10.35 1.80
CA TYR A 68 0.68 9.68 3.03
C TYR A 68 1.49 10.18 4.23
N ASN A 69 2.81 10.11 4.10
CA ASN A 69 3.70 10.57 5.16
C ASN A 69 3.30 11.95 5.66
N SER A 70 2.86 12.81 4.74
CA SER A 70 2.45 14.16 5.07
C SER A 70 1.11 14.14 5.81
N GLN A 71 0.16 13.37 5.29
CA GLN A 71 -1.16 13.28 5.90
C GLN A 71 -1.09 12.63 7.28
N MET A 72 0.08 12.07 7.60
CA MET A 72 0.29 11.41 8.89
C MET A 72 0.91 12.38 9.89
N LYS A 73 1.84 13.21 9.42
CA LYS A 73 2.51 14.18 10.28
C LYS A 73 1.49 14.97 11.10
N ARG A 74 0.56 15.62 10.42
CA ARG A 74 -0.47 16.41 11.09
C ARG A 74 -1.37 15.51 11.94
N ALA A 75 -1.40 14.22 11.61
CA ALA A 75 -2.23 13.27 12.33
C ALA A 75 -1.58 12.90 13.67
N ILE A 76 -0.26 13.06 13.75
CA ILE A 76 0.47 12.74 14.97
C ILE A 76 -0.02 13.60 16.14
N GLU A 77 -0.74 14.66 15.82
CA GLU A 77 -1.27 15.55 16.86
C GLU A 77 -2.71 15.19 17.20
N GLN A 78 -2.95 13.91 17.48
CA GLN A 78 -4.27 13.44 17.83
C GLN A 78 -5.33 14.03 16.90
N GLU A 79 -4.92 14.33 15.67
CA GLU A 79 -5.82 14.91 14.68
C GLU A 79 -6.49 13.81 13.86
N SER A 80 -6.45 12.58 14.37
CA SER A 80 -7.05 11.44 13.67
C SER A 80 -7.98 10.67 14.61
N GLN A 81 -8.66 9.67 14.06
CA GLN A 81 -9.58 8.86 14.85
C GLN A 81 -8.86 8.21 16.02
N MET A 82 -9.61 7.95 17.09
CA MET A 82 -9.04 7.33 18.29
C MET A 82 -8.22 6.10 17.92
N SER A 83 -6.90 6.26 17.87
CA SER A 83 -6.01 5.16 17.53
C SER A 83 -6.20 3.99 18.47
N LEU A 84 -6.22 4.27 19.76
CA LEU A 84 -6.40 3.23 20.78
C LEU A 84 -5.40 2.10 20.58
N LYS A 85 -4.27 2.42 19.95
CA LYS A 85 -3.23 1.42 19.70
C LYS A 85 -1.86 1.95 20.11
N ASP A 86 -1.06 1.09 20.73
CA ASP A 86 0.28 1.47 21.17
C ASP A 86 1.27 1.43 20.01
N SER A 87 2.19 2.40 20.00
CA SER A 87 3.19 2.47 18.94
C SER A 87 4.47 1.77 19.35
N GLY A 88 5.13 2.29 20.38
CA GLY A 88 6.36 1.70 20.86
C GLY A 88 7.55 2.05 19.99
N PRO A 89 8.14 3.23 20.23
CA PRO A 89 9.29 3.71 19.47
C PRO A 89 10.55 2.92 19.77
N SER A 90 11.55 3.03 18.89
CA SER A 90 12.81 2.32 19.06
C SER A 90 13.95 3.05 18.35
N SER A 91 15.18 2.77 18.78
CA SER A 91 16.34 3.40 18.18
C SER A 91 16.21 4.92 18.19
N GLY A 92 15.70 5.46 19.29
CA GLY A 92 15.52 6.90 19.41
C GLY A 92 14.06 7.30 19.48
N GLY A 1 -0.51 -2.65 18.82
CA GLY A 1 -1.81 -2.64 19.45
C GLY A 1 -2.94 -2.59 18.44
N SER A 2 -2.93 -3.51 17.48
CA SER A 2 -3.95 -3.56 16.44
C SER A 2 -5.33 -3.29 17.03
N SER A 3 -6.09 -2.42 16.38
CA SER A 3 -7.42 -2.06 16.84
C SER A 3 -8.45 -2.22 15.71
N GLY A 4 -9.73 -2.19 16.07
CA GLY A 4 -10.77 -2.32 15.08
C GLY A 4 -10.64 -1.32 13.95
N SER A 5 -11.38 -0.21 14.05
CA SER A 5 -11.34 0.83 13.03
C SER A 5 -9.93 1.01 12.49
N SER A 6 -9.73 0.61 11.24
CA SER A 6 -8.42 0.72 10.60
C SER A 6 -7.89 2.14 10.70
N GLY A 7 -6.61 2.26 11.05
CA GLY A 7 -6.00 3.58 11.17
C GLY A 7 -5.99 4.35 9.87
N ILE A 8 -4.99 5.19 9.69
CA ILE A 8 -4.87 5.99 8.47
C ILE A 8 -4.58 5.11 7.27
N LYS A 9 -5.45 5.19 6.26
CA LYS A 9 -5.28 4.39 5.04
C LYS A 9 -3.90 4.61 4.44
N LYS A 10 -3.24 3.51 4.08
CA LYS A 10 -1.92 3.58 3.48
C LYS A 10 -2.00 3.62 1.96
N PRO A 11 -0.99 4.24 1.33
CA PRO A 11 -0.92 4.35 -0.13
C PRO A 11 -0.66 3.01 -0.81
N MET A 12 -1.07 2.90 -2.07
CA MET A 12 -0.89 1.68 -2.84
C MET A 12 0.58 1.48 -3.19
N SER A 13 1.27 0.62 -2.44
CA SER A 13 2.67 0.35 -2.67
C SER A 13 2.89 -0.28 -4.04
N ALA A 14 4.09 -0.11 -4.59
CA ALA A 14 4.42 -0.66 -5.90
C ALA A 14 3.80 -2.05 -6.08
N SER A 15 3.63 -2.77 -4.98
CA SER A 15 3.06 -4.10 -5.03
C SER A 15 1.60 -4.05 -5.52
N ALA A 16 0.73 -3.46 -4.71
CA ALA A 16 -0.67 -3.35 -5.07
C ALA A 16 -0.84 -2.88 -6.51
N LEU A 17 -0.14 -1.80 -6.85
CA LEU A 17 -0.22 -1.26 -8.20
C LEU A 17 0.00 -2.34 -9.25
N PHE A 18 1.12 -3.04 -9.14
CA PHE A 18 1.45 -4.11 -10.08
C PHE A 18 0.29 -5.10 -10.20
N VAL A 19 -0.32 -5.43 -9.06
CA VAL A 19 -1.44 -6.36 -9.04
C VAL A 19 -2.62 -5.83 -9.85
N GLN A 20 -2.99 -4.59 -9.59
CA GLN A 20 -4.11 -3.97 -10.29
C GLN A 20 -3.76 -3.74 -11.76
N ASP A 21 -2.47 -3.81 -12.08
CA ASP A 21 -2.01 -3.62 -13.45
C ASP A 21 -2.31 -4.85 -14.30
N HIS A 22 -2.08 -6.03 -13.73
CA HIS A 22 -2.31 -7.28 -14.44
C HIS A 22 -3.51 -8.02 -13.84
N ARG A 23 -4.21 -7.36 -12.92
CA ARG A 23 -5.37 -7.96 -12.28
C ARG A 23 -6.37 -8.46 -13.31
N PRO A 24 -6.86 -7.53 -14.16
CA PRO A 24 -7.83 -7.86 -15.21
C PRO A 24 -7.21 -8.70 -16.32
N GLN A 25 -6.04 -8.29 -16.79
CA GLN A 25 -5.34 -9.01 -17.86
C GLN A 25 -5.27 -10.50 -17.55
N PHE A 26 -4.79 -10.83 -16.36
CA PHE A 26 -4.67 -12.22 -15.94
C PHE A 26 -5.94 -13.00 -16.27
N LEU A 27 -7.07 -12.53 -15.75
CA LEU A 27 -8.35 -13.18 -15.99
C LEU A 27 -8.54 -13.49 -17.46
N ILE A 28 -8.47 -12.47 -18.29
CA ILE A 28 -8.62 -12.64 -19.74
C ILE A 28 -7.77 -13.79 -20.25
N GLU A 29 -6.46 -13.66 -20.10
CA GLU A 29 -5.53 -14.70 -20.54
C GLU A 29 -5.92 -16.06 -19.96
N ASN A 30 -6.35 -16.06 -18.71
CA ASN A 30 -6.76 -17.29 -18.04
C ASN A 30 -8.22 -17.23 -17.62
N PRO A 31 -9.11 -17.51 -18.57
CA PRO A 31 -10.56 -17.50 -18.33
C PRO A 31 -11.01 -18.66 -17.45
N LYS A 32 -10.05 -19.46 -17.01
CA LYS A 32 -10.35 -20.60 -16.15
C LYS A 32 -9.90 -20.33 -14.72
N THR A 33 -10.10 -19.10 -14.26
CA THR A 33 -9.73 -18.71 -12.90
C THR A 33 -10.64 -17.63 -12.36
N SER A 34 -10.90 -17.67 -11.06
CA SER A 34 -11.77 -16.70 -10.42
C SER A 34 -11.00 -15.42 -10.08
N LEU A 35 -11.73 -14.39 -9.65
CA LEU A 35 -11.11 -13.12 -9.30
C LEU A 35 -9.99 -13.32 -8.28
N GLU A 36 -10.33 -13.93 -7.15
CA GLU A 36 -9.35 -14.18 -6.10
C GLU A 36 -8.18 -15.00 -6.63
N ASP A 37 -8.45 -16.24 -7.01
CA ASP A 37 -7.42 -17.13 -7.54
C ASP A 37 -6.50 -16.38 -8.48
N ALA A 38 -7.07 -15.68 -9.45
CA ALA A 38 -6.30 -14.91 -10.41
C ALA A 38 -5.23 -14.07 -9.71
N THR A 39 -5.64 -13.35 -8.67
CA THR A 39 -4.72 -12.51 -7.93
C THR A 39 -3.67 -13.35 -7.19
N LEU A 40 -4.14 -14.29 -6.39
CA LEU A 40 -3.24 -15.16 -5.63
C LEU A 40 -1.99 -15.49 -6.44
N GLN A 41 -2.16 -15.63 -7.75
CA GLN A 41 -1.04 -15.94 -8.64
C GLN A 41 -0.24 -14.69 -8.97
N ILE A 42 -0.94 -13.60 -9.24
CA ILE A 42 -0.29 -12.33 -9.56
C ILE A 42 0.62 -11.87 -8.43
N GLU A 43 0.10 -11.93 -7.20
CA GLU A 43 0.88 -11.52 -6.04
C GLU A 43 2.22 -12.24 -5.99
N GLU A 44 2.17 -13.56 -5.83
CA GLU A 44 3.39 -14.37 -5.77
C GLU A 44 4.29 -14.10 -6.98
N LEU A 45 3.66 -13.81 -8.11
CA LEU A 45 4.40 -13.52 -9.34
C LEU A 45 5.18 -12.23 -9.21
N TRP A 46 4.69 -11.32 -8.38
CA TRP A 46 5.34 -10.03 -8.17
C TRP A 46 6.59 -10.18 -7.30
N LYS A 47 6.60 -11.22 -6.47
CA LYS A 47 7.73 -11.49 -5.59
C LYS A 47 8.86 -12.17 -6.35
N THR A 48 8.52 -12.87 -7.43
CA THR A 48 9.51 -13.56 -8.23
C THR A 48 9.89 -12.74 -9.46
N LEU A 49 9.52 -11.46 -9.44
CA LEU A 49 9.82 -10.56 -10.56
C LEU A 49 11.30 -10.18 -10.56
N SER A 50 11.69 -9.33 -11.51
CA SER A 50 13.07 -8.89 -11.62
C SER A 50 13.28 -7.57 -10.85
N GLU A 51 14.47 -7.42 -10.28
CA GLU A 51 14.80 -6.24 -9.51
C GLU A 51 14.31 -4.98 -10.23
N GLU A 52 14.81 -4.77 -11.45
CA GLU A 52 14.43 -3.61 -12.23
C GLU A 52 12.91 -3.51 -12.36
N GLU A 53 12.30 -4.60 -12.81
CA GLU A 53 10.84 -4.65 -12.97
C GLU A 53 10.13 -4.05 -11.76
N LYS A 54 10.71 -4.26 -10.58
CA LYS A 54 10.13 -3.74 -9.34
C LYS A 54 10.48 -2.27 -9.17
N LEU A 55 11.75 -1.93 -9.36
CA LEU A 55 12.20 -0.55 -9.22
C LEU A 55 11.30 0.40 -10.01
N LYS A 56 11.32 0.25 -11.33
CA LYS A 56 10.50 1.09 -12.20
C LYS A 56 9.17 1.44 -11.54
N TYR A 57 8.52 0.43 -10.95
CA TYR A 57 7.25 0.63 -10.29
C TYR A 57 7.42 1.41 -8.99
N GLU A 58 8.31 0.92 -8.13
CA GLU A 58 8.58 1.57 -6.86
C GLU A 58 8.69 3.08 -7.03
N GLU A 59 9.44 3.51 -8.04
CA GLU A 59 9.63 4.92 -8.31
C GLU A 59 8.29 5.64 -8.42
N LYS A 60 7.31 4.95 -8.99
CA LYS A 60 5.97 5.52 -9.17
C LYS A 60 5.24 5.60 -7.83
N ALA A 61 5.48 4.63 -6.96
CA ALA A 61 4.86 4.59 -5.65
C ALA A 61 5.50 5.58 -4.71
N THR A 62 6.80 5.39 -4.45
CA THR A 62 7.54 6.28 -3.56
C THR A 62 7.12 7.73 -3.74
N LYS A 63 7.13 8.19 -4.99
CA LYS A 63 6.76 9.55 -5.30
C LYS A 63 5.38 9.90 -4.72
N ASP A 64 4.48 8.92 -4.74
CA ASP A 64 3.13 9.11 -4.22
C ASP A 64 3.16 9.17 -2.69
N LEU A 65 4.08 8.44 -2.08
CA LEU A 65 4.21 8.41 -0.63
C LEU A 65 3.91 9.79 -0.04
N GLU A 66 4.26 10.84 -0.78
CA GLU A 66 4.03 12.20 -0.32
C GLU A 66 2.64 12.34 0.28
N ARG A 67 1.63 11.86 -0.44
CA ARG A 67 0.25 11.94 0.03
C ARG A 67 0.12 11.36 1.44
N TYR A 68 0.86 10.28 1.69
CA TYR A 68 0.82 9.63 3.00
C TYR A 68 1.57 10.44 4.04
N ASN A 69 2.84 10.72 3.77
CA ASN A 69 3.68 11.50 4.67
C ASN A 69 2.93 12.72 5.20
N SER A 70 2.46 13.55 4.27
CA SER A 70 1.73 14.75 4.64
C SER A 70 0.63 14.44 5.65
N GLN A 71 -0.24 13.50 5.31
CA GLN A 71 -1.33 13.10 6.19
C GLN A 71 -0.80 12.74 7.58
N MET A 72 0.37 12.11 7.62
CA MET A 72 0.97 11.71 8.89
C MET A 72 1.63 12.90 9.57
N LYS A 73 1.90 13.95 8.79
CA LYS A 73 2.52 15.16 9.33
C LYS A 73 1.64 15.80 10.38
N ARG A 74 0.34 15.74 10.18
CA ARG A 74 -0.61 16.33 11.13
C ARG A 74 -1.15 15.27 12.08
N ALA A 75 -1.11 14.01 11.65
CA ALA A 75 -1.59 12.91 12.47
C ALA A 75 -0.61 12.58 13.58
N ILE A 76 0.65 12.34 13.21
CA ILE A 76 1.69 12.03 14.19
C ILE A 76 1.46 12.78 15.49
N GLU A 77 1.01 14.02 15.39
CA GLU A 77 0.77 14.85 16.56
C GLU A 77 -0.35 14.25 17.42
N GLN A 78 -0.68 14.92 18.52
CA GLN A 78 -1.73 14.46 19.41
C GLN A 78 -2.93 13.97 18.63
N GLU A 79 -3.22 14.63 17.51
CA GLU A 79 -4.36 14.26 16.68
C GLU A 79 -4.51 12.75 16.61
N SER A 80 -3.43 12.05 16.28
CA SER A 80 -3.45 10.60 16.19
C SER A 80 -4.09 9.98 17.43
N GLN A 81 -3.58 10.35 18.60
CA GLN A 81 -4.10 9.83 19.86
C GLN A 81 -3.65 10.69 21.04
N MET A 82 -4.61 11.19 21.81
CA MET A 82 -4.31 12.03 22.96
C MET A 82 -3.47 11.27 23.98
N SER A 83 -2.68 12.01 24.75
CA SER A 83 -1.82 11.40 25.76
C SER A 83 -2.06 12.04 27.13
N LEU A 84 -2.07 13.37 27.17
CA LEU A 84 -2.28 14.10 28.40
C LEU A 84 -1.32 13.63 29.49
N LYS A 85 -0.06 13.45 29.11
CA LYS A 85 0.97 13.00 30.05
C LYS A 85 1.93 14.14 30.38
N ASP A 86 2.57 14.04 31.54
CA ASP A 86 3.52 15.07 31.97
C ASP A 86 4.57 15.31 30.91
N SER A 87 4.42 16.40 30.15
CA SER A 87 5.36 16.75 29.10
C SER A 87 5.04 18.12 28.51
N GLY A 88 6.07 18.83 28.07
CA GLY A 88 5.88 20.14 27.49
C GLY A 88 6.50 21.24 28.32
N PRO A 89 7.81 21.46 28.13
CA PRO A 89 8.56 22.49 28.86
C PRO A 89 8.16 23.90 28.44
N SER A 90 7.39 24.00 27.36
CA SER A 90 6.95 25.29 26.85
C SER A 90 5.43 25.33 26.75
N SER A 91 4.82 26.31 27.41
CA SER A 91 3.37 26.47 27.40
C SER A 91 2.97 27.91 27.66
N GLY A 92 1.66 28.17 27.64
CA GLY A 92 1.17 29.52 27.88
C GLY A 92 0.56 30.14 26.64
N GLY A 1 -7.73 -5.03 11.15
CA GLY A 1 -8.15 -3.79 11.79
C GLY A 1 -9.64 -3.73 12.03
N SER A 2 -10.39 -3.35 11.00
CA SER A 2 -11.85 -3.26 11.11
C SER A 2 -12.49 -3.16 9.73
N SER A 3 -13.82 -3.23 9.69
CA SER A 3 -14.56 -3.15 8.44
C SER A 3 -14.93 -1.71 8.12
N GLY A 4 -13.93 -0.84 8.06
CA GLY A 4 -14.17 0.56 7.76
C GLY A 4 -12.90 1.31 7.43
N SER A 5 -13.04 2.47 6.80
CA SER A 5 -11.89 3.28 6.43
C SER A 5 -11.49 4.21 7.57
N SER A 6 -10.40 3.85 8.25
CA SER A 6 -9.91 4.64 9.38
C SER A 6 -10.11 6.13 9.11
N GLY A 7 -9.63 6.60 7.98
CA GLY A 7 -9.77 8.01 7.63
C GLY A 7 -8.82 8.43 6.54
N ILE A 8 -7.55 8.06 6.67
CA ILE A 8 -6.54 8.41 5.69
C ILE A 8 -6.39 7.31 4.64
N LYS A 9 -6.58 7.68 3.38
CA LYS A 9 -6.46 6.74 2.28
C LYS A 9 -5.01 6.52 1.89
N LYS A 10 -4.33 5.64 2.61
CA LYS A 10 -2.93 5.34 2.35
C LYS A 10 -2.70 5.08 0.85
N PRO A 11 -1.55 5.52 0.34
CA PRO A 11 -1.18 5.35 -1.06
C PRO A 11 -0.89 3.89 -1.41
N MET A 12 -1.48 3.43 -2.51
CA MET A 12 -1.29 2.05 -2.95
C MET A 12 0.17 1.79 -3.28
N SER A 13 0.82 0.98 -2.46
CA SER A 13 2.23 0.64 -2.66
C SER A 13 2.47 0.13 -4.07
N ALA A 14 3.73 -0.17 -4.38
CA ALA A 14 4.09 -0.67 -5.70
C ALA A 14 3.59 -2.10 -5.90
N SER A 15 3.10 -2.71 -4.83
CA SER A 15 2.60 -4.08 -4.88
C SER A 15 1.19 -4.12 -5.46
N ALA A 16 0.51 -2.98 -5.43
CA ALA A 16 -0.85 -2.89 -5.95
C ALA A 16 -0.83 -2.51 -7.43
N LEU A 17 0.10 -1.65 -7.80
CA LEU A 17 0.22 -1.20 -9.19
C LEU A 17 0.40 -2.39 -10.13
N PHE A 18 1.46 -3.16 -9.91
CA PHE A 18 1.73 -4.32 -10.75
C PHE A 18 0.51 -5.24 -10.84
N VAL A 19 -0.19 -5.37 -9.73
CA VAL A 19 -1.39 -6.21 -9.69
C VAL A 19 -2.50 -5.64 -10.57
N GLN A 20 -2.85 -4.38 -10.32
CA GLN A 20 -3.89 -3.72 -11.10
C GLN A 20 -3.54 -3.70 -12.58
N ASP A 21 -2.28 -4.00 -12.89
CA ASP A 21 -1.81 -4.02 -14.27
C ASP A 21 -2.14 -5.36 -14.94
N HIS A 22 -1.72 -6.45 -14.30
CA HIS A 22 -1.98 -7.78 -14.83
C HIS A 22 -3.15 -8.44 -14.12
N ARG A 23 -3.87 -7.66 -13.32
CA ARG A 23 -5.02 -8.16 -12.58
C ARG A 23 -6.13 -8.62 -13.54
N PRO A 24 -6.62 -7.68 -14.36
CA PRO A 24 -7.68 -7.96 -15.33
C PRO A 24 -7.20 -8.84 -16.48
N GLN A 25 -5.99 -8.57 -16.95
CA GLN A 25 -5.42 -9.34 -18.05
C GLN A 25 -5.52 -10.84 -17.78
N PHE A 26 -5.11 -11.24 -16.58
CA PHE A 26 -5.16 -12.65 -16.20
C PHE A 26 -6.54 -13.24 -16.46
N LEU A 27 -7.57 -12.57 -15.96
CA LEU A 27 -8.95 -13.02 -16.14
C LEU A 27 -9.31 -13.08 -17.63
N ILE A 28 -9.06 -11.98 -18.33
CA ILE A 28 -9.36 -11.90 -19.76
C ILE A 28 -9.06 -13.22 -20.46
N GLU A 29 -7.79 -13.63 -20.41
CA GLU A 29 -7.37 -14.88 -21.03
C GLU A 29 -7.89 -16.09 -20.24
N ASN A 30 -7.75 -16.03 -18.93
CA ASN A 30 -8.21 -17.11 -18.06
C ASN A 30 -9.40 -16.68 -17.23
N PRO A 31 -10.60 -16.71 -17.85
CA PRO A 31 -11.85 -16.33 -17.18
C PRO A 31 -12.26 -17.33 -16.11
N LYS A 32 -12.01 -18.61 -16.36
CA LYS A 32 -12.35 -19.67 -15.43
C LYS A 32 -11.82 -19.35 -14.03
N THR A 33 -10.59 -18.85 -13.98
CA THR A 33 -9.96 -18.51 -12.70
C THR A 33 -10.78 -17.47 -11.95
N SER A 34 -10.93 -17.66 -10.65
CA SER A 34 -11.70 -16.75 -9.82
C SER A 34 -10.93 -15.45 -9.59
N LEU A 35 -11.54 -14.52 -8.86
CA LEU A 35 -10.91 -13.24 -8.56
C LEU A 35 -9.68 -13.43 -7.68
N GLU A 36 -9.89 -13.95 -6.47
CA GLU A 36 -8.80 -14.18 -5.53
C GLU A 36 -7.76 -15.12 -6.13
N ASP A 37 -8.24 -16.19 -6.77
CA ASP A 37 -7.35 -17.17 -7.39
C ASP A 37 -6.43 -16.50 -8.40
N ALA A 38 -6.98 -15.57 -9.18
CA ALA A 38 -6.20 -14.86 -10.18
C ALA A 38 -5.06 -14.08 -9.55
N THR A 39 -5.41 -13.23 -8.57
CA THR A 39 -4.41 -12.42 -7.88
C THR A 39 -3.40 -13.29 -7.16
N LEU A 40 -3.90 -14.23 -6.36
CA LEU A 40 -3.05 -15.13 -5.60
C LEU A 40 -1.78 -15.47 -6.38
N GLN A 41 -1.91 -15.55 -7.70
CA GLN A 41 -0.78 -15.86 -8.56
C GLN A 41 0.00 -14.60 -8.91
N ILE A 42 -0.71 -13.54 -9.27
CA ILE A 42 -0.08 -12.28 -9.62
C ILE A 42 0.79 -11.76 -8.48
N GLU A 43 0.21 -11.71 -7.29
CA GLU A 43 0.94 -11.23 -6.11
C GLU A 43 2.26 -11.98 -5.95
N GLU A 44 2.17 -13.30 -5.81
CA GLU A 44 3.36 -14.12 -5.64
C GLU A 44 4.32 -13.94 -6.81
N LEU A 45 3.77 -13.53 -7.95
CA LEU A 45 4.58 -13.33 -9.16
C LEU A 45 5.36 -12.02 -9.06
N TRP A 46 4.83 -11.07 -8.31
CA TRP A 46 5.48 -9.77 -8.14
C TRP A 46 6.57 -9.85 -7.08
N LYS A 47 6.39 -10.75 -6.12
CA LYS A 47 7.36 -10.92 -5.03
C LYS A 47 8.57 -11.72 -5.51
N THR A 48 8.55 -12.10 -6.78
CA THR A 48 9.65 -12.88 -7.35
C THR A 48 10.20 -12.20 -8.60
N LEU A 49 9.65 -11.03 -8.94
CA LEU A 49 10.08 -10.28 -10.10
C LEU A 49 11.56 -9.91 -9.99
N SER A 50 12.05 -9.17 -10.98
CA SER A 50 13.45 -8.76 -11.00
C SER A 50 13.63 -7.42 -10.30
N GLU A 51 14.82 -7.19 -9.75
CA GLU A 51 15.11 -5.96 -9.05
C GLU A 51 14.62 -4.75 -9.85
N GLU A 52 15.28 -4.49 -10.98
CA GLU A 52 14.91 -3.36 -11.84
C GLU A 52 13.40 -3.32 -12.05
N GLU A 53 12.85 -4.43 -12.51
CA GLU A 53 11.41 -4.53 -12.76
C GLU A 53 10.62 -3.83 -11.66
N LYS A 54 10.89 -4.22 -10.41
CA LYS A 54 10.20 -3.63 -9.27
C LYS A 54 10.50 -2.14 -9.16
N LEU A 55 11.78 -1.80 -9.18
CA LEU A 55 12.20 -0.40 -9.08
C LEU A 55 11.30 0.50 -9.92
N LYS A 56 11.23 0.22 -11.22
CA LYS A 56 10.40 0.99 -12.13
C LYS A 56 9.05 1.32 -11.50
N TYR A 57 8.43 0.32 -10.88
CA TYR A 57 7.13 0.50 -10.23
C TYR A 57 7.28 1.31 -8.95
N GLU A 58 8.18 0.86 -8.07
CA GLU A 58 8.41 1.53 -6.80
C GLU A 58 8.39 3.06 -6.98
N GLU A 59 9.08 3.53 -8.00
CA GLU A 59 9.14 4.96 -8.29
C GLU A 59 7.74 5.58 -8.29
N LYS A 60 6.80 4.88 -8.92
CA LYS A 60 5.43 5.36 -8.99
C LYS A 60 4.79 5.40 -7.61
N ALA A 61 4.87 4.28 -6.89
CA ALA A 61 4.31 4.18 -5.55
C ALA A 61 4.93 5.23 -4.62
N THR A 62 6.24 5.13 -4.41
CA THR A 62 6.95 6.06 -3.55
C THR A 62 6.57 7.50 -3.87
N LYS A 63 6.58 7.83 -5.16
CA LYS A 63 6.25 9.18 -5.61
C LYS A 63 5.03 9.71 -4.87
N ASP A 64 4.17 8.80 -4.42
CA ASP A 64 2.96 9.18 -3.70
C ASP A 64 3.17 9.08 -2.19
N LEU A 65 4.00 8.11 -1.78
CA LEU A 65 4.29 7.91 -0.36
C LEU A 65 4.73 9.22 0.29
N GLU A 66 5.79 9.81 -0.24
CA GLU A 66 6.32 11.06 0.30
C GLU A 66 5.18 11.97 0.76
N ARG A 67 4.19 12.15 -0.11
CA ARG A 67 3.05 13.00 0.21
C ARG A 67 2.32 12.49 1.45
N TYR A 68 2.03 11.19 1.47
CA TYR A 68 1.33 10.58 2.59
C TYR A 68 2.08 10.83 3.90
N ASN A 69 3.38 10.56 3.89
CA ASN A 69 4.21 10.76 5.07
C ASN A 69 3.77 12.00 5.85
N SER A 70 3.57 13.10 5.12
CA SER A 70 3.15 14.35 5.75
C SER A 70 1.71 14.26 6.24
N GLN A 71 0.81 13.90 5.34
CA GLN A 71 -0.60 13.77 5.68
C GLN A 71 -0.77 13.27 7.11
N MET A 72 -0.39 12.02 7.34
CA MET A 72 -0.49 11.41 8.67
C MET A 72 -0.26 12.45 9.76
N LYS A 73 0.79 13.25 9.59
CA LYS A 73 1.13 14.28 10.57
C LYS A 73 -0.13 14.90 11.17
N ARG A 74 -0.88 15.63 10.35
CA ARG A 74 -2.11 16.26 10.80
C ARG A 74 -3.04 15.24 11.46
N ALA A 75 -3.05 14.03 10.91
CA ALA A 75 -3.89 12.97 11.44
C ALA A 75 -3.64 12.75 12.94
N ILE A 76 -2.42 12.34 13.26
CA ILE A 76 -2.04 12.11 14.65
C ILE A 76 -2.61 13.18 15.57
N GLU A 77 -2.63 14.42 15.09
CA GLU A 77 -3.15 15.53 15.87
C GLU A 77 -4.68 15.48 15.95
N GLN A 78 -5.26 16.49 16.57
CA GLN A 78 -6.71 16.55 16.72
C GLN A 78 -7.37 17.01 15.42
N GLU A 79 -6.97 16.38 14.31
CA GLU A 79 -7.52 16.73 13.01
C GLU A 79 -8.47 15.64 12.51
N SER A 80 -7.98 14.40 12.48
CA SER A 80 -8.78 13.27 12.03
C SER A 80 -10.24 13.44 12.44
N GLN A 81 -10.46 13.66 13.73
CA GLN A 81 -11.81 13.84 14.26
C GLN A 81 -11.79 14.63 15.56
N MET A 82 -12.46 15.78 15.56
CA MET A 82 -12.52 16.62 16.76
C MET A 82 -12.66 15.78 18.01
N SER A 83 -11.73 15.97 18.94
CA SER A 83 -11.74 15.22 20.20
C SER A 83 -11.62 16.16 21.39
N LEU A 84 -12.15 15.72 22.53
CA LEU A 84 -12.10 16.52 23.75
C LEU A 84 -11.40 15.77 24.88
N LYS A 85 -10.45 16.42 25.52
CA LYS A 85 -9.71 15.82 26.62
C LYS A 85 -9.62 16.76 27.81
N ASP A 86 -9.52 16.20 29.01
CA ASP A 86 -9.43 16.99 30.22
C ASP A 86 -9.16 16.10 31.43
N SER A 87 -8.53 16.68 32.45
CA SER A 87 -8.20 15.94 33.67
C SER A 87 -8.81 16.61 34.90
N GLY A 88 -8.87 15.88 36.00
CA GLY A 88 -9.42 16.41 37.23
C GLY A 88 -8.77 15.83 38.46
N PRO A 89 -7.62 16.39 38.85
CA PRO A 89 -6.88 15.93 40.03
C PRO A 89 -7.59 16.27 41.33
N SER A 90 -8.13 15.24 41.99
CA SER A 90 -8.85 15.42 43.25
C SER A 90 -7.90 15.91 44.34
N SER A 91 -8.39 16.83 45.16
CA SER A 91 -7.58 17.39 46.26
C SER A 91 -8.18 17.02 47.61
N GLY A 92 -9.44 17.42 47.82
CA GLY A 92 -10.11 17.13 49.07
C GLY A 92 -11.29 18.04 49.33
N GLY A 1 1.97 2.34 3.34
CA GLY A 1 1.49 1.14 3.99
C GLY A 1 1.57 1.21 5.50
N SER A 2 2.78 0.98 6.03
CA SER A 2 3.00 1.02 7.48
C SER A 2 2.50 2.33 8.06
N SER A 3 2.59 2.45 9.38
CA SER A 3 2.15 3.64 10.08
C SER A 3 0.89 4.20 9.44
N GLY A 4 -0.11 3.34 9.26
CA GLY A 4 -1.36 3.76 8.66
C GLY A 4 -2.31 4.40 9.67
N SER A 5 -3.32 5.10 9.17
CA SER A 5 -4.29 5.77 10.03
C SER A 5 -5.69 5.70 9.42
N SER A 6 -6.67 6.23 10.15
CA SER A 6 -8.05 6.23 9.70
C SER A 6 -8.29 7.35 8.70
N GLY A 7 -9.54 7.49 8.25
CA GLY A 7 -9.87 8.52 7.29
C GLY A 7 -8.98 8.49 6.07
N ILE A 8 -8.20 9.56 5.88
CA ILE A 8 -7.30 9.66 4.75
C ILE A 8 -6.68 8.30 4.42
N LYS A 9 -7.21 7.65 3.39
CA LYS A 9 -6.70 6.35 2.97
C LYS A 9 -5.29 6.47 2.40
N LYS A 10 -4.43 5.52 2.76
CA LYS A 10 -3.05 5.52 2.29
C LYS A 10 -2.99 5.11 0.82
N PRO A 11 -2.02 5.69 0.09
CA PRO A 11 -1.83 5.40 -1.34
C PRO A 11 -1.31 4.00 -1.58
N MET A 12 -1.97 3.27 -2.48
CA MET A 12 -1.56 1.90 -2.80
C MET A 12 -0.08 1.83 -3.15
N SER A 13 0.61 0.86 -2.58
CA SER A 13 2.04 0.69 -2.82
C SER A 13 2.28 -0.03 -4.15
N ALA A 14 3.48 0.15 -4.70
CA ALA A 14 3.84 -0.49 -5.97
C ALA A 14 3.28 -1.91 -6.04
N SER A 15 3.55 -2.70 -5.02
CA SER A 15 3.08 -4.08 -4.98
C SER A 15 1.63 -4.18 -5.41
N ALA A 16 0.78 -3.38 -4.79
CA ALA A 16 -0.65 -3.37 -5.12
C ALA A 16 -0.87 -2.97 -6.58
N LEU A 17 -0.19 -1.92 -7.00
CA LEU A 17 -0.31 -1.42 -8.37
C LEU A 17 -0.15 -2.56 -9.37
N PHE A 18 1.03 -3.19 -9.36
CA PHE A 18 1.31 -4.30 -10.26
C PHE A 18 0.13 -5.26 -10.33
N VAL A 19 -0.36 -5.69 -9.17
CA VAL A 19 -1.48 -6.61 -9.10
C VAL A 19 -2.64 -6.12 -9.98
N GLN A 20 -2.93 -4.83 -9.91
CA GLN A 20 -4.00 -4.24 -10.70
C GLN A 20 -3.61 -4.13 -12.16
N ASP A 21 -2.33 -3.85 -12.41
CA ASP A 21 -1.83 -3.72 -13.77
C ASP A 21 -2.07 -4.99 -14.57
N HIS A 22 -1.82 -6.14 -13.95
CA HIS A 22 -2.02 -7.43 -14.61
C HIS A 22 -3.19 -8.18 -13.98
N ARG A 23 -4.02 -7.46 -13.24
CA ARG A 23 -5.18 -8.06 -12.59
C ARG A 23 -6.18 -8.59 -13.61
N PRO A 24 -6.68 -7.68 -14.46
CA PRO A 24 -7.65 -8.02 -15.51
C PRO A 24 -7.03 -8.85 -16.62
N GLN A 25 -5.89 -8.39 -17.13
CA GLN A 25 -5.20 -9.09 -18.21
C GLN A 25 -5.21 -10.60 -17.97
N PHE A 26 -4.88 -11.00 -16.74
CA PHE A 26 -4.84 -12.41 -16.38
C PHE A 26 -6.20 -13.07 -16.62
N LEU A 27 -7.25 -12.46 -16.09
CA LEU A 27 -8.61 -12.97 -16.25
C LEU A 27 -9.00 -13.01 -17.72
N ILE A 28 -8.98 -11.85 -18.36
CA ILE A 28 -9.34 -11.74 -19.77
C ILE A 28 -8.92 -12.98 -20.54
N GLU A 29 -7.66 -13.37 -20.37
CA GLU A 29 -7.13 -14.55 -21.06
C GLU A 29 -7.70 -15.82 -20.45
N ASN A 30 -7.77 -15.86 -19.12
CA ASN A 30 -8.29 -17.03 -18.42
C ASN A 30 -9.47 -16.65 -17.54
N PRO A 31 -10.66 -16.53 -18.16
CA PRO A 31 -11.90 -16.18 -17.46
C PRO A 31 -12.38 -17.29 -16.53
N LYS A 32 -11.70 -18.44 -16.59
CA LYS A 32 -12.06 -19.57 -15.75
C LYS A 32 -11.48 -19.42 -14.35
N THR A 33 -10.51 -18.51 -14.20
CA THR A 33 -9.87 -18.27 -12.91
C THR A 33 -10.50 -17.08 -12.20
N SER A 34 -11.01 -17.33 -11.00
CA SER A 34 -11.66 -16.29 -10.21
C SER A 34 -10.66 -15.16 -9.90
N LEU A 35 -11.18 -14.07 -9.35
CA LEU A 35 -10.34 -12.92 -9.00
C LEU A 35 -9.30 -13.30 -7.95
N GLU A 36 -9.76 -13.96 -6.89
CA GLU A 36 -8.87 -14.39 -5.82
C GLU A 36 -7.79 -15.34 -6.33
N ASP A 37 -8.20 -16.29 -7.16
CA ASP A 37 -7.28 -17.27 -7.73
C ASP A 37 -6.29 -16.58 -8.67
N ALA A 38 -6.80 -15.70 -9.53
CA ALA A 38 -5.96 -14.99 -10.48
C ALA A 38 -4.94 -14.12 -9.76
N THR A 39 -5.42 -13.30 -8.83
CA THR A 39 -4.55 -12.41 -8.06
C THR A 39 -3.57 -13.20 -7.21
N LEU A 40 -4.08 -14.22 -6.52
CA LEU A 40 -3.24 -15.06 -5.67
C LEU A 40 -1.92 -15.40 -6.36
N GLN A 41 -1.97 -15.57 -7.68
CA GLN A 41 -0.78 -15.90 -8.45
C GLN A 41 0.01 -14.65 -8.78
N ILE A 42 -0.69 -13.58 -9.19
CA ILE A 42 -0.05 -12.32 -9.53
C ILE A 42 0.76 -11.79 -8.36
N GLU A 43 0.23 -11.96 -7.15
CA GLU A 43 0.91 -11.49 -5.95
C GLU A 43 2.26 -12.17 -5.78
N GLU A 44 2.25 -13.49 -5.64
CA GLU A 44 3.48 -14.25 -5.48
C GLU A 44 4.43 -14.00 -6.64
N LEU A 45 3.87 -13.71 -7.81
CA LEU A 45 4.67 -13.45 -9.00
C LEU A 45 5.42 -12.12 -8.88
N TRP A 46 4.81 -11.17 -8.20
CA TRP A 46 5.41 -9.86 -8.00
C TRP A 46 6.58 -9.94 -7.01
N LYS A 47 6.43 -10.80 -6.02
CA LYS A 47 7.47 -10.98 -5.01
C LYS A 47 8.69 -11.69 -5.59
N THR A 48 8.50 -12.31 -6.74
CA THR A 48 9.59 -13.03 -7.40
C THR A 48 9.95 -12.39 -8.73
N LEU A 49 9.61 -11.11 -8.87
CA LEU A 49 9.90 -10.38 -10.10
C LEU A 49 11.38 -10.01 -10.18
N SER A 50 11.74 -9.29 -11.24
CA SER A 50 13.13 -8.87 -11.43
C SER A 50 13.43 -7.60 -10.64
N GLU A 51 14.71 -7.38 -10.35
CA GLU A 51 15.13 -6.21 -9.60
C GLU A 51 14.64 -4.93 -10.27
N GLU A 52 15.01 -4.75 -11.54
CA GLU A 52 14.62 -3.56 -12.28
C GLU A 52 13.09 -3.43 -12.31
N GLU A 53 12.43 -4.49 -12.77
CA GLU A 53 10.97 -4.50 -12.85
C GLU A 53 10.35 -3.93 -11.59
N LYS A 54 10.87 -4.34 -10.44
CA LYS A 54 10.36 -3.87 -9.15
C LYS A 54 10.70 -2.39 -8.94
N LEU A 55 11.78 -1.95 -9.56
CA LEU A 55 12.22 -0.57 -9.45
C LEU A 55 11.33 0.36 -10.27
N LYS A 56 10.96 -0.10 -11.46
CA LYS A 56 10.11 0.68 -12.35
C LYS A 56 8.80 1.06 -11.65
N TYR A 57 8.27 0.15 -10.85
CA TYR A 57 7.03 0.39 -10.14
C TYR A 57 7.30 1.12 -8.82
N GLU A 58 8.20 0.57 -8.03
CA GLU A 58 8.55 1.18 -6.74
C GLU A 58 8.61 2.70 -6.86
N GLU A 59 8.91 3.18 -8.06
CA GLU A 59 9.01 4.62 -8.29
C GLU A 59 7.65 5.29 -8.12
N LYS A 60 6.64 4.73 -8.78
CA LYS A 60 5.29 5.27 -8.71
C LYS A 60 4.74 5.16 -7.30
N ALA A 61 5.47 4.48 -6.42
CA ALA A 61 5.07 4.31 -5.04
C ALA A 61 5.66 5.41 -4.15
N THR A 62 6.90 5.77 -4.42
CA THR A 62 7.60 6.79 -3.65
C THR A 62 7.13 8.19 -4.05
N LYS A 63 6.63 8.32 -5.27
CA LYS A 63 6.15 9.60 -5.77
C LYS A 63 4.83 9.98 -5.11
N ASP A 64 4.06 8.98 -4.70
CA ASP A 64 2.78 9.20 -4.05
C ASP A 64 2.89 8.97 -2.54
N LEU A 65 4.09 8.63 -2.09
CA LEU A 65 4.32 8.38 -0.67
C LEU A 65 4.57 9.68 0.08
N GLU A 66 5.23 10.63 -0.58
CA GLU A 66 5.53 11.91 0.02
C GLU A 66 4.33 12.84 -0.06
N ARG A 67 3.53 12.68 -1.11
CA ARG A 67 2.34 13.51 -1.29
C ARG A 67 1.26 13.15 -0.28
N TYR A 68 1.24 11.89 0.14
CA TYR A 68 0.25 11.41 1.10
C TYR A 68 0.61 11.90 2.51
N ASN A 69 1.89 11.87 2.83
CA ASN A 69 2.36 12.29 4.15
C ASN A 69 2.34 13.82 4.26
N SER A 70 2.24 14.49 3.12
CA SER A 70 2.22 15.95 3.08
C SER A 70 0.79 16.47 3.20
N GLN A 71 -0.17 15.55 3.26
CA GLN A 71 -1.58 15.92 3.36
C GLN A 71 -2.15 15.49 4.72
N MET A 72 -1.85 14.25 5.11
CA MET A 72 -2.34 13.73 6.38
C MET A 72 -1.78 14.53 7.56
N LYS A 73 -0.61 15.11 7.36
CA LYS A 73 0.03 15.91 8.40
C LYS A 73 -0.89 17.02 8.87
N ARG A 74 -1.44 17.77 7.93
CA ARG A 74 -2.34 18.88 8.26
C ARG A 74 -3.64 18.35 8.85
N ALA A 75 -3.87 17.05 8.71
CA ALA A 75 -5.08 16.42 9.23
C ALA A 75 -4.87 15.93 10.66
N ILE A 76 -3.65 15.49 10.95
CA ILE A 76 -3.32 15.00 12.28
C ILE A 76 -3.96 15.86 13.36
N GLU A 77 -4.16 17.13 13.06
CA GLU A 77 -4.78 18.06 14.00
C GLU A 77 -6.25 17.72 14.24
N GLN A 78 -6.87 18.42 15.16
CA GLN A 78 -8.28 18.19 15.49
C GLN A 78 -9.07 17.87 14.22
N GLU A 79 -8.68 18.49 13.11
CA GLU A 79 -9.36 18.27 11.84
C GLU A 79 -9.75 16.80 11.67
N SER A 80 -8.75 15.94 11.54
CA SER A 80 -9.00 14.51 11.38
C SER A 80 -10.14 14.04 12.27
N GLN A 81 -10.93 13.11 11.77
CA GLN A 81 -12.07 12.58 12.52
C GLN A 81 -11.59 11.75 13.70
N MET A 82 -12.25 11.93 14.85
CA MET A 82 -11.90 11.21 16.06
C MET A 82 -12.95 11.39 17.14
N SER A 83 -12.99 10.47 18.09
CA SER A 83 -13.97 10.53 19.18
C SER A 83 -13.36 11.20 20.41
N LEU A 84 -12.73 12.35 20.20
CA LEU A 84 -12.10 13.09 21.29
C LEU A 84 -13.15 13.78 22.15
N LYS A 85 -13.92 14.68 21.53
CA LYS A 85 -14.97 15.41 22.23
C LYS A 85 -15.62 14.54 23.31
N ASP A 86 -15.67 15.05 24.53
CA ASP A 86 -16.27 14.33 25.64
C ASP A 86 -17.21 15.21 26.44
N SER A 87 -17.93 14.62 27.38
CA SER A 87 -18.88 15.36 28.21
C SER A 87 -18.89 14.83 29.63
N GLY A 88 -18.87 15.73 30.60
CA GLY A 88 -18.89 15.34 31.99
C GLY A 88 -19.91 16.10 32.81
N PRO A 89 -20.50 15.43 33.82
CA PRO A 89 -21.50 16.04 34.69
C PRO A 89 -20.91 17.09 35.61
N SER A 90 -21.75 17.70 36.44
CA SER A 90 -21.31 18.72 37.38
C SER A 90 -21.39 18.22 38.82
N SER A 91 -20.38 18.56 39.62
CA SER A 91 -20.34 18.13 41.01
C SER A 91 -20.10 19.33 41.92
N GLY A 92 -20.68 19.27 43.13
CA GLY A 92 -20.53 20.36 44.08
C GLY A 92 -21.83 21.07 44.36
N GLY A 1 9.91 -10.38 7.67
CA GLY A 1 10.54 -10.91 8.86
C GLY A 1 9.65 -10.82 10.08
N SER A 2 8.92 -11.90 10.36
CA SER A 2 8.02 -11.94 11.50
C SER A 2 7.19 -10.66 11.58
N SER A 3 6.71 -10.20 10.43
CA SER A 3 5.91 -8.98 10.36
C SER A 3 4.46 -9.28 10.74
N GLY A 4 3.81 -8.29 11.37
CA GLY A 4 2.43 -8.47 11.78
C GLY A 4 1.90 -7.27 12.54
N SER A 5 2.15 -6.07 12.01
CA SER A 5 1.70 -4.84 12.65
C SER A 5 1.36 -3.78 11.62
N SER A 6 0.08 -3.46 11.50
CA SER A 6 -0.38 -2.46 10.54
C SER A 6 -0.85 -1.19 11.26
N GLY A 7 0.08 -0.28 11.51
CA GLY A 7 -0.26 0.95 12.19
C GLY A 7 -0.76 2.02 11.24
N ILE A 8 0.17 2.63 10.49
CA ILE A 8 -0.19 3.67 9.53
C ILE A 8 -0.59 3.06 8.20
N LYS A 9 -1.89 3.11 7.89
CA LYS A 9 -2.41 2.57 6.64
C LYS A 9 -1.65 3.15 5.45
N LYS A 10 -0.88 2.30 4.77
CA LYS A 10 -0.11 2.72 3.61
C LYS A 10 -0.91 2.52 2.32
N PRO A 11 -0.79 3.48 1.39
CA PRO A 11 -1.48 3.43 0.11
C PRO A 11 -0.93 2.34 -0.81
N MET A 12 -1.35 2.35 -2.07
CA MET A 12 -0.89 1.37 -3.05
C MET A 12 0.62 1.45 -3.21
N SER A 13 1.29 0.32 -3.02
CA SER A 13 2.74 0.26 -3.15
C SER A 13 3.14 -0.34 -4.50
N ALA A 14 4.44 -0.33 -4.77
CA ALA A 14 4.95 -0.87 -6.03
C ALA A 14 4.48 -2.31 -6.24
N SER A 15 3.98 -2.93 -5.18
CA SER A 15 3.49 -4.30 -5.25
C SER A 15 2.01 -4.34 -5.61
N ALA A 16 1.23 -3.49 -4.93
CA ALA A 16 -0.20 -3.43 -5.17
C ALA A 16 -0.50 -3.01 -6.61
N LEU A 17 0.17 -1.96 -7.07
CA LEU A 17 -0.01 -1.46 -8.42
C LEU A 17 0.16 -2.58 -9.45
N PHE A 18 1.27 -3.30 -9.35
CA PHE A 18 1.55 -4.40 -10.26
C PHE A 18 0.41 -5.40 -10.28
N VAL A 19 -0.29 -5.52 -9.15
CA VAL A 19 -1.41 -6.44 -9.05
C VAL A 19 -2.65 -5.90 -9.75
N GLN A 20 -2.94 -4.62 -9.52
CA GLN A 20 -4.10 -3.98 -10.14
C GLN A 20 -3.86 -3.77 -11.63
N ASP A 21 -2.60 -3.81 -12.04
CA ASP A 21 -2.25 -3.62 -13.44
C ASP A 21 -2.55 -4.87 -14.25
N HIS A 22 -2.06 -6.02 -13.78
CA HIS A 22 -2.29 -7.28 -14.46
C HIS A 22 -3.56 -7.96 -13.95
N ARG A 23 -4.05 -7.51 -12.80
CA ARG A 23 -5.25 -8.07 -12.21
C ARG A 23 -6.30 -8.36 -13.28
N PRO A 24 -6.72 -7.30 -14.00
CA PRO A 24 -7.72 -7.42 -15.06
C PRO A 24 -7.20 -8.16 -16.28
N GLN A 25 -5.93 -7.92 -16.61
CA GLN A 25 -5.31 -8.56 -17.76
C GLN A 25 -5.40 -10.08 -17.65
N PHE A 26 -5.29 -10.59 -16.43
CA PHE A 26 -5.37 -12.03 -16.19
C PHE A 26 -6.75 -12.56 -16.56
N LEU A 27 -7.78 -11.99 -15.94
CA LEU A 27 -9.15 -12.41 -16.21
C LEU A 27 -9.48 -12.30 -17.69
N ILE A 28 -9.30 -11.11 -18.24
CA ILE A 28 -9.59 -10.87 -19.64
C ILE A 28 -9.25 -12.09 -20.49
N GLU A 29 -8.06 -12.64 -20.29
CA GLU A 29 -7.61 -13.80 -21.03
C GLU A 29 -8.12 -15.10 -20.37
N ASN A 30 -8.31 -15.04 -19.06
CA ASN A 30 -8.80 -16.19 -18.32
C ASN A 30 -9.94 -15.80 -17.38
N PRO A 31 -11.15 -15.68 -17.93
CA PRO A 31 -12.34 -15.31 -17.17
C PRO A 31 -12.78 -16.40 -16.21
N LYS A 32 -12.38 -17.64 -16.51
CA LYS A 32 -12.73 -18.78 -15.67
C LYS A 32 -12.13 -18.64 -14.28
N THR A 33 -10.92 -18.09 -14.21
CA THR A 33 -10.23 -17.89 -12.94
C THR A 33 -11.00 -16.94 -12.04
N SER A 34 -11.19 -17.34 -10.79
CA SER A 34 -11.92 -16.51 -9.83
C SER A 34 -11.09 -15.29 -9.43
N LEU A 35 -11.74 -14.33 -8.79
CA LEU A 35 -11.08 -13.10 -8.36
C LEU A 35 -9.84 -13.43 -7.53
N GLU A 36 -10.00 -14.24 -6.50
CA GLU A 36 -8.90 -14.63 -5.64
C GLU A 36 -7.84 -15.41 -6.43
N ASP A 37 -8.21 -16.59 -6.90
CA ASP A 37 -7.31 -17.42 -7.67
C ASP A 37 -6.38 -16.58 -8.53
N ALA A 38 -6.98 -15.76 -9.39
CA ALA A 38 -6.21 -14.89 -10.28
C ALA A 38 -5.08 -14.20 -9.53
N THR A 39 -5.45 -13.42 -8.51
CA THR A 39 -4.47 -12.70 -7.70
C THR A 39 -3.42 -13.65 -7.14
N LEU A 40 -3.87 -14.67 -6.43
CA LEU A 40 -2.96 -15.64 -5.83
C LEU A 40 -1.78 -15.92 -6.74
N GLN A 41 -2.04 -15.95 -8.06
CA GLN A 41 -1.00 -16.20 -9.04
C GLN A 41 -0.12 -14.97 -9.22
N ILE A 42 -0.75 -13.80 -9.28
CA ILE A 42 -0.02 -12.54 -9.45
C ILE A 42 0.94 -12.31 -8.29
N GLU A 43 0.41 -12.40 -7.07
CA GLU A 43 1.23 -12.19 -5.88
C GLU A 43 2.53 -12.98 -5.95
N GLU A 44 2.41 -14.29 -6.22
CA GLU A 44 3.57 -15.15 -6.31
C GLU A 44 4.39 -14.82 -7.55
N LEU A 45 3.75 -14.20 -8.54
CA LEU A 45 4.42 -13.83 -9.77
C LEU A 45 5.18 -12.51 -9.60
N TRP A 46 4.83 -11.76 -8.57
CA TRP A 46 5.49 -10.48 -8.29
C TRP A 46 6.67 -10.67 -7.35
N LYS A 47 6.63 -11.74 -6.56
CA LYS A 47 7.68 -12.03 -5.60
C LYS A 47 8.87 -12.70 -6.29
N THR A 48 8.69 -13.02 -7.57
CA THR A 48 9.74 -13.67 -8.35
C THR A 48 10.52 -12.65 -9.17
N LEU A 49 9.86 -11.55 -9.50
CA LEU A 49 10.50 -10.49 -10.29
C LEU A 49 11.89 -10.17 -9.76
N SER A 50 12.65 -9.38 -10.51
CA SER A 50 13.99 -8.99 -10.12
C SER A 50 14.00 -7.58 -9.56
N GLU A 51 14.94 -7.31 -8.65
CA GLU A 51 15.06 -5.99 -8.05
C GLU A 51 14.82 -4.88 -9.08
N GLU A 52 15.76 -4.75 -10.01
CA GLU A 52 15.65 -3.73 -11.05
C GLU A 52 14.21 -3.62 -11.55
N GLU A 53 13.57 -4.77 -11.75
CA GLU A 53 12.19 -4.80 -12.24
C GLU A 53 11.28 -3.99 -11.32
N LYS A 54 11.32 -4.30 -10.03
CA LYS A 54 10.49 -3.61 -9.05
C LYS A 54 10.87 -2.13 -8.97
N LEU A 55 12.18 -1.87 -8.92
CA LEU A 55 12.67 -0.49 -8.84
C LEU A 55 11.84 0.43 -9.72
N LYS A 56 11.39 -0.08 -10.86
CA LYS A 56 10.58 0.70 -11.78
C LYS A 56 9.26 1.11 -11.14
N TYR A 57 8.62 0.16 -10.46
CA TYR A 57 7.34 0.43 -9.80
C TYR A 57 7.55 1.26 -8.54
N GLU A 58 8.68 1.06 -7.89
CA GLU A 58 9.00 1.79 -6.66
C GLU A 58 8.98 3.30 -6.90
N GLU A 59 9.59 3.73 -8.00
CA GLU A 59 9.63 5.14 -8.35
C GLU A 59 8.24 5.66 -8.70
N LYS A 60 7.34 4.74 -9.03
CA LYS A 60 5.97 5.11 -9.38
C LYS A 60 5.11 5.28 -8.13
N ALA A 61 5.59 4.74 -7.02
CA ALA A 61 4.87 4.83 -5.75
C ALA A 61 5.25 6.11 -5.00
N THR A 62 6.55 6.35 -4.87
CA THR A 62 7.04 7.53 -4.17
C THR A 62 6.34 8.79 -4.66
N LYS A 63 6.01 8.81 -5.95
CA LYS A 63 5.33 9.96 -6.56
C LYS A 63 3.97 10.18 -5.91
N ASP A 64 3.32 9.09 -5.50
CA ASP A 64 2.01 9.17 -4.88
C ASP A 64 2.10 8.86 -3.38
N LEU A 65 3.33 8.66 -2.91
CA LEU A 65 3.56 8.35 -1.50
C LEU A 65 3.67 9.63 -0.68
N GLU A 66 3.51 10.77 -1.35
CA GLU A 66 3.59 12.06 -0.67
C GLU A 66 2.45 12.23 0.34
N ARG A 67 1.37 11.50 0.12
CA ARG A 67 0.21 11.56 1.00
C ARG A 67 0.51 10.87 2.33
N TYR A 68 1.32 9.82 2.29
CA TYR A 68 1.69 9.08 3.48
C TYR A 68 2.73 9.83 4.30
N ASN A 69 3.74 10.35 3.62
CA ASN A 69 4.81 11.10 4.29
C ASN A 69 4.23 12.21 5.15
N SER A 70 3.11 12.77 4.72
CA SER A 70 2.45 13.85 5.45
C SER A 70 1.82 13.32 6.74
N GLN A 71 1.30 12.10 6.69
CA GLN A 71 0.67 11.48 7.85
C GLN A 71 1.68 11.30 8.98
N MET A 72 2.91 10.94 8.62
CA MET A 72 3.96 10.73 9.61
C MET A 72 4.10 11.95 10.51
N LYS A 73 3.84 13.13 9.97
CA LYS A 73 3.94 14.36 10.73
C LYS A 73 3.17 14.25 12.04
N ARG A 74 1.84 14.27 11.95
CA ARG A 74 0.99 14.18 13.13
C ARG A 74 1.28 12.89 13.90
N ALA A 75 1.54 11.81 13.16
CA ALA A 75 1.83 10.53 13.78
C ALA A 75 2.95 10.65 14.81
N ILE A 76 4.04 11.29 14.41
CA ILE A 76 5.20 11.47 15.29
C ILE A 76 4.80 12.25 16.53
N GLU A 77 3.65 12.93 16.48
CA GLU A 77 3.17 13.71 17.60
C GLU A 77 2.35 12.85 18.56
N GLN A 78 2.68 11.56 18.61
CA GLN A 78 1.97 10.62 19.47
C GLN A 78 0.46 10.74 19.27
N GLU A 79 0.04 10.83 18.02
CA GLU A 79 -1.38 10.94 17.69
C GLU A 79 -1.89 9.64 17.07
N SER A 80 -1.06 9.02 16.24
CA SER A 80 -1.43 7.78 15.58
C SER A 80 -1.87 6.73 16.59
N GLN A 81 -0.98 6.42 17.54
CA GLN A 81 -1.26 5.43 18.56
C GLN A 81 -1.53 6.10 19.90
N MET A 82 -1.93 5.31 20.89
CA MET A 82 -2.21 5.83 22.22
C MET A 82 -1.02 5.64 23.15
N SER A 83 0.09 6.28 22.80
CA SER A 83 1.31 6.18 23.60
C SER A 83 1.69 7.54 24.18
N LEU A 84 2.29 7.52 25.37
CA LEU A 84 2.71 8.74 26.04
C LEU A 84 4.22 8.95 25.90
N LYS A 85 4.66 10.19 26.11
CA LYS A 85 6.08 10.52 26.02
C LYS A 85 6.41 11.72 26.92
N ASP A 86 7.69 11.82 27.29
CA ASP A 86 8.14 12.91 28.14
C ASP A 86 9.03 13.87 27.37
N SER A 87 9.99 13.31 26.63
CA SER A 87 10.92 14.11 25.85
C SER A 87 10.19 14.84 24.71
N GLY A 88 10.53 16.11 24.53
CA GLY A 88 9.91 16.89 23.48
C GLY A 88 10.86 17.88 22.84
N PRO A 89 11.70 17.39 21.91
CA PRO A 89 12.68 18.21 21.21
C PRO A 89 12.03 19.19 20.24
N SER A 90 12.67 20.33 20.03
CA SER A 90 12.16 21.36 19.12
C SER A 90 13.29 22.01 18.34
N SER A 91 13.03 22.35 17.08
CA SER A 91 14.02 22.98 16.24
C SER A 91 13.36 23.68 15.04
N GLY A 92 14.09 24.60 14.43
CA GLY A 92 13.55 25.32 13.29
C GLY A 92 13.07 26.71 13.65
N GLY A 1 6.38 -0.28 10.48
CA GLY A 1 5.35 0.09 9.52
C GLY A 1 4.35 1.07 10.10
N SER A 2 3.22 1.22 9.42
CA SER A 2 2.18 2.15 9.87
C SER A 2 0.79 1.62 9.52
N SER A 3 -0.15 1.76 10.45
CA SER A 3 -1.51 1.29 10.25
C SER A 3 -2.50 2.42 10.47
N GLY A 4 -3.78 2.14 10.20
CA GLY A 4 -4.81 3.13 10.38
C GLY A 4 -6.03 2.88 9.51
N SER A 5 -7.19 2.73 10.13
CA SER A 5 -8.42 2.48 9.40
C SER A 5 -9.24 3.75 9.25
N SER A 6 -9.32 4.53 10.32
CA SER A 6 -10.07 5.78 10.31
C SER A 6 -9.16 6.97 10.59
N GLY A 7 -9.10 7.89 9.64
CA GLY A 7 -8.26 9.07 9.80
C GLY A 7 -7.57 9.47 8.51
N ILE A 8 -6.29 9.11 8.39
CA ILE A 8 -5.51 9.44 7.21
C ILE A 8 -5.45 8.25 6.24
N LYS A 9 -5.76 8.51 4.97
CA LYS A 9 -5.74 7.47 3.96
C LYS A 9 -4.32 7.25 3.42
N LYS A 10 -3.84 6.02 3.51
CA LYS A 10 -2.51 5.69 3.04
C LYS A 10 -2.56 5.14 1.61
N PRO A 11 -1.53 5.48 0.82
CA PRO A 11 -1.44 5.04 -0.58
C PRO A 11 -1.16 3.54 -0.70
N MET A 12 -0.76 3.11 -1.89
CA MET A 12 -0.47 1.70 -2.13
C MET A 12 1.00 1.51 -2.52
N SER A 13 1.55 0.35 -2.21
CA SER A 13 2.93 0.04 -2.53
C SER A 13 3.04 -0.70 -3.86
N ALA A 14 4.18 -0.55 -4.52
CA ALA A 14 4.41 -1.21 -5.80
C ALA A 14 3.82 -2.62 -5.81
N SER A 15 3.88 -3.28 -4.66
CA SER A 15 3.35 -4.63 -4.52
C SER A 15 1.89 -4.70 -4.95
N ALA A 16 1.11 -3.74 -4.46
CA ALA A 16 -0.31 -3.69 -4.78
C ALA A 16 -0.54 -3.16 -6.20
N LEU A 17 0.18 -2.10 -6.55
CA LEU A 17 0.07 -1.50 -7.88
C LEU A 17 0.14 -2.57 -8.96
N PHE A 18 1.31 -3.17 -9.11
CA PHE A 18 1.51 -4.21 -10.11
C PHE A 18 0.27 -5.09 -10.25
N VAL A 19 -0.28 -5.50 -9.11
CA VAL A 19 -1.46 -6.34 -9.09
C VAL A 19 -2.65 -5.65 -9.76
N GLN A 20 -2.93 -4.43 -9.30
CA GLN A 20 -4.04 -3.66 -9.86
C GLN A 20 -3.85 -3.43 -11.36
N ASP A 21 -2.61 -3.37 -11.79
CA ASP A 21 -2.29 -3.16 -13.19
C ASP A 21 -2.53 -4.44 -14.00
N HIS A 22 -1.83 -5.50 -13.64
CA HIS A 22 -1.97 -6.78 -14.33
C HIS A 22 -3.10 -7.59 -13.72
N ARG A 23 -3.93 -6.95 -12.91
CA ARG A 23 -5.05 -7.62 -12.27
C ARG A 23 -5.98 -8.24 -13.31
N PRO A 24 -6.52 -7.40 -14.20
CA PRO A 24 -7.44 -7.84 -15.25
C PRO A 24 -6.72 -8.67 -16.32
N GLN A 25 -5.62 -8.14 -16.84
CA GLN A 25 -4.85 -8.83 -17.87
C GLN A 25 -4.78 -10.33 -17.58
N PHE A 26 -4.72 -10.68 -16.31
CA PHE A 26 -4.65 -12.08 -15.91
C PHE A 26 -5.91 -12.82 -16.31
N LEU A 27 -7.06 -12.29 -15.90
CA LEU A 27 -8.35 -12.90 -16.23
C LEU A 27 -8.57 -12.96 -17.73
N ILE A 28 -8.50 -11.79 -18.38
CA ILE A 28 -8.69 -11.72 -19.83
C ILE A 28 -8.00 -12.88 -20.53
N GLU A 29 -6.79 -13.22 -20.08
CA GLU A 29 -6.04 -14.31 -20.68
C GLU A 29 -6.57 -15.66 -20.19
N ASN A 30 -6.92 -15.73 -18.91
CA ASN A 30 -7.43 -16.96 -18.33
C ASN A 30 -8.82 -16.73 -17.74
N PRO A 31 -9.85 -16.79 -18.60
CA PRO A 31 -11.24 -16.60 -18.20
C PRO A 31 -11.76 -17.76 -17.34
N LYS A 32 -10.89 -18.72 -17.06
CA LYS A 32 -11.25 -19.88 -16.25
C LYS A 32 -10.68 -19.76 -14.85
N THR A 33 -10.64 -18.55 -14.33
CA THR A 33 -10.11 -18.31 -12.98
C THR A 33 -10.98 -17.31 -12.22
N SER A 34 -11.09 -17.51 -10.91
CA SER A 34 -11.89 -16.63 -10.07
C SER A 34 -11.11 -15.37 -9.69
N LEU A 35 -11.80 -14.41 -9.10
CA LEU A 35 -11.18 -13.16 -8.69
C LEU A 35 -9.99 -13.41 -7.76
N GLU A 36 -10.25 -14.19 -6.70
CA GLU A 36 -9.20 -14.52 -5.74
C GLU A 36 -8.05 -15.25 -6.40
N ASP A 37 -8.33 -16.44 -6.92
CA ASP A 37 -7.32 -17.25 -7.59
C ASP A 37 -6.44 -16.38 -8.49
N ALA A 38 -7.06 -15.68 -9.42
CA ALA A 38 -6.33 -14.82 -10.35
C ALA A 38 -5.28 -14.00 -9.61
N THR A 39 -5.67 -13.42 -8.47
CA THR A 39 -4.76 -12.62 -7.66
C THR A 39 -3.70 -13.49 -7.00
N LEU A 40 -4.14 -14.46 -6.22
CA LEU A 40 -3.23 -15.36 -5.53
C LEU A 40 -2.05 -15.74 -6.41
N GLN A 41 -2.26 -15.68 -7.72
CA GLN A 41 -1.21 -16.01 -8.68
C GLN A 41 -0.42 -14.77 -9.07
N ILE A 42 -1.11 -13.65 -9.23
CA ILE A 42 -0.48 -12.40 -9.61
C ILE A 42 0.49 -11.92 -8.53
N GLU A 43 0.04 -11.99 -7.28
CA GLU A 43 0.86 -11.57 -6.14
C GLU A 43 2.20 -12.28 -6.16
N GLU A 44 2.15 -13.62 -6.11
CA GLU A 44 3.37 -14.42 -6.12
C GLU A 44 4.21 -14.13 -7.36
N LEU A 45 3.54 -13.75 -8.45
CA LEU A 45 4.23 -13.44 -9.69
C LEU A 45 5.03 -12.15 -9.58
N TRP A 46 4.65 -11.31 -8.63
CA TRP A 46 5.35 -10.04 -8.41
C TRP A 46 6.61 -10.26 -7.56
N LYS A 47 6.61 -11.32 -6.78
CA LYS A 47 7.74 -11.63 -5.91
C LYS A 47 8.85 -12.33 -6.70
N THR A 48 8.47 -13.02 -7.78
CA THR A 48 9.42 -13.72 -8.62
C THR A 48 10.19 -12.76 -9.50
N LEU A 49 9.59 -11.61 -9.80
CA LEU A 49 10.22 -10.61 -10.65
C LEU A 49 11.61 -10.26 -10.12
N SER A 50 12.36 -9.49 -10.91
CA SER A 50 13.71 -9.09 -10.53
C SER A 50 13.72 -7.67 -9.96
N GLU A 51 14.84 -7.29 -9.37
CA GLU A 51 14.98 -5.96 -8.78
C GLU A 51 14.52 -4.88 -9.76
N GLU A 52 15.33 -4.66 -10.79
CA GLU A 52 15.02 -3.65 -11.80
C GLU A 52 13.52 -3.68 -12.15
N GLU A 53 13.03 -4.87 -12.47
CA GLU A 53 11.63 -5.04 -12.83
C GLU A 53 10.72 -4.31 -11.84
N LYS A 54 11.02 -4.46 -10.55
CA LYS A 54 10.24 -3.82 -9.50
C LYS A 54 10.55 -2.33 -9.43
N LEU A 55 11.83 -1.99 -9.34
CA LEU A 55 12.26 -0.60 -9.28
C LEU A 55 11.35 0.29 -10.12
N LYS A 56 11.37 0.08 -11.43
CA LYS A 56 10.55 0.86 -12.34
C LYS A 56 9.22 1.23 -11.70
N TYR A 57 8.62 0.27 -10.99
CA TYR A 57 7.35 0.49 -10.32
C TYR A 57 7.54 1.19 -8.99
N GLU A 58 8.55 0.77 -8.23
CA GLU A 58 8.84 1.37 -6.94
C GLU A 58 8.62 2.88 -6.97
N GLU A 59 9.11 3.52 -8.04
CA GLU A 59 8.97 4.96 -8.19
C GLU A 59 7.50 5.36 -8.22
N LYS A 60 6.68 4.56 -8.90
CA LYS A 60 5.26 4.83 -9.02
C LYS A 60 4.59 4.80 -7.64
N ALA A 61 5.34 4.37 -6.63
CA ALA A 61 4.83 4.30 -5.27
C ALA A 61 5.26 5.50 -4.45
N THR A 62 6.57 5.77 -4.47
CA THR A 62 7.12 6.90 -3.73
C THR A 62 6.65 8.23 -4.30
N LYS A 63 6.23 8.20 -5.56
CA LYS A 63 5.74 9.41 -6.24
C LYS A 63 4.42 9.88 -5.64
N ASP A 64 3.63 8.92 -5.14
CA ASP A 64 2.34 9.22 -4.54
C ASP A 64 2.44 9.27 -3.02
N LEU A 65 3.53 8.70 -2.50
CA LEU A 65 3.74 8.67 -1.05
C LEU A 65 3.91 10.07 -0.49
N GLU A 66 4.38 10.99 -1.34
CA GLU A 66 4.59 12.37 -0.93
C GLU A 66 3.30 12.97 -0.35
N ARG A 67 2.21 12.88 -1.12
CA ARG A 67 0.93 13.40 -0.68
C ARG A 67 0.67 13.07 0.77
N TYR A 68 1.08 11.88 1.19
CA TYR A 68 0.89 11.44 2.56
C TYR A 68 1.68 12.31 3.53
N ASN A 69 2.99 12.35 3.34
CA ASN A 69 3.86 13.15 4.20
C ASN A 69 3.37 14.59 4.30
N SER A 70 2.71 15.06 3.24
CA SER A 70 2.18 16.40 3.20
C SER A 70 0.90 16.52 4.02
N GLN A 71 -0.11 15.74 3.65
CA GLN A 71 -1.38 15.74 4.36
C GLN A 71 -1.17 15.71 5.86
N MET A 72 -0.29 14.83 6.32
CA MET A 72 0.00 14.69 7.74
C MET A 72 -0.03 16.05 8.43
N LYS A 73 0.78 16.98 7.93
CA LYS A 73 0.84 18.33 8.50
C LYS A 73 -0.55 18.85 8.80
N ARG A 74 -1.42 18.83 7.78
CA ARG A 74 -2.79 19.32 7.94
C ARG A 74 -3.46 18.68 9.16
N ALA A 75 -3.46 17.35 9.19
CA ALA A 75 -4.06 16.62 10.30
C ALA A 75 -3.54 17.12 11.64
N ILE A 76 -2.23 17.28 11.73
CA ILE A 76 -1.60 17.76 12.96
C ILE A 76 -2.27 19.03 13.46
N GLU A 77 -2.87 19.78 12.54
CA GLU A 77 -3.56 21.02 12.89
C GLU A 77 -5.02 20.75 13.24
N GLN A 78 -5.28 19.61 13.87
CA GLN A 78 -6.63 19.24 14.26
C GLN A 78 -7.60 19.45 13.11
N GLU A 79 -7.09 19.40 11.89
CA GLU A 79 -7.91 19.59 10.70
C GLU A 79 -8.58 18.28 10.28
N SER A 80 -7.86 17.18 10.47
CA SER A 80 -8.39 15.86 10.11
C SER A 80 -9.69 15.58 10.84
N GLN A 81 -9.82 16.10 12.05
CA GLN A 81 -11.02 15.90 12.85
C GLN A 81 -11.27 17.11 13.75
N MET A 82 -12.55 17.45 13.91
CA MET A 82 -12.94 18.57 14.74
C MET A 82 -12.97 18.19 16.21
N SER A 83 -11.90 17.55 16.67
CA SER A 83 -11.80 17.12 18.06
C SER A 83 -11.78 18.32 19.00
N LEU A 84 -11.79 18.05 20.30
CA LEU A 84 -11.78 19.11 21.31
C LEU A 84 -10.49 19.07 22.12
N LYS A 85 -9.94 20.24 22.39
CA LYS A 85 -8.70 20.35 23.16
C LYS A 85 -8.87 19.75 24.55
N ASP A 86 -7.84 19.86 25.37
CA ASP A 86 -7.89 19.34 26.74
C ASP A 86 -6.81 20.00 27.60
N SER A 87 -6.93 19.81 28.91
CA SER A 87 -5.97 20.39 29.85
C SER A 87 -4.57 19.86 29.60
N GLY A 88 -3.58 20.45 30.27
CA GLY A 88 -2.21 20.02 30.10
C GLY A 88 -1.57 19.60 31.42
N PRO A 89 -0.51 18.78 31.32
CA PRO A 89 0.21 18.29 32.51
C PRO A 89 1.01 19.40 33.20
N SER A 90 1.80 19.02 34.19
CA SER A 90 2.61 19.97 34.93
C SER A 90 4.07 19.56 34.95
N SER A 91 4.91 20.39 35.56
CA SER A 91 6.34 20.10 35.65
C SER A 91 6.59 18.76 36.33
N GLY A 92 7.86 18.36 36.41
CA GLY A 92 8.20 17.10 37.04
C GLY A 92 9.09 16.24 36.16
N GLY A 1 9.38 -1.43 8.42
CA GLY A 1 8.84 -1.22 9.75
C GLY A 1 7.65 -0.28 9.76
N SER A 2 6.46 -0.83 9.95
CA SER A 2 5.25 -0.04 9.97
C SER A 2 4.83 0.27 11.40
N SER A 3 4.55 1.55 11.67
CA SER A 3 4.14 1.98 13.00
C SER A 3 2.63 1.84 13.17
N GLY A 4 1.89 2.29 12.17
CA GLY A 4 0.44 2.21 12.22
C GLY A 4 -0.22 3.57 12.12
N SER A 5 -1.27 3.67 11.31
CA SER A 5 -1.99 4.92 11.12
C SER A 5 -3.49 4.70 11.12
N SER A 6 -4.17 5.22 12.13
CA SER A 6 -5.61 5.08 12.25
C SER A 6 -6.33 6.18 11.48
N GLY A 7 -6.87 5.82 10.31
CA GLY A 7 -7.59 6.79 9.50
C GLY A 7 -6.93 6.99 8.15
N ILE A 8 -5.85 7.77 8.12
CA ILE A 8 -5.13 8.04 6.88
C ILE A 8 -4.40 6.80 6.37
N LYS A 9 -5.02 6.09 5.43
CA LYS A 9 -4.43 4.89 4.86
C LYS A 9 -3.33 5.24 3.87
N LYS A 10 -2.25 4.47 3.89
CA LYS A 10 -1.13 4.70 2.99
C LYS A 10 -1.55 4.48 1.54
N PRO A 11 -0.92 5.24 0.62
CA PRO A 11 -1.20 5.15 -0.81
C PRO A 11 -0.72 3.85 -1.42
N MET A 12 -1.51 3.31 -2.35
CA MET A 12 -1.17 2.05 -3.01
C MET A 12 0.33 1.99 -3.31
N SER A 13 0.94 0.85 -3.01
CA SER A 13 2.37 0.66 -3.25
C SER A 13 2.61 -0.06 -4.58
N ALA A 14 3.88 -0.27 -4.90
CA ALA A 14 4.25 -0.94 -6.14
C ALA A 14 3.75 -2.38 -6.16
N SER A 15 3.83 -3.04 -5.00
CA SER A 15 3.39 -4.43 -4.88
C SER A 15 1.92 -4.57 -5.26
N ALA A 16 1.19 -3.46 -5.15
CA ALA A 16 -0.24 -3.46 -5.48
C ALA A 16 -0.46 -3.06 -6.93
N LEU A 17 -0.03 -1.86 -7.29
CA LEU A 17 -0.19 -1.36 -8.65
C LEU A 17 0.08 -2.46 -9.67
N PHE A 18 1.21 -3.15 -9.51
CA PHE A 18 1.59 -4.23 -10.41
C PHE A 18 0.48 -5.27 -10.50
N VAL A 19 -0.16 -5.55 -9.38
CA VAL A 19 -1.25 -6.52 -9.33
C VAL A 19 -2.47 -6.03 -10.10
N GLN A 20 -2.96 -4.85 -9.72
CA GLN A 20 -4.12 -4.26 -10.38
C GLN A 20 -3.85 -4.04 -11.87
N ASP A 21 -2.59 -4.14 -12.26
CA ASP A 21 -2.19 -3.95 -13.65
C ASP A 21 -2.44 -5.22 -14.46
N HIS A 22 -2.28 -6.37 -13.82
CA HIS A 22 -2.48 -7.66 -14.48
C HIS A 22 -3.69 -8.37 -13.90
N ARG A 23 -4.44 -7.68 -13.04
CA ARG A 23 -5.62 -8.25 -12.42
C ARG A 23 -6.66 -8.64 -13.48
N PRO A 24 -7.11 -7.65 -14.25
CA PRO A 24 -8.11 -7.87 -15.30
C PRO A 24 -7.55 -8.66 -16.48
N GLN A 25 -6.29 -8.37 -16.84
CA GLN A 25 -5.64 -9.06 -17.96
C GLN A 25 -5.62 -10.56 -17.72
N PHE A 26 -5.31 -10.97 -16.49
CA PHE A 26 -5.25 -12.38 -16.14
C PHE A 26 -6.56 -13.09 -16.51
N LEU A 27 -7.66 -12.57 -16.00
CA LEU A 27 -8.97 -13.15 -16.28
C LEU A 27 -9.22 -13.24 -17.77
N ILE A 28 -9.02 -12.13 -18.48
CA ILE A 28 -9.21 -12.09 -19.92
C ILE A 28 -8.64 -13.32 -20.59
N GLU A 29 -7.37 -13.63 -20.28
CA GLU A 29 -6.70 -14.78 -20.85
C GLU A 29 -7.21 -16.08 -20.22
N ASN A 30 -7.59 -16.00 -18.95
CA ASN A 30 -8.10 -17.17 -18.24
C ASN A 30 -9.37 -16.83 -17.48
N PRO A 31 -10.51 -16.82 -18.20
CA PRO A 31 -11.81 -16.51 -17.61
C PRO A 31 -12.31 -17.61 -16.68
N LYS A 32 -11.73 -18.80 -16.83
CA LYS A 32 -12.11 -19.94 -15.99
C LYS A 32 -11.62 -19.75 -14.56
N THR A 33 -10.50 -19.04 -14.41
CA THR A 33 -9.93 -18.79 -13.09
C THR A 33 -10.69 -17.69 -12.36
N SER A 34 -11.02 -17.94 -11.10
CA SER A 34 -11.75 -16.96 -10.29
C SER A 34 -10.92 -15.70 -10.08
N LEU A 35 -11.58 -14.62 -9.71
CA LEU A 35 -10.92 -13.35 -9.47
C LEU A 35 -9.81 -13.50 -8.42
N GLU A 36 -10.22 -13.61 -7.16
CA GLU A 36 -9.28 -13.76 -6.06
C GLU A 36 -8.13 -14.71 -6.46
N ASP A 37 -8.50 -15.84 -7.06
CA ASP A 37 -7.51 -16.83 -7.48
C ASP A 37 -6.50 -16.21 -8.45
N ALA A 38 -7.00 -15.56 -9.49
CA ALA A 38 -6.14 -14.92 -10.48
C ALA A 38 -5.10 -14.04 -9.81
N THR A 39 -5.50 -13.32 -8.76
CA THR A 39 -4.60 -12.44 -8.04
C THR A 39 -3.61 -13.24 -7.20
N LEU A 40 -4.14 -14.16 -6.39
CA LEU A 40 -3.30 -14.99 -5.53
C LEU A 40 -2.02 -15.39 -6.26
N GLN A 41 -2.11 -15.54 -7.58
CA GLN A 41 -0.97 -15.92 -8.39
C GLN A 41 -0.12 -14.71 -8.76
N ILE A 42 -0.79 -13.61 -9.07
CA ILE A 42 -0.11 -12.37 -9.45
C ILE A 42 0.69 -11.82 -8.28
N GLU A 43 0.19 -12.04 -7.06
CA GLU A 43 0.87 -11.56 -5.86
C GLU A 43 2.24 -12.21 -5.71
N GLU A 44 2.29 -13.52 -5.86
CA GLU A 44 3.54 -14.26 -5.74
C GLU A 44 4.44 -14.00 -6.95
N LEU A 45 3.82 -13.85 -8.12
CA LEU A 45 4.57 -13.61 -9.34
C LEU A 45 5.30 -12.28 -9.28
N TRP A 46 4.96 -11.47 -8.27
CA TRP A 46 5.59 -10.16 -8.10
C TRP A 46 6.79 -10.27 -7.17
N LYS A 47 6.81 -11.31 -6.34
CA LYS A 47 7.91 -11.52 -5.40
C LYS A 47 9.10 -12.18 -6.09
N THR A 48 8.85 -12.75 -7.26
CA THR A 48 9.91 -13.41 -8.03
C THR A 48 10.66 -12.42 -8.90
N LEU A 49 9.98 -11.32 -9.28
CA LEU A 49 10.58 -10.30 -10.11
C LEU A 49 11.93 -9.85 -9.54
N SER A 50 12.69 -9.13 -10.34
CA SER A 50 14.00 -8.63 -9.90
C SER A 50 13.89 -7.20 -9.37
N GLU A 51 14.95 -6.74 -8.71
CA GLU A 51 14.97 -5.40 -8.14
C GLU A 51 14.53 -4.37 -9.19
N GLU A 52 15.38 -4.14 -10.18
CA GLU A 52 15.08 -3.19 -11.24
C GLU A 52 13.63 -3.32 -11.70
N GLU A 53 13.27 -4.51 -12.17
CA GLU A 53 11.92 -4.75 -12.64
C GLU A 53 10.88 -4.10 -11.73
N LYS A 54 11.22 -4.04 -10.44
CA LYS A 54 10.32 -3.44 -9.46
C LYS A 54 10.49 -1.92 -9.42
N LEU A 55 11.73 -1.48 -9.34
CA LEU A 55 12.03 -0.04 -9.30
C LEU A 55 11.05 0.74 -10.16
N LYS A 56 11.05 0.46 -11.46
CA LYS A 56 10.15 1.14 -12.39
C LYS A 56 8.80 1.39 -11.75
N TYR A 57 8.27 0.38 -11.06
CA TYR A 57 6.98 0.50 -10.39
C TYR A 57 7.10 1.27 -9.09
N GLU A 58 8.19 1.04 -8.37
CA GLU A 58 8.43 1.71 -7.11
C GLU A 58 8.34 3.22 -7.25
N GLU A 59 9.09 3.76 -8.22
CA GLU A 59 9.09 5.20 -8.48
C GLU A 59 7.68 5.77 -8.37
N LYS A 60 6.71 5.04 -8.90
CA LYS A 60 5.31 5.46 -8.86
C LYS A 60 4.79 5.50 -7.44
N ALA A 61 5.10 4.45 -6.67
CA ALA A 61 4.66 4.36 -5.29
C ALA A 61 5.31 5.43 -4.43
N THR A 62 6.65 5.51 -4.50
CA THR A 62 7.39 6.50 -3.73
C THR A 62 6.92 7.92 -4.04
N LYS A 63 6.73 8.21 -5.32
CA LYS A 63 6.29 9.53 -5.76
C LYS A 63 5.07 9.97 -4.95
N ASP A 64 4.19 9.03 -4.65
CA ASP A 64 2.98 9.33 -3.87
C ASP A 64 3.24 9.15 -2.38
N LEU A 65 4.12 8.21 -2.05
CA LEU A 65 4.45 7.95 -0.65
C LEU A 65 4.95 9.20 0.05
N GLU A 66 5.46 10.15 -0.74
CA GLU A 66 5.97 11.40 -0.21
C GLU A 66 4.83 12.36 0.14
N ARG A 67 3.84 12.43 -0.75
CA ARG A 67 2.69 13.30 -0.54
C ARG A 67 1.94 12.92 0.73
N TYR A 68 2.00 11.64 1.08
CA TYR A 68 1.32 11.15 2.28
C TYR A 68 2.02 11.62 3.54
N ASN A 69 3.35 11.71 3.47
CA ASN A 69 4.15 12.15 4.62
C ASN A 69 3.83 13.61 4.97
N SER A 70 3.36 14.35 3.98
CA SER A 70 3.02 15.76 4.18
C SER A 70 1.82 15.90 5.12
N GLN A 71 0.85 15.01 4.97
CA GLN A 71 -0.35 15.03 5.79
C GLN A 71 -0.02 14.67 7.24
N MET A 72 0.56 13.49 7.42
CA MET A 72 0.93 13.02 8.76
C MET A 72 1.45 14.18 9.61
N LYS A 73 2.01 15.18 8.97
CA LYS A 73 2.54 16.35 9.66
C LYS A 73 1.57 16.84 10.73
N ARG A 74 0.34 17.14 10.31
CA ARG A 74 -0.68 17.62 11.22
C ARG A 74 -1.26 16.47 12.03
N ALA A 75 -1.44 15.31 11.38
CA ALA A 75 -1.99 14.14 12.04
C ALA A 75 -1.17 13.77 13.28
N ILE A 76 0.08 13.37 13.07
CA ILE A 76 0.96 13.00 14.16
C ILE A 76 0.71 13.87 15.40
N GLU A 77 0.31 15.11 15.16
CA GLU A 77 0.03 16.05 16.24
C GLU A 77 -1.32 15.74 16.89
N GLN A 78 -1.50 14.50 17.33
CA GLN A 78 -2.75 14.09 17.96
C GLN A 78 -3.94 14.77 17.30
N GLU A 79 -3.89 14.91 15.98
CA GLU A 79 -4.96 15.55 15.23
C GLU A 79 -5.92 14.50 14.66
N SER A 80 -5.39 13.31 14.39
CA SER A 80 -6.19 12.24 13.84
C SER A 80 -7.16 11.69 14.88
N GLN A 81 -6.68 11.53 16.10
CA GLN A 81 -7.50 11.01 17.19
C GLN A 81 -6.96 11.45 18.54
N MET A 82 -7.83 11.51 19.54
CA MET A 82 -7.43 11.91 20.89
C MET A 82 -7.34 10.69 21.81
N SER A 83 -6.15 10.44 22.34
CA SER A 83 -5.93 9.31 23.23
C SER A 83 -5.75 9.79 24.67
N LEU A 84 -6.35 9.06 25.60
CA LEU A 84 -6.25 9.40 27.02
C LEU A 84 -5.30 8.46 27.75
N LYS A 85 -4.54 9.01 28.68
CA LYS A 85 -3.58 8.21 29.46
C LYS A 85 -4.12 7.93 30.86
N ASP A 86 -4.41 6.66 31.13
CA ASP A 86 -4.92 6.26 32.44
C ASP A 86 -3.79 5.89 33.38
N SER A 87 -4.11 5.73 34.66
CA SER A 87 -3.11 5.38 35.67
C SER A 87 -3.72 4.48 36.74
N GLY A 88 -2.88 4.01 37.66
CA GLY A 88 -3.35 3.14 38.72
C GLY A 88 -2.39 3.11 39.91
N PRO A 89 -2.94 2.85 41.10
CA PRO A 89 -2.14 2.78 42.33
C PRO A 89 -1.24 1.56 42.37
N SER A 90 -0.63 1.31 43.53
CA SER A 90 0.26 0.18 43.69
C SER A 90 0.51 -0.11 45.17
N SER A 91 1.25 -1.18 45.45
CA SER A 91 1.55 -1.57 46.83
C SER A 91 0.31 -1.46 47.71
N GLY A 92 -0.81 -1.95 47.20
CA GLY A 92 -2.05 -1.91 47.95
C GLY A 92 -2.33 -3.21 48.69
N GLY A 1 3.54 -5.62 13.02
CA GLY A 1 3.17 -5.07 11.73
C GLY A 1 1.68 -5.09 11.48
N SER A 2 0.97 -4.11 12.05
CA SER A 2 -0.47 -4.02 11.90
C SER A 2 -0.84 -3.47 10.53
N SER A 3 -2.10 -3.63 10.16
CA SER A 3 -2.59 -3.15 8.87
C SER A 3 -3.99 -2.55 9.00
N GLY A 4 -4.18 -1.36 8.41
CA GLY A 4 -5.46 -0.71 8.48
C GLY A 4 -5.55 0.27 9.64
N SER A 5 -4.72 1.30 9.61
CA SER A 5 -4.70 2.30 10.67
C SER A 5 -5.98 3.15 10.64
N SER A 6 -6.83 2.97 11.64
CA SER A 6 -8.07 3.72 11.72
C SER A 6 -7.82 5.22 11.69
N GLY A 7 -8.24 5.87 10.61
CA GLY A 7 -8.05 7.30 10.48
C GLY A 7 -7.58 7.70 9.10
N ILE A 8 -6.29 8.00 8.98
CA ILE A 8 -5.71 8.40 7.71
C ILE A 8 -5.32 7.18 6.88
N LYS A 9 -6.01 6.98 5.76
CA LYS A 9 -5.74 5.85 4.88
C LYS A 9 -4.30 5.90 4.36
N LYS A 10 -3.85 4.81 3.78
CA LYS A 10 -2.50 4.73 3.24
C LYS A 10 -2.53 4.46 1.74
N PRO A 11 -1.57 5.05 1.01
CA PRO A 11 -1.46 4.89 -0.45
C PRO A 11 -1.04 3.47 -0.85
N MET A 12 -1.55 3.02 -1.98
CA MET A 12 -1.23 1.68 -2.48
C MET A 12 0.18 1.64 -3.05
N SER A 13 1.02 0.79 -2.47
CA SER A 13 2.40 0.66 -2.91
C SER A 13 2.48 -0.14 -4.22
N ALA A 14 3.64 -0.09 -4.86
CA ALA A 14 3.85 -0.81 -6.11
C ALA A 14 3.32 -2.23 -6.02
N SER A 15 3.58 -2.90 -4.90
CA SER A 15 3.13 -4.27 -4.69
C SER A 15 1.66 -4.43 -5.08
N ALA A 16 0.89 -3.37 -4.86
CA ALA A 16 -0.53 -3.39 -5.19
C ALA A 16 -0.77 -2.97 -6.63
N LEU A 17 -0.10 -1.90 -7.05
CA LEU A 17 -0.24 -1.39 -8.41
C LEU A 17 -0.07 -2.51 -9.43
N PHE A 18 1.13 -3.05 -9.51
CA PHE A 18 1.42 -4.14 -10.45
C PHE A 18 0.24 -5.11 -10.54
N VAL A 19 -0.31 -5.46 -9.38
CA VAL A 19 -1.45 -6.37 -9.32
C VAL A 19 -2.66 -5.79 -10.03
N GLN A 20 -3.02 -4.55 -9.68
CA GLN A 20 -4.15 -3.89 -10.28
C GLN A 20 -3.92 -3.64 -11.76
N ASP A 21 -2.67 -3.75 -12.19
CA ASP A 21 -2.32 -3.55 -13.59
C ASP A 21 -2.53 -4.82 -14.40
N HIS A 22 -2.33 -5.97 -13.75
CA HIS A 22 -2.50 -7.26 -14.40
C HIS A 22 -3.66 -8.04 -13.79
N ARG A 23 -4.37 -7.40 -12.86
CA ARG A 23 -5.49 -8.04 -12.19
C ARG A 23 -6.54 -8.50 -13.20
N PRO A 24 -7.08 -7.54 -13.97
CA PRO A 24 -8.10 -7.82 -14.99
C PRO A 24 -7.53 -8.58 -16.17
N GLN A 25 -6.26 -8.35 -16.48
CA GLN A 25 -5.60 -9.01 -17.59
C GLN A 25 -5.53 -10.51 -17.35
N PHE A 26 -5.04 -10.90 -16.17
CA PHE A 26 -4.92 -12.30 -15.82
C PHE A 26 -6.17 -13.08 -16.23
N LEU A 27 -7.31 -12.44 -16.14
CA LEU A 27 -8.58 -13.06 -16.50
C LEU A 27 -8.72 -13.17 -18.01
N ILE A 28 -8.40 -12.09 -18.71
CA ILE A 28 -8.49 -12.06 -20.17
C ILE A 28 -7.89 -13.33 -20.78
N GLU A 29 -6.63 -13.60 -20.43
CA GLU A 29 -5.95 -14.78 -20.95
C GLU A 29 -6.34 -16.03 -20.17
N ASN A 30 -6.51 -15.87 -18.86
CA ASN A 30 -6.89 -16.98 -18.00
C ASN A 30 -8.25 -16.74 -17.37
N PRO A 31 -9.32 -17.00 -18.14
CA PRO A 31 -10.70 -16.81 -17.68
C PRO A 31 -11.10 -17.84 -16.62
N LYS A 32 -10.82 -19.11 -16.91
CA LYS A 32 -11.15 -20.19 -15.98
C LYS A 32 -10.87 -19.77 -14.54
N THR A 33 -9.75 -19.08 -14.34
CA THR A 33 -9.36 -18.63 -13.01
C THR A 33 -10.33 -17.58 -12.48
N SER A 34 -10.52 -17.56 -11.17
CA SER A 34 -11.41 -16.61 -10.53
C SER A 34 -10.65 -15.38 -10.04
N LEU A 35 -11.37 -14.48 -9.37
CA LEU A 35 -10.76 -13.27 -8.85
C LEU A 35 -9.68 -13.60 -7.83
N GLU A 36 -10.10 -14.08 -6.65
CA GLU A 36 -9.17 -14.44 -5.59
C GLU A 36 -8.05 -15.31 -6.13
N ASP A 37 -8.41 -16.32 -6.92
CA ASP A 37 -7.43 -17.23 -7.50
C ASP A 37 -6.43 -16.48 -8.38
N ALA A 38 -6.95 -15.63 -9.26
CA ALA A 38 -6.11 -14.84 -10.15
C ALA A 38 -5.11 -14.01 -9.36
N THR A 39 -5.61 -13.21 -8.42
CA THR A 39 -4.77 -12.36 -7.61
C THR A 39 -3.76 -13.19 -6.80
N LEU A 40 -4.23 -14.29 -6.24
CA LEU A 40 -3.38 -15.18 -5.46
C LEU A 40 -2.11 -15.54 -6.22
N GLN A 41 -2.24 -15.64 -7.55
CA GLN A 41 -1.11 -15.98 -8.40
C GLN A 41 -0.33 -14.73 -8.80
N ILE A 42 -1.06 -13.64 -9.04
CA ILE A 42 -0.45 -12.38 -9.45
C ILE A 42 0.50 -11.87 -8.36
N GLU A 43 0.09 -12.03 -7.11
CA GLU A 43 0.90 -11.58 -5.98
C GLU A 43 2.29 -12.21 -6.01
N GLU A 44 2.33 -13.54 -6.08
CA GLU A 44 3.59 -14.26 -6.13
C GLU A 44 4.35 -13.96 -7.42
N LEU A 45 3.61 -13.79 -8.51
CA LEU A 45 4.21 -13.49 -9.80
C LEU A 45 4.97 -12.17 -9.76
N TRP A 46 4.72 -11.38 -8.73
CA TRP A 46 5.38 -10.09 -8.57
C TRP A 46 6.68 -10.24 -7.78
N LYS A 47 6.68 -11.16 -6.83
CA LYS A 47 7.86 -11.40 -5.99
C LYS A 47 8.93 -12.14 -6.78
N THR A 48 8.51 -12.86 -7.81
CA THR A 48 9.43 -13.62 -8.64
C THR A 48 10.04 -12.74 -9.74
N LEU A 49 9.93 -11.44 -9.55
CA LEU A 49 10.48 -10.48 -10.52
C LEU A 49 11.89 -10.07 -10.13
N SER A 50 12.51 -9.26 -10.99
CA SER A 50 13.88 -8.78 -10.73
C SER A 50 13.86 -7.41 -10.07
N GLU A 51 14.71 -7.24 -9.06
CA GLU A 51 14.79 -5.99 -8.33
C GLU A 51 14.57 -4.80 -9.27
N GLU A 52 15.54 -4.57 -10.16
CA GLU A 52 15.46 -3.47 -11.11
C GLU A 52 14.09 -3.45 -11.79
N GLU A 53 13.51 -4.64 -11.98
CA GLU A 53 12.21 -4.76 -12.63
C GLU A 53 11.12 -4.14 -11.76
N LYS A 54 11.27 -4.27 -10.45
CA LYS A 54 10.29 -3.73 -9.51
C LYS A 54 10.57 -2.26 -9.21
N LEU A 55 11.81 -1.83 -9.48
CA LEU A 55 12.20 -0.45 -9.24
C LEU A 55 11.39 0.50 -10.11
N LYS A 56 11.34 0.21 -11.41
CA LYS A 56 10.60 1.04 -12.36
C LYS A 56 9.21 1.36 -11.82
N TYR A 57 8.64 0.44 -11.04
CA TYR A 57 7.32 0.62 -10.46
C TYR A 57 7.39 1.46 -9.19
N GLU A 58 8.23 1.03 -8.25
CA GLU A 58 8.40 1.75 -6.99
C GLU A 58 8.31 3.26 -7.21
N GLU A 59 9.12 3.77 -8.12
CA GLU A 59 9.13 5.20 -8.42
C GLU A 59 7.72 5.77 -8.41
N LYS A 60 6.79 5.05 -9.04
CA LYS A 60 5.40 5.47 -9.11
C LYS A 60 4.78 5.53 -7.72
N ALA A 61 5.15 4.57 -6.87
CA ALA A 61 4.63 4.51 -5.51
C ALA A 61 5.33 5.52 -4.61
N THR A 62 6.64 5.36 -4.45
CA THR A 62 7.42 6.26 -3.61
C THR A 62 7.08 7.72 -3.89
N LYS A 63 6.95 8.06 -5.17
CA LYS A 63 6.62 9.41 -5.57
C LYS A 63 5.30 9.86 -4.96
N ASP A 64 4.34 8.94 -4.91
CA ASP A 64 3.03 9.23 -4.33
C ASP A 64 3.07 9.14 -2.82
N LEU A 65 4.00 8.34 -2.30
CA LEU A 65 4.13 8.16 -0.85
C LEU A 65 4.30 9.50 -0.15
N GLU A 66 4.76 10.50 -0.89
CA GLU A 66 4.96 11.84 -0.34
C GLU A 66 3.69 12.33 0.37
N ARG A 67 2.65 12.57 -0.41
CA ARG A 67 1.39 13.04 0.14
C ARG A 67 1.13 12.45 1.52
N TYR A 68 1.11 11.12 1.59
CA TYR A 68 0.87 10.43 2.86
C TYR A 68 1.63 11.10 4.00
N ASN A 69 2.89 11.45 3.74
CA ASN A 69 3.72 12.09 4.75
C ASN A 69 3.20 13.50 5.05
N SER A 70 2.90 14.26 4.01
CA SER A 70 2.40 15.61 4.17
C SER A 70 1.26 15.65 5.17
N GLN A 71 0.33 14.71 5.04
CA GLN A 71 -0.82 14.65 5.94
C GLN A 71 -0.40 14.11 7.31
N MET A 72 0.55 13.19 7.31
CA MET A 72 1.04 12.58 8.56
C MET A 72 1.48 13.66 9.53
N LYS A 73 2.16 14.68 9.02
CA LYS A 73 2.65 15.78 9.86
C LYS A 73 1.60 16.18 10.89
N ARG A 74 0.36 16.31 10.44
CA ARG A 74 -0.73 16.68 11.33
C ARG A 74 -0.95 15.63 12.41
N ALA A 75 -1.10 14.38 11.99
CA ALA A 75 -1.30 13.28 12.92
C ALA A 75 -0.19 13.21 13.95
N ILE A 76 1.01 13.61 13.55
CA ILE A 76 2.16 13.60 14.44
C ILE A 76 2.05 14.70 15.49
N GLU A 77 1.13 15.63 15.27
CA GLU A 77 0.92 16.74 16.20
C GLU A 77 -0.34 16.51 17.03
N GLN A 78 -0.56 15.27 17.43
CA GLN A 78 -1.74 14.92 18.23
C GLN A 78 -2.98 15.63 17.71
N GLU A 79 -3.13 15.67 16.40
CA GLU A 79 -4.28 16.34 15.78
C GLU A 79 -5.29 15.30 15.27
N SER A 80 -4.80 14.34 14.50
CA SER A 80 -5.66 13.30 13.95
C SER A 80 -6.50 12.64 15.05
N GLN A 81 -7.67 12.17 14.67
CA GLN A 81 -8.56 11.51 15.63
C GLN A 81 -8.07 10.11 15.97
N MET A 82 -7.53 9.95 17.16
CA MET A 82 -7.02 8.65 17.60
C MET A 82 -7.54 8.31 19.00
N SER A 83 -8.34 7.25 19.08
CA SER A 83 -8.90 6.82 20.35
C SER A 83 -7.89 6.99 21.48
N LEU A 84 -6.65 6.59 21.21
CA LEU A 84 -5.58 6.69 22.21
C LEU A 84 -4.67 7.87 21.90
N LYS A 85 -4.33 8.64 22.93
CA LYS A 85 -3.46 9.79 22.77
C LYS A 85 -2.05 9.48 23.26
N ASP A 86 -1.94 9.18 24.56
CA ASP A 86 -0.64 8.86 25.15
C ASP A 86 -0.30 7.39 24.94
N SER A 87 0.99 7.10 24.80
CA SER A 87 1.46 5.74 24.59
C SER A 87 1.77 5.06 25.92
N GLY A 88 0.95 4.08 26.28
CA GLY A 88 1.14 3.36 27.53
C GLY A 88 1.02 4.27 28.74
N PRO A 89 0.91 3.65 29.92
CA PRO A 89 0.78 4.39 31.19
C PRO A 89 2.07 5.10 31.57
N SER A 90 2.02 5.84 32.67
CA SER A 90 3.20 6.58 33.15
C SER A 90 3.83 5.88 34.34
N SER A 91 5.15 5.84 34.37
CA SER A 91 5.88 5.20 35.46
C SER A 91 7.31 5.74 35.54
N GLY A 92 7.66 6.27 36.72
CA GLY A 92 8.99 6.81 36.92
C GLY A 92 9.59 6.40 38.24
N GLY A 1 -1.31 -5.14 2.11
CA GLY A 1 -1.07 -4.33 3.28
C GLY A 1 -0.75 -5.15 4.52
N SER A 2 -0.79 -4.52 5.68
CA SER A 2 -0.51 -5.21 6.93
C SER A 2 -1.13 -4.47 8.11
N SER A 3 -1.50 -5.21 9.15
CA SER A 3 -2.11 -4.64 10.34
C SER A 3 -3.08 -3.52 9.96
N GLY A 4 -3.87 -3.77 8.91
CA GLY A 4 -4.84 -2.78 8.47
C GLY A 4 -5.76 -2.33 9.58
N SER A 5 -5.93 -1.02 9.70
CA SER A 5 -6.79 -0.46 10.74
C SER A 5 -7.08 1.02 10.47
N SER A 6 -8.20 1.50 11.00
CA SER A 6 -8.60 2.89 10.81
C SER A 6 -7.46 3.83 11.18
N GLY A 7 -7.42 5.00 10.54
CA GLY A 7 -6.39 5.97 10.81
C GLY A 7 -5.69 6.44 9.55
N ILE A 8 -4.45 6.89 9.68
CA ILE A 8 -3.68 7.37 8.54
C ILE A 8 -3.65 6.34 7.42
N LYS A 9 -4.49 6.55 6.41
CA LYS A 9 -4.55 5.64 5.27
C LYS A 9 -3.29 5.73 4.43
N LYS A 10 -2.67 4.58 4.18
CA LYS A 10 -1.44 4.52 3.39
C LYS A 10 -1.77 4.32 1.90
N PRO A 11 -0.97 4.95 1.04
CA PRO A 11 -1.15 4.84 -0.42
C PRO A 11 -0.80 3.45 -0.95
N MET A 12 -1.40 3.09 -2.07
CA MET A 12 -1.15 1.79 -2.69
C MET A 12 0.35 1.54 -2.86
N SER A 13 0.81 0.38 -2.39
CA SER A 13 2.21 0.02 -2.49
C SER A 13 2.55 -0.49 -3.89
N ALA A 14 3.82 -0.39 -4.25
CA ALA A 14 4.28 -0.86 -5.56
C ALA A 14 3.77 -2.27 -5.85
N SER A 15 3.70 -3.09 -4.81
CA SER A 15 3.24 -4.47 -4.95
C SER A 15 1.79 -4.50 -5.44
N ALA A 16 1.00 -3.52 -5.02
CA ALA A 16 -0.39 -3.43 -5.42
C ALA A 16 -0.53 -3.02 -6.88
N LEU A 17 0.11 -1.91 -7.25
CA LEU A 17 0.05 -1.42 -8.62
C LEU A 17 0.24 -2.55 -9.61
N PHE A 18 1.41 -3.17 -9.60
CA PHE A 18 1.71 -4.28 -10.50
C PHE A 18 0.52 -5.22 -10.63
N VAL A 19 -0.14 -5.49 -9.50
CA VAL A 19 -1.29 -6.37 -9.48
C VAL A 19 -2.46 -5.76 -10.23
N GLN A 20 -2.97 -4.64 -9.71
CA GLN A 20 -4.10 -3.95 -10.34
C GLN A 20 -3.87 -3.78 -11.84
N ASP A 21 -2.61 -3.87 -12.25
CA ASP A 21 -2.26 -3.73 -13.66
C ASP A 21 -2.56 -5.01 -14.43
N HIS A 22 -2.00 -6.12 -13.95
CA HIS A 22 -2.20 -7.41 -14.59
C HIS A 22 -3.29 -8.21 -13.88
N ARG A 23 -4.05 -7.53 -13.02
CA ARG A 23 -5.12 -8.17 -12.27
C ARG A 23 -6.26 -8.58 -13.20
N PRO A 24 -6.86 -7.60 -13.88
CA PRO A 24 -7.96 -7.83 -14.81
C PRO A 24 -7.52 -8.57 -16.07
N GLN A 25 -6.29 -8.31 -16.51
CA GLN A 25 -5.75 -8.94 -17.70
C GLN A 25 -5.79 -10.47 -17.57
N PHE A 26 -5.26 -10.97 -16.46
CA PHE A 26 -5.23 -12.41 -16.21
C PHE A 26 -6.60 -13.03 -16.50
N LEU A 27 -7.63 -12.51 -15.85
CA LEU A 27 -8.98 -13.00 -16.03
C LEU A 27 -9.29 -13.25 -17.51
N ILE A 28 -9.12 -12.20 -18.31
CA ILE A 28 -9.36 -12.30 -19.75
C ILE A 28 -8.75 -13.57 -20.33
N GLU A 29 -7.42 -13.65 -20.28
CA GLU A 29 -6.71 -14.82 -20.80
C GLU A 29 -7.26 -16.11 -20.21
N ASN A 30 -7.43 -16.13 -18.89
CA ASN A 30 -7.95 -17.30 -18.19
C ASN A 30 -9.26 -16.97 -17.48
N PRO A 31 -10.37 -17.00 -18.23
CA PRO A 31 -11.69 -16.70 -17.69
C PRO A 31 -12.19 -17.79 -16.75
N LYS A 32 -11.46 -18.90 -16.70
CA LYS A 32 -11.82 -20.03 -15.84
C LYS A 32 -11.34 -19.78 -14.41
N THR A 33 -10.26 -19.01 -14.27
CA THR A 33 -9.70 -18.71 -12.96
C THR A 33 -10.58 -17.73 -12.20
N SER A 34 -10.77 -17.99 -10.92
CA SER A 34 -11.60 -17.12 -10.07
C SER A 34 -10.98 -15.73 -9.96
N LEU A 35 -11.73 -14.81 -9.36
CA LEU A 35 -11.27 -13.44 -9.19
C LEU A 35 -10.01 -13.39 -8.32
N GLU A 36 -10.16 -13.81 -7.07
CA GLU A 36 -9.04 -13.82 -6.13
C GLU A 36 -7.90 -14.70 -6.65
N ASP A 37 -8.26 -15.90 -7.12
CA ASP A 37 -7.26 -16.83 -7.64
C ASP A 37 -6.33 -16.14 -8.62
N ALA A 38 -6.90 -15.60 -9.70
CA ALA A 38 -6.11 -14.90 -10.70
C ALA A 38 -5.08 -13.98 -10.07
N THR A 39 -5.44 -13.40 -8.92
CA THR A 39 -4.55 -12.49 -8.21
C THR A 39 -3.58 -13.26 -7.32
N LEU A 40 -4.06 -14.37 -6.76
CA LEU A 40 -3.23 -15.19 -5.88
C LEU A 40 -1.90 -15.54 -6.55
N GLN A 41 -1.92 -15.61 -7.88
CA GLN A 41 -0.72 -15.94 -8.64
C GLN A 41 0.07 -14.68 -8.98
N ILE A 42 -0.64 -13.63 -9.37
CA ILE A 42 0.00 -12.36 -9.71
C ILE A 42 0.79 -11.81 -8.52
N GLU A 43 0.18 -11.84 -7.34
CA GLU A 43 0.83 -11.34 -6.13
C GLU A 43 2.19 -12.00 -5.93
N GLU A 44 2.21 -13.32 -5.91
CA GLU A 44 3.45 -14.08 -5.73
C GLU A 44 4.41 -13.82 -6.88
N LEU A 45 3.87 -13.57 -8.07
CA LEU A 45 4.67 -13.30 -9.25
C LEU A 45 5.45 -12.01 -9.09
N TRP A 46 4.89 -11.06 -8.34
CA TRP A 46 5.55 -9.78 -8.11
C TRP A 46 6.73 -9.93 -7.17
N LYS A 47 6.67 -10.94 -6.30
CA LYS A 47 7.74 -11.19 -5.35
C LYS A 47 8.87 -11.99 -5.99
N THR A 48 8.58 -12.56 -7.16
CA THR A 48 9.58 -13.36 -7.88
C THR A 48 10.07 -12.62 -9.13
N LEU A 49 9.58 -11.40 -9.32
CA LEU A 49 9.96 -10.59 -10.47
C LEU A 49 11.46 -10.30 -10.44
N SER A 50 11.92 -9.52 -11.42
CA SER A 50 13.34 -9.16 -11.52
C SER A 50 13.68 -8.07 -10.50
N GLU A 51 14.93 -7.61 -10.55
CA GLU A 51 15.39 -6.57 -9.64
C GLU A 51 14.96 -5.19 -10.13
N GLU A 52 15.35 -4.86 -11.35
CA GLU A 52 15.00 -3.56 -11.93
C GLU A 52 13.49 -3.41 -12.07
N GLU A 53 12.81 -4.52 -12.33
CA GLU A 53 11.35 -4.50 -12.47
C GLU A 53 10.69 -3.91 -11.24
N LYS A 54 10.92 -4.52 -10.09
CA LYS A 54 10.35 -4.05 -8.83
C LYS A 54 10.65 -2.57 -8.62
N LEU A 55 11.82 -2.14 -9.07
CA LEU A 55 12.23 -0.75 -8.93
C LEU A 55 11.35 0.17 -9.78
N LYS A 56 11.36 -0.07 -11.09
CA LYS A 56 10.56 0.74 -12.02
C LYS A 56 9.26 1.16 -11.38
N TYR A 57 8.65 0.25 -10.62
CA TYR A 57 7.38 0.53 -9.96
C TYR A 57 7.60 1.31 -8.66
N GLU A 58 8.64 0.93 -7.93
CA GLU A 58 8.97 1.58 -6.67
C GLU A 58 8.88 3.10 -6.82
N GLU A 59 9.30 3.61 -7.97
CA GLU A 59 9.27 5.04 -8.23
C GLU A 59 7.84 5.57 -8.20
N LYS A 60 6.94 4.84 -8.86
CA LYS A 60 5.53 5.23 -8.91
C LYS A 60 4.90 5.19 -7.53
N ALA A 61 5.43 4.33 -6.66
CA ALA A 61 4.92 4.20 -5.31
C ALA A 61 5.39 5.35 -4.43
N THR A 62 6.70 5.61 -4.45
CA THR A 62 7.28 6.69 -3.65
C THR A 62 6.77 8.05 -4.11
N LYS A 63 6.40 8.14 -5.39
CA LYS A 63 5.90 9.38 -5.96
C LYS A 63 4.60 9.80 -5.27
N ASP A 64 3.85 8.82 -4.77
CA ASP A 64 2.59 9.10 -4.09
C ASP A 64 2.81 9.22 -2.58
N LEU A 65 3.93 8.72 -2.10
CA LEU A 65 4.26 8.78 -0.68
C LEU A 65 4.20 10.21 -0.17
N GLU A 66 4.60 11.15 -1.00
CA GLU A 66 4.59 12.57 -0.64
C GLU A 66 3.32 12.91 0.13
N ARG A 67 2.19 12.90 -0.56
CA ARG A 67 0.91 13.22 0.06
C ARG A 67 0.79 12.56 1.43
N TYR A 68 1.13 11.27 1.49
CA TYR A 68 1.05 10.52 2.74
C TYR A 68 1.93 11.16 3.81
N ASN A 69 3.07 11.71 3.38
CA ASN A 69 4.00 12.36 4.31
C ASN A 69 3.45 13.70 4.78
N SER A 70 2.77 14.40 3.89
CA SER A 70 2.20 15.70 4.22
C SER A 70 0.96 15.55 5.09
N GLN A 71 0.16 14.52 4.81
CA GLN A 71 -1.05 14.26 5.57
C GLN A 71 -0.71 13.75 6.97
N MET A 72 0.42 13.07 7.10
CA MET A 72 0.85 12.53 8.38
C MET A 72 1.67 13.56 9.15
N LYS A 73 2.32 14.47 8.42
CA LYS A 73 3.13 15.51 9.04
C LYS A 73 2.36 16.23 10.14
N ARG A 74 1.07 16.46 9.90
CA ARG A 74 0.21 17.14 10.86
C ARG A 74 -0.32 16.15 11.89
N ALA A 75 -0.32 14.87 11.55
CA ALA A 75 -0.80 13.83 12.44
C ALA A 75 0.20 13.54 13.55
N ILE A 76 1.47 13.83 13.28
CA ILE A 76 2.53 13.60 14.26
C ILE A 76 2.21 14.31 15.58
N GLU A 77 1.27 15.24 15.54
CA GLU A 77 0.89 15.99 16.74
C GLU A 77 -0.25 15.28 17.46
N GLN A 78 -0.04 14.00 17.77
CA GLN A 78 -1.06 13.22 18.48
C GLN A 78 -2.45 13.59 18.01
N GLU A 79 -2.57 14.01 16.75
CA GLU A 79 -3.85 14.40 16.19
C GLU A 79 -4.63 13.18 15.70
N SER A 80 -3.91 12.25 15.07
CA SER A 80 -4.53 11.03 14.55
C SER A 80 -5.47 10.41 15.59
N GLN A 81 -4.99 10.35 16.83
CA GLN A 81 -5.79 9.78 17.92
C GLN A 81 -5.48 10.48 19.24
N MET A 82 -6.15 10.05 20.30
CA MET A 82 -5.94 10.62 21.62
C MET A 82 -5.30 9.61 22.56
N SER A 83 -4.03 9.83 22.89
CA SER A 83 -3.30 8.94 23.78
C SER A 83 -2.39 9.73 24.72
N LEU A 84 -1.65 9.01 25.55
CA LEU A 84 -0.74 9.64 26.50
C LEU A 84 0.46 8.74 26.78
N LYS A 85 1.60 9.36 27.07
CA LYS A 85 2.82 8.61 27.36
C LYS A 85 3.90 9.53 27.94
N ASP A 86 4.61 9.04 28.93
CA ASP A 86 5.68 9.81 29.57
C ASP A 86 7.03 9.53 28.92
N SER A 87 8.01 10.37 29.21
CA SER A 87 9.34 10.22 28.65
C SER A 87 10.41 10.29 29.74
N GLY A 88 10.44 11.43 30.45
CA GLY A 88 11.40 11.61 31.50
C GLY A 88 12.11 12.95 31.42
N PRO A 89 11.47 14.00 31.96
CA PRO A 89 12.03 15.35 31.94
C PRO A 89 13.24 15.50 32.87
N SER A 90 14.01 16.56 32.68
CA SER A 90 15.19 16.81 33.49
C SER A 90 15.19 18.24 34.01
N SER A 91 16.23 18.58 34.78
CA SER A 91 16.35 19.91 35.36
C SER A 91 14.99 20.49 35.70
N GLY A 92 14.13 19.65 36.27
CA GLY A 92 12.80 20.09 36.65
C GLY A 92 11.78 18.97 36.62
N GLY A 1 -20.42 6.80 12.74
CA GLY A 1 -19.77 5.52 12.86
C GLY A 1 -18.85 5.20 11.70
N SER A 2 -17.58 5.58 11.83
CA SER A 2 -16.61 5.34 10.78
C SER A 2 -16.05 3.93 10.88
N SER A 3 -15.62 3.54 12.08
CA SER A 3 -15.05 2.22 12.31
C SER A 3 -14.06 1.85 11.20
N GLY A 4 -13.28 2.84 10.78
CA GLY A 4 -12.30 2.60 9.73
C GLY A 4 -11.05 1.93 10.25
N SER A 5 -10.71 0.78 9.70
CA SER A 5 -9.53 0.03 10.11
C SER A 5 -8.26 0.83 9.84
N SER A 6 -8.07 1.21 8.57
CA SER A 6 -6.90 1.98 8.17
C SER A 6 -7.07 3.46 8.52
N GLY A 7 -8.15 4.06 8.03
CA GLY A 7 -8.41 5.46 8.29
C GLY A 7 -7.62 6.37 7.39
N ILE A 8 -6.31 6.43 7.60
CA ILE A 8 -5.43 7.28 6.80
C ILE A 8 -5.32 6.75 5.38
N LYS A 9 -5.42 7.66 4.40
CA LYS A 9 -5.32 7.29 2.99
C LYS A 9 -3.90 6.88 2.63
N LYS A 10 -3.74 5.66 2.14
CA LYS A 10 -2.43 5.15 1.76
C LYS A 10 -2.35 4.95 0.25
N PRO A 11 -1.16 5.23 -0.32
CA PRO A 11 -0.93 5.09 -1.75
C PRO A 11 -0.92 3.63 -2.21
N MET A 12 -0.82 3.42 -3.51
CA MET A 12 -0.79 2.07 -4.07
C MET A 12 0.63 1.54 -4.18
N SER A 13 1.01 0.68 -3.25
CA SER A 13 2.35 0.10 -3.24
C SER A 13 2.71 -0.48 -4.60
N ALA A 14 3.99 -0.51 -4.91
CA ALA A 14 4.47 -1.04 -6.18
C ALA A 14 3.86 -2.41 -6.47
N SER A 15 3.67 -3.20 -5.42
CA SER A 15 3.10 -4.53 -5.56
C SER A 15 1.65 -4.45 -6.03
N ALA A 16 0.88 -3.54 -5.43
CA ALA A 16 -0.52 -3.36 -5.78
C ALA A 16 -0.67 -3.00 -7.25
N LEU A 17 -0.01 -1.91 -7.66
CA LEU A 17 -0.08 -1.46 -9.05
C LEU A 17 0.15 -2.61 -10.02
N PHE A 18 1.31 -3.25 -9.91
CA PHE A 18 1.66 -4.38 -10.77
C PHE A 18 0.51 -5.38 -10.83
N VAL A 19 -0.13 -5.62 -9.69
CA VAL A 19 -1.24 -6.55 -9.61
C VAL A 19 -2.44 -6.04 -10.38
N GLN A 20 -2.96 -4.89 -9.97
CA GLN A 20 -4.12 -4.28 -10.62
C GLN A 20 -3.88 -4.14 -12.12
N ASP A 21 -2.62 -4.19 -12.51
CA ASP A 21 -2.26 -4.07 -13.92
C ASP A 21 -2.50 -5.38 -14.67
N HIS A 22 -1.96 -6.47 -14.12
CA HIS A 22 -2.12 -7.79 -14.72
C HIS A 22 -3.27 -8.55 -14.09
N ARG A 23 -4.00 -7.88 -13.20
CA ARG A 23 -5.13 -8.49 -12.51
C ARG A 23 -6.25 -8.80 -13.50
N PRO A 24 -6.75 -7.76 -14.19
CA PRO A 24 -7.83 -7.90 -15.17
C PRO A 24 -7.37 -8.65 -16.42
N GLN A 25 -6.21 -8.28 -16.94
CA GLN A 25 -5.66 -8.92 -18.13
C GLN A 25 -5.74 -10.44 -18.02
N PHE A 26 -5.30 -10.95 -16.88
CA PHE A 26 -5.31 -12.40 -16.65
C PHE A 26 -6.73 -12.95 -16.70
N LEU A 27 -7.59 -12.42 -15.85
CA LEU A 27 -8.99 -12.85 -15.80
C LEU A 27 -9.59 -12.91 -17.20
N ILE A 28 -9.51 -11.79 -17.91
CA ILE A 28 -10.05 -11.71 -19.27
C ILE A 28 -9.72 -12.97 -20.06
N GLU A 29 -8.44 -13.32 -20.10
CA GLU A 29 -7.99 -14.50 -20.82
C GLU A 29 -8.51 -15.77 -20.16
N ASN A 30 -8.43 -15.83 -18.84
CA ASN A 30 -8.89 -16.98 -18.09
C ASN A 30 -10.03 -16.60 -17.15
N PRO A 31 -11.25 -16.53 -17.71
CA PRO A 31 -12.44 -16.18 -16.93
C PRO A 31 -12.85 -17.28 -15.96
N LYS A 32 -12.27 -18.46 -16.14
CA LYS A 32 -12.57 -19.59 -15.27
C LYS A 32 -12.02 -19.37 -13.86
N THR A 33 -10.78 -18.88 -13.79
CA THR A 33 -10.14 -18.62 -12.51
C THR A 33 -10.92 -17.59 -11.71
N SER A 34 -11.05 -17.83 -10.41
CA SER A 34 -11.77 -16.92 -9.53
C SER A 34 -11.06 -15.57 -9.44
N LEU A 35 -11.76 -14.59 -8.89
CA LEU A 35 -11.20 -13.24 -8.74
C LEU A 35 -9.96 -13.26 -7.87
N GLU A 36 -10.12 -13.70 -6.62
CA GLU A 36 -9.00 -13.77 -5.69
C GLU A 36 -7.86 -14.59 -6.27
N ASP A 37 -8.14 -15.84 -6.62
CA ASP A 37 -7.13 -16.72 -7.19
C ASP A 37 -6.28 -15.98 -8.22
N ALA A 38 -6.89 -15.62 -9.34
CA ALA A 38 -6.19 -14.91 -10.40
C ALA A 38 -5.20 -13.90 -9.82
N THR A 39 -5.55 -13.33 -8.68
CA THR A 39 -4.69 -12.34 -8.02
C THR A 39 -3.59 -13.03 -7.22
N LEU A 40 -3.96 -14.06 -6.47
CA LEU A 40 -2.99 -14.79 -5.65
C LEU A 40 -1.73 -15.11 -6.46
N GLN A 41 -1.92 -15.64 -7.66
CA GLN A 41 -0.81 -15.99 -8.53
C GLN A 41 0.00 -14.75 -8.91
N ILE A 42 -0.70 -13.68 -9.27
CA ILE A 42 -0.06 -12.43 -9.65
C ILE A 42 0.80 -11.89 -8.51
N GLU A 43 0.36 -12.12 -7.28
CA GLU A 43 1.10 -11.66 -6.11
C GLU A 43 2.47 -12.32 -6.03
N GLU A 44 2.50 -13.64 -6.05
CA GLU A 44 3.74 -14.39 -5.98
C GLU A 44 4.60 -14.14 -7.22
N LEU A 45 3.94 -13.84 -8.33
CA LEU A 45 4.63 -13.58 -9.59
C LEU A 45 5.37 -12.24 -9.54
N TRP A 46 5.01 -11.42 -8.56
CA TRP A 46 5.63 -10.11 -8.39
C TRP A 46 6.86 -10.21 -7.49
N LYS A 47 6.82 -11.13 -6.54
CA LYS A 47 7.93 -11.32 -5.62
C LYS A 47 9.04 -12.12 -6.27
N THR A 48 8.73 -12.76 -7.39
CA THR A 48 9.72 -13.55 -8.12
C THR A 48 10.32 -12.77 -9.27
N LEU A 49 9.97 -11.49 -9.36
CA LEU A 49 10.49 -10.62 -10.42
C LEU A 49 11.93 -10.22 -10.14
N SER A 50 12.53 -9.48 -11.07
CA SER A 50 13.90 -9.03 -10.92
C SER A 50 13.98 -7.78 -10.06
N GLU A 51 15.21 -7.32 -9.80
CA GLU A 51 15.41 -6.14 -8.98
C GLU A 51 15.00 -4.87 -9.73
N GLU A 52 15.76 -4.54 -10.78
CA GLU A 52 15.47 -3.35 -11.58
C GLU A 52 13.98 -3.28 -11.94
N GLU A 53 13.32 -4.44 -11.91
CA GLU A 53 11.91 -4.51 -12.24
C GLU A 53 11.06 -3.91 -11.12
N LYS A 54 11.25 -4.42 -9.91
CA LYS A 54 10.51 -3.93 -8.75
C LYS A 54 10.77 -2.45 -8.51
N LEU A 55 12.01 -2.02 -8.77
CA LEU A 55 12.39 -0.63 -8.60
C LEU A 55 11.52 0.29 -9.44
N LYS A 56 11.43 -0.02 -10.73
CA LYS A 56 10.63 0.78 -11.65
C LYS A 56 9.34 1.23 -10.99
N TYR A 57 8.55 0.27 -10.53
CA TYR A 57 7.28 0.57 -9.87
C TYR A 57 7.50 1.33 -8.57
N GLU A 58 8.38 0.81 -7.72
CA GLU A 58 8.67 1.45 -6.44
C GLU A 58 8.63 2.97 -6.57
N GLU A 59 9.54 3.50 -7.39
CA GLU A 59 9.61 4.95 -7.60
C GLU A 59 8.21 5.55 -7.76
N LYS A 60 7.36 4.85 -8.50
CA LYS A 60 5.99 5.31 -8.73
C LYS A 60 5.24 5.45 -7.41
N ALA A 61 5.46 4.50 -6.51
CA ALA A 61 4.80 4.51 -5.20
C ALA A 61 5.29 5.69 -4.36
N THR A 62 6.60 5.76 -4.16
CA THR A 62 7.19 6.83 -3.37
C THR A 62 6.78 8.20 -3.90
N LYS A 63 6.62 8.30 -5.21
CA LYS A 63 6.22 9.55 -5.84
C LYS A 63 4.80 9.94 -5.44
N ASP A 64 4.05 8.96 -4.95
CA ASP A 64 2.68 9.20 -4.53
C ASP A 64 2.56 9.21 -3.01
N LEU A 65 3.65 8.84 -2.34
CA LEU A 65 3.69 8.80 -0.88
C LEU A 65 3.53 10.20 -0.29
N GLU A 66 4.13 11.19 -0.97
CA GLU A 66 4.05 12.58 -0.51
C GLU A 66 2.67 12.89 0.03
N ARG A 67 1.65 12.26 -0.54
CA ARG A 67 0.27 12.48 -0.11
C ARG A 67 0.10 12.11 1.35
N TYR A 68 0.39 10.86 1.68
CA TYR A 68 0.25 10.38 3.05
C TYR A 68 0.78 11.41 4.05
N ASN A 69 1.98 11.92 3.79
CA ASN A 69 2.59 12.92 4.66
C ASN A 69 1.76 14.19 4.70
N SER A 70 1.04 14.46 3.61
CA SER A 70 0.20 15.65 3.53
C SER A 70 -1.08 15.47 4.32
N GLN A 71 -1.66 14.28 4.25
CA GLN A 71 -2.89 13.97 4.96
C GLN A 71 -2.69 14.08 6.47
N MET A 72 -1.73 13.30 6.98
CA MET A 72 -1.43 13.31 8.41
C MET A 72 -1.62 14.70 9.00
N LYS A 73 -1.33 15.72 8.20
CA LYS A 73 -1.47 17.11 8.64
C LYS A 73 -2.76 17.29 9.44
N ARG A 74 -3.90 17.20 8.76
CA ARG A 74 -5.19 17.37 9.40
C ARG A 74 -5.40 16.29 10.47
N ALA A 75 -4.75 15.15 10.29
CA ALA A 75 -4.86 14.04 11.24
C ALA A 75 -4.25 14.41 12.59
N ILE A 76 -3.17 15.17 12.55
CA ILE A 76 -2.49 15.59 13.77
C ILE A 76 -3.49 16.07 14.82
N GLU A 77 -4.53 16.76 14.36
CA GLU A 77 -5.56 17.27 15.26
C GLU A 77 -6.41 16.14 15.81
N GLN A 78 -7.42 16.49 16.61
CA GLN A 78 -8.31 15.50 17.19
C GLN A 78 -9.31 14.98 16.16
N GLU A 79 -8.80 14.57 15.01
CA GLU A 79 -9.64 14.05 13.94
C GLU A 79 -9.43 12.56 13.75
N SER A 80 -8.18 12.16 13.54
CA SER A 80 -7.84 10.75 13.35
C SER A 80 -7.82 10.01 14.68
N GLN A 81 -7.22 10.63 15.69
CA GLN A 81 -7.13 10.03 17.01
C GLN A 81 -8.48 10.06 17.71
N MET A 82 -8.69 9.11 18.62
CA MET A 82 -9.95 9.03 19.36
C MET A 82 -9.69 9.10 20.87
N SER A 83 -8.81 10.01 21.27
CA SER A 83 -8.48 10.16 22.68
C SER A 83 -9.08 11.45 23.24
N LEU A 84 -8.96 11.64 24.54
CA LEU A 84 -9.48 12.83 25.21
C LEU A 84 -8.35 13.73 25.68
N LYS A 85 -8.20 14.87 25.02
CA LYS A 85 -7.16 15.83 25.37
C LYS A 85 -7.28 17.10 24.53
N ASP A 86 -7.53 18.22 25.20
CA ASP A 86 -7.67 19.51 24.51
C ASP A 86 -6.33 19.97 23.95
N SER A 87 -6.33 20.32 22.67
CA SER A 87 -5.11 20.78 22.01
C SER A 87 -5.29 22.19 21.45
N GLY A 88 -4.18 22.82 21.08
CA GLY A 88 -4.24 24.16 20.53
C GLY A 88 -3.49 25.17 21.38
N PRO A 89 -2.14 25.09 21.35
CA PRO A 89 -1.28 25.99 22.11
C PRO A 89 -1.31 27.41 21.58
N SER A 90 -1.16 27.55 20.26
CA SER A 90 -1.17 28.87 19.63
C SER A 90 -2.36 29.68 20.09
N SER A 91 -2.35 30.98 19.79
CA SER A 91 -3.43 31.87 20.17
C SER A 91 -4.74 31.46 19.52
N GLY A 92 -5.84 31.67 20.23
CA GLY A 92 -7.15 31.32 19.70
C GLY A 92 -8.18 32.40 19.93
N GLY A 1 4.35 -7.61 11.63
CA GLY A 1 3.32 -6.96 10.85
C GLY A 1 2.41 -6.08 11.68
N SER A 2 1.21 -5.79 11.17
CA SER A 2 0.26 -4.95 11.88
C SER A 2 -1.17 -5.24 11.41
N SER A 3 -1.95 -5.86 12.29
CA SER A 3 -3.34 -6.19 11.96
C SER A 3 -4.08 -4.97 11.41
N GLY A 4 -4.44 -5.04 10.14
CA GLY A 4 -5.16 -3.93 9.52
C GLY A 4 -4.55 -2.59 9.87
N SER A 5 -5.27 -1.52 9.53
CA SER A 5 -4.80 -0.16 9.80
C SER A 5 -5.97 0.74 10.21
N SER A 6 -5.69 1.67 11.12
CA SER A 6 -6.71 2.59 11.60
C SER A 6 -6.23 4.03 11.50
N GLY A 7 -7.17 4.96 11.48
CA GLY A 7 -6.82 6.37 11.38
C GLY A 7 -6.27 6.75 10.02
N ILE A 8 -4.95 6.88 9.94
CA ILE A 8 -4.29 7.24 8.69
C ILE A 8 -4.06 6.00 7.82
N LYS A 9 -4.94 5.81 6.84
CA LYS A 9 -4.83 4.67 5.94
C LYS A 9 -3.75 4.90 4.89
N LYS A 10 -2.77 4.00 4.85
CA LYS A 10 -1.67 4.11 3.89
C LYS A 10 -2.14 3.74 2.48
N PRO A 11 -1.60 4.44 1.48
CA PRO A 11 -1.94 4.18 0.07
C PRO A 11 -1.40 2.85 -0.43
N MET A 12 -2.07 2.30 -1.43
CA MET A 12 -1.66 1.02 -2.00
C MET A 12 -0.24 1.10 -2.54
N SER A 13 0.64 0.26 -1.99
CA SER A 13 2.04 0.24 -2.42
C SER A 13 2.19 -0.49 -3.75
N ALA A 14 3.37 -0.34 -4.37
CA ALA A 14 3.65 -0.98 -5.64
C ALA A 14 3.21 -2.44 -5.62
N SER A 15 3.44 -3.11 -4.51
CA SER A 15 3.07 -4.51 -4.37
C SER A 15 1.65 -4.76 -4.83
N ALA A 16 0.78 -3.77 -4.61
CA ALA A 16 -0.61 -3.88 -5.02
C ALA A 16 -0.81 -3.35 -6.44
N LEU A 17 -0.11 -2.27 -6.78
CA LEU A 17 -0.21 -1.68 -8.10
C LEU A 17 0.07 -2.71 -9.19
N PHE A 18 1.32 -3.19 -9.23
CA PHE A 18 1.72 -4.18 -10.22
C PHE A 18 0.59 -5.17 -10.50
N VAL A 19 -0.13 -5.55 -9.45
CA VAL A 19 -1.23 -6.49 -9.57
C VAL A 19 -2.36 -5.90 -10.39
N GLN A 20 -2.90 -4.77 -9.93
CA GLN A 20 -3.99 -4.10 -10.63
C GLN A 20 -3.71 -4.02 -12.13
N ASP A 21 -2.44 -4.07 -12.48
CA ASP A 21 -2.03 -4.00 -13.89
C ASP A 21 -2.23 -5.35 -14.58
N HIS A 22 -1.58 -6.38 -14.07
CA HIS A 22 -1.69 -7.72 -14.64
C HIS A 22 -2.94 -8.43 -14.10
N ARG A 23 -3.71 -7.73 -13.29
CA ARG A 23 -4.92 -8.29 -12.71
C ARG A 23 -5.95 -8.60 -13.79
N PRO A 24 -6.34 -7.57 -14.54
CA PRO A 24 -7.32 -7.70 -15.63
C PRO A 24 -6.77 -8.49 -16.81
N GLN A 25 -5.59 -8.10 -17.27
CA GLN A 25 -4.95 -8.76 -18.40
C GLN A 25 -4.96 -10.28 -18.21
N PHE A 26 -4.89 -10.72 -16.96
CA PHE A 26 -4.89 -12.13 -16.64
C PHE A 26 -6.29 -12.74 -16.78
N LEU A 27 -7.22 -12.21 -16.00
CA LEU A 27 -8.60 -12.69 -16.03
C LEU A 27 -9.13 -12.73 -17.46
N ILE A 28 -8.79 -11.69 -18.23
CA ILE A 28 -9.23 -11.61 -19.62
C ILE A 28 -8.76 -12.82 -20.43
N GLU A 29 -7.45 -13.05 -20.42
CA GLU A 29 -6.87 -14.17 -21.15
C GLU A 29 -7.39 -15.50 -20.61
N ASN A 30 -7.52 -15.58 -19.29
CA ASN A 30 -8.00 -16.78 -18.64
C ASN A 30 -9.14 -16.48 -17.67
N PRO A 31 -10.35 -16.32 -18.22
CA PRO A 31 -11.55 -16.02 -17.42
C PRO A 31 -11.97 -17.19 -16.55
N LYS A 32 -11.53 -18.39 -16.91
CA LYS A 32 -11.86 -19.60 -16.16
C LYS A 32 -11.40 -19.48 -14.72
N THR A 33 -10.49 -18.54 -14.46
CA THR A 33 -9.96 -18.34 -13.12
C THR A 33 -10.80 -17.32 -12.35
N SER A 34 -10.93 -17.52 -11.04
CA SER A 34 -11.70 -16.62 -10.20
C SER A 34 -11.07 -15.24 -10.17
N LEU A 35 -11.64 -14.36 -9.35
CA LEU A 35 -11.13 -12.99 -9.22
C LEU A 35 -9.95 -12.94 -8.26
N GLU A 36 -10.16 -13.42 -7.04
CA GLU A 36 -9.11 -13.42 -6.03
C GLU A 36 -7.96 -14.33 -6.45
N ASP A 37 -8.28 -15.54 -6.88
CA ASP A 37 -7.27 -16.50 -7.32
C ASP A 37 -6.20 -15.81 -8.16
N ALA A 38 -6.61 -15.29 -9.31
CA ALA A 38 -5.69 -14.60 -10.20
C ALA A 38 -4.75 -13.68 -9.43
N THR A 39 -5.30 -13.02 -8.40
CA THR A 39 -4.51 -12.11 -7.58
C THR A 39 -3.52 -12.86 -6.70
N LEU A 40 -4.00 -13.95 -6.10
CA LEU A 40 -3.15 -14.76 -5.22
C LEU A 40 -1.89 -15.20 -5.95
N GLN A 41 -2.03 -15.56 -7.22
CA GLN A 41 -0.90 -16.01 -8.03
C GLN A 41 -0.08 -14.82 -8.51
N ILE A 42 -0.77 -13.73 -8.86
CA ILE A 42 -0.11 -12.53 -9.34
C ILE A 42 0.81 -11.93 -8.26
N GLU A 43 0.37 -12.05 -7.01
CA GLU A 43 1.14 -11.52 -5.89
C GLU A 43 2.50 -12.22 -5.80
N GLU A 44 2.48 -13.53 -5.55
CA GLU A 44 3.71 -14.30 -5.44
C GLU A 44 4.59 -14.12 -6.67
N LEU A 45 3.96 -13.72 -7.77
CA LEU A 45 4.69 -13.51 -9.02
C LEU A 45 5.47 -12.20 -8.98
N TRP A 46 4.99 -11.25 -8.18
CA TRP A 46 5.64 -9.95 -8.06
C TRP A 46 6.83 -10.03 -7.10
N LYS A 47 6.79 -11.00 -6.20
CA LYS A 47 7.86 -11.19 -5.22
C LYS A 47 8.99 -12.02 -5.81
N THR A 48 8.88 -12.31 -7.11
CA THR A 48 9.90 -13.11 -7.80
C THR A 48 10.40 -12.39 -9.04
N LEU A 49 9.79 -11.26 -9.36
CA LEU A 49 10.18 -10.48 -10.53
C LEU A 49 11.65 -10.07 -10.45
N SER A 50 12.11 -9.34 -11.46
CA SER A 50 13.49 -8.89 -11.50
C SER A 50 13.65 -7.56 -10.76
N GLU A 51 14.87 -7.29 -10.30
CA GLU A 51 15.16 -6.05 -9.57
C GLU A 51 14.59 -4.85 -10.31
N GLU A 52 15.10 -4.59 -11.51
CA GLU A 52 14.65 -3.46 -12.32
C GLU A 52 13.13 -3.43 -12.39
N GLU A 53 12.53 -4.54 -12.82
CA GLU A 53 11.08 -4.64 -12.94
C GLU A 53 10.40 -3.94 -11.76
N LYS A 54 10.68 -4.40 -10.55
CA LYS A 54 10.09 -3.82 -9.35
C LYS A 54 10.33 -2.31 -9.30
N LEU A 55 11.59 -1.91 -9.42
CA LEU A 55 11.95 -0.50 -9.39
C LEU A 55 10.98 0.33 -10.21
N LYS A 56 10.78 -0.08 -11.47
CA LYS A 56 9.87 0.63 -12.37
C LYS A 56 8.60 1.04 -11.64
N TYR A 57 7.97 0.07 -10.98
CA TYR A 57 6.72 0.34 -10.24
C TYR A 57 7.01 1.15 -8.98
N GLU A 58 7.98 0.68 -8.20
CA GLU A 58 8.34 1.36 -6.95
C GLU A 58 8.27 2.88 -7.12
N GLU A 59 8.94 3.38 -8.16
CA GLU A 59 8.95 4.82 -8.43
C GLU A 59 7.54 5.39 -8.39
N LYS A 60 6.60 4.65 -8.97
CA LYS A 60 5.21 5.08 -9.00
C LYS A 60 4.61 5.13 -7.60
N ALA A 61 5.15 4.31 -6.70
CA ALA A 61 4.67 4.26 -5.33
C ALA A 61 5.27 5.40 -4.50
N THR A 62 6.59 5.41 -4.38
CA THR A 62 7.28 6.44 -3.62
C THR A 62 6.77 7.83 -3.97
N LYS A 63 6.59 8.06 -5.27
CA LYS A 63 6.09 9.35 -5.74
C LYS A 63 4.78 9.72 -5.05
N ASP A 64 3.92 8.73 -4.87
CA ASP A 64 2.62 8.95 -4.22
C ASP A 64 2.76 8.88 -2.70
N LEU A 65 3.80 8.18 -2.24
CA LEU A 65 4.04 8.03 -0.82
C LEU A 65 4.28 9.39 -0.16
N GLU A 66 5.02 10.25 -0.83
CA GLU A 66 5.32 11.58 -0.31
C GLU A 66 4.12 12.16 0.43
N ARG A 67 2.95 12.05 -0.19
CA ARG A 67 1.73 12.56 0.42
C ARG A 67 1.47 11.92 1.77
N TYR A 68 1.35 10.59 1.78
CA TYR A 68 1.11 9.84 3.01
C TYR A 68 2.06 10.30 4.12
N ASN A 69 3.35 10.41 3.77
CA ASN A 69 4.35 10.83 4.73
C ASN A 69 3.93 12.11 5.45
N SER A 70 3.59 13.13 4.68
CA SER A 70 3.17 14.41 5.24
C SER A 70 2.01 14.22 6.21
N GLN A 71 1.08 13.35 5.84
CA GLN A 71 -0.08 13.07 6.69
C GLN A 71 0.34 12.40 7.99
N MET A 72 1.54 11.84 8.00
CA MET A 72 2.06 11.16 9.18
C MET A 72 2.93 12.11 10.00
N LYS A 73 3.63 13.00 9.33
CA LYS A 73 4.50 13.96 9.99
C LYS A 73 3.74 14.72 11.07
N ARG A 74 2.56 15.23 10.71
CA ARG A 74 1.73 15.98 11.64
C ARG A 74 1.14 15.06 12.71
N ALA A 75 1.28 13.75 12.51
CA ALA A 75 0.76 12.76 13.45
C ALA A 75 1.86 12.32 14.42
N ILE A 76 3.10 12.38 13.97
CA ILE A 76 4.23 11.98 14.80
C ILE A 76 4.10 12.54 16.21
N GLU A 77 3.32 13.61 16.34
CA GLU A 77 3.11 14.24 17.65
C GLU A 77 1.82 13.76 18.28
N GLN A 78 1.65 12.45 18.35
CA GLN A 78 0.45 11.86 18.93
C GLN A 78 -0.77 12.72 18.65
N GLU A 79 -0.82 13.29 17.45
CA GLU A 79 -1.94 14.14 17.06
C GLU A 79 -3.09 13.30 16.49
N SER A 80 -2.79 12.50 15.48
CA SER A 80 -3.80 11.66 14.85
C SER A 80 -4.66 10.97 15.90
N GLN A 81 -4.03 10.19 16.77
CA GLN A 81 -4.75 9.49 17.82
C GLN A 81 -5.83 10.36 18.44
N MET A 82 -6.84 9.73 19.02
CA MET A 82 -7.95 10.46 19.65
C MET A 82 -7.97 10.22 21.15
N SER A 83 -8.63 11.12 21.88
CA SER A 83 -8.72 11.01 23.33
C SER A 83 -7.33 10.88 23.96
N LEU A 84 -6.44 11.80 23.60
CA LEU A 84 -5.07 11.78 24.12
C LEU A 84 -5.06 12.13 25.61
N LYS A 85 -4.01 11.70 26.30
CA LYS A 85 -3.87 11.97 27.73
C LYS A 85 -3.51 13.43 27.98
N ASP A 86 -3.49 13.82 29.24
CA ASP A 86 -3.15 15.20 29.61
C ASP A 86 -1.80 15.25 30.32
N SER A 87 -0.80 15.74 29.60
CA SER A 87 0.55 15.85 30.15
C SER A 87 0.57 16.78 31.36
N GLY A 88 1.72 16.86 32.03
CA GLY A 88 1.86 17.71 33.20
C GLY A 88 3.30 18.11 33.47
N PRO A 89 3.96 17.34 34.35
CA PRO A 89 5.36 17.60 34.71
C PRO A 89 6.33 17.30 33.57
N SER A 90 7.19 18.26 33.26
CA SER A 90 8.17 18.10 32.19
C SER A 90 9.47 18.81 32.52
N SER A 91 10.56 18.35 31.93
CA SER A 91 11.87 18.93 32.17
C SER A 91 12.24 18.86 33.66
N GLY A 92 11.95 17.71 34.27
CA GLY A 92 12.26 17.53 35.68
C GLY A 92 12.33 16.07 36.07
N GLY A 1 8.02 -7.21 8.45
CA GLY A 1 6.70 -7.22 9.06
C GLY A 1 6.22 -5.82 9.43
N SER A 2 4.91 -5.63 9.42
CA SER A 2 4.32 -4.33 9.74
C SER A 2 2.89 -4.49 10.23
N SER A 3 2.37 -3.47 10.90
CA SER A 3 1.01 -3.49 11.41
C SER A 3 0.21 -2.31 10.88
N GLY A 4 -1.11 -2.41 10.99
CA GLY A 4 -1.98 -1.35 10.51
C GLY A 4 -2.37 -0.37 11.61
N SER A 5 -2.89 0.79 11.22
CA SER A 5 -3.29 1.80 12.18
C SER A 5 -4.41 2.67 11.61
N SER A 6 -5.52 2.76 12.33
CA SER A 6 -6.65 3.56 11.90
C SER A 6 -6.45 5.03 12.25
N GLY A 7 -6.11 5.83 11.23
CA GLY A 7 -5.89 7.25 11.45
C GLY A 7 -5.24 7.93 10.26
N ILE A 8 -4.16 7.34 9.76
CA ILE A 8 -3.45 7.89 8.62
C ILE A 8 -3.52 6.95 7.42
N LYS A 9 -4.32 7.32 6.43
CA LYS A 9 -4.48 6.53 5.22
C LYS A 9 -3.15 6.37 4.49
N LYS A 10 -2.77 5.13 4.22
CA LYS A 10 -1.52 4.85 3.52
C LYS A 10 -1.77 4.63 2.03
N PRO A 11 -0.84 5.13 1.19
CA PRO A 11 -0.94 4.99 -0.26
C PRO A 11 -0.72 3.56 -0.73
N MET A 12 -0.66 3.37 -2.04
CA MET A 12 -0.46 2.05 -2.61
C MET A 12 1.00 1.82 -2.98
N SER A 13 1.56 0.69 -2.54
CA SER A 13 2.95 0.36 -2.82
C SER A 13 3.08 -0.39 -4.14
N ALA A 14 4.26 -0.30 -4.75
CA ALA A 14 4.51 -0.97 -6.02
C ALA A 14 3.89 -2.37 -6.03
N SER A 15 3.77 -2.98 -4.86
CA SER A 15 3.19 -4.31 -4.74
C SER A 15 1.77 -4.34 -5.29
N ALA A 16 0.98 -3.34 -4.92
CA ALA A 16 -0.40 -3.25 -5.38
C ALA A 16 -0.47 -2.85 -6.85
N LEU A 17 0.20 -1.76 -7.19
CA LEU A 17 0.21 -1.28 -8.57
C LEU A 17 0.39 -2.43 -9.55
N PHE A 18 1.46 -3.20 -9.37
CA PHE A 18 1.74 -4.34 -10.24
C PHE A 18 0.52 -5.24 -10.36
N VAL A 19 -0.13 -5.50 -9.23
CA VAL A 19 -1.31 -6.36 -9.21
C VAL A 19 -2.49 -5.68 -9.90
N GLN A 20 -2.95 -4.57 -9.33
CA GLN A 20 -4.07 -3.83 -9.90
C GLN A 20 -3.85 -3.57 -11.39
N ASP A 21 -2.60 -3.67 -11.83
CA ASP A 21 -2.26 -3.45 -13.22
C ASP A 21 -2.51 -4.71 -14.06
N HIS A 22 -2.09 -5.85 -13.52
CA HIS A 22 -2.27 -7.13 -14.22
C HIS A 22 -3.43 -7.91 -13.61
N ARG A 23 -4.24 -7.23 -12.81
CA ARG A 23 -5.39 -7.87 -12.16
C ARG A 23 -6.44 -8.26 -13.20
N PRO A 24 -6.93 -7.26 -13.95
CA PRO A 24 -7.94 -7.47 -14.98
C PRO A 24 -7.40 -8.23 -16.19
N GLN A 25 -6.15 -7.95 -16.53
CA GLN A 25 -5.51 -8.61 -17.67
C GLN A 25 -5.44 -10.12 -17.45
N PHE A 26 -5.01 -10.52 -16.25
CA PHE A 26 -4.89 -11.93 -15.91
C PHE A 26 -6.22 -12.64 -16.08
N LEU A 27 -7.30 -11.99 -15.68
CA LEU A 27 -8.63 -12.56 -15.79
C LEU A 27 -9.11 -12.58 -17.24
N ILE A 28 -9.26 -11.39 -17.83
CA ILE A 28 -9.70 -11.27 -19.21
C ILE A 28 -9.08 -12.36 -20.08
N GLU A 29 -7.76 -12.34 -20.18
CA GLU A 29 -7.05 -13.32 -20.98
C GLU A 29 -7.38 -14.74 -20.53
N ASN A 30 -7.43 -14.95 -19.21
CA ASN A 30 -7.75 -16.25 -18.65
C ASN A 30 -9.11 -16.24 -17.99
N PRO A 31 -10.17 -16.39 -18.80
CA PRO A 31 -11.55 -16.40 -18.31
C PRO A 31 -11.87 -17.67 -17.53
N LYS A 32 -10.87 -18.52 -17.35
CA LYS A 32 -11.04 -19.76 -16.60
C LYS A 32 -10.46 -19.65 -15.20
N THR A 33 -10.26 -18.42 -14.74
CA THR A 33 -9.70 -18.17 -13.42
C THR A 33 -10.66 -17.37 -12.56
N SER A 34 -10.64 -17.62 -11.26
CA SER A 34 -11.52 -16.91 -10.33
C SER A 34 -10.89 -15.60 -9.87
N LEU A 35 -11.67 -14.78 -9.20
CA LEU A 35 -11.20 -13.49 -8.70
C LEU A 35 -9.90 -13.66 -7.90
N GLU A 36 -10.01 -14.29 -6.75
CA GLU A 36 -8.85 -14.52 -5.88
C GLU A 36 -7.76 -15.29 -6.64
N ASP A 37 -8.10 -16.48 -7.11
CA ASP A 37 -7.15 -17.30 -7.84
C ASP A 37 -6.25 -16.44 -8.74
N ALA A 38 -6.87 -15.55 -9.51
CA ALA A 38 -6.13 -14.67 -10.40
C ALA A 38 -5.04 -13.92 -9.65
N THR A 39 -5.42 -13.29 -8.54
CA THR A 39 -4.46 -12.53 -7.74
C THR A 39 -3.42 -13.45 -7.12
N LEU A 40 -3.87 -14.52 -6.47
CA LEU A 40 -2.97 -15.47 -5.84
C LEU A 40 -1.77 -15.76 -6.73
N GLN A 41 -2.02 -15.89 -8.02
CA GLN A 41 -0.95 -16.17 -8.98
C GLN A 41 -0.14 -14.91 -9.26
N ILE A 42 -0.82 -13.78 -9.42
CA ILE A 42 -0.16 -12.51 -9.70
C ILE A 42 0.83 -12.16 -8.59
N GLU A 43 0.43 -12.39 -7.35
CA GLU A 43 1.30 -12.11 -6.21
C GLU A 43 2.62 -12.85 -6.33
N GLU A 44 2.55 -14.18 -6.32
CA GLU A 44 3.74 -15.00 -6.42
C GLU A 44 4.57 -14.62 -7.64
N LEU A 45 3.89 -14.15 -8.68
CA LEU A 45 4.56 -13.74 -9.92
C LEU A 45 5.32 -12.45 -9.72
N TRP A 46 4.92 -11.67 -8.72
CA TRP A 46 5.56 -10.41 -8.42
C TRP A 46 6.75 -10.60 -7.48
N LYS A 47 6.72 -11.68 -6.72
CA LYS A 47 7.79 -11.98 -5.78
C LYS A 47 8.99 -12.61 -6.50
N THR A 48 8.71 -13.32 -7.58
CA THR A 48 9.75 -13.97 -8.36
C THR A 48 10.53 -12.96 -9.19
N LEU A 49 9.93 -11.79 -9.41
CA LEU A 49 10.57 -10.73 -10.18
C LEU A 49 11.89 -10.32 -9.55
N SER A 50 12.72 -9.63 -10.33
CA SER A 50 14.02 -9.19 -9.85
C SER A 50 13.92 -7.81 -9.20
N GLU A 51 15.04 -7.33 -8.66
CA GLU A 51 15.07 -6.03 -8.01
C GLU A 51 14.79 -4.91 -9.01
N GLU A 52 15.69 -4.75 -9.97
CA GLU A 52 15.54 -3.72 -10.99
C GLU A 52 14.09 -3.62 -11.45
N GLU A 53 13.53 -4.74 -11.88
CA GLU A 53 12.15 -4.78 -12.35
C GLU A 53 11.22 -4.07 -11.36
N LYS A 54 11.40 -4.37 -10.08
CA LYS A 54 10.58 -3.77 -9.03
C LYS A 54 10.88 -2.28 -8.90
N LEU A 55 12.16 -1.95 -8.79
CA LEU A 55 12.57 -0.55 -8.66
C LEU A 55 11.74 0.35 -9.55
N LYS A 56 11.47 -0.10 -10.76
CA LYS A 56 10.68 0.67 -11.71
C LYS A 56 9.29 0.93 -11.17
N TYR A 57 8.66 -0.11 -10.62
CA TYR A 57 7.31 0.01 -10.07
C TYR A 57 7.33 0.85 -8.79
N GLU A 58 8.38 0.69 -8.00
CA GLU A 58 8.52 1.43 -6.75
C GLU A 58 8.45 2.93 -7.00
N GLU A 59 8.84 3.35 -8.19
CA GLU A 59 8.82 4.76 -8.56
C GLU A 59 7.39 5.26 -8.69
N LYS A 60 6.46 4.35 -8.98
CA LYS A 60 5.06 4.70 -9.15
C LYS A 60 4.41 4.97 -7.80
N ALA A 61 4.88 4.28 -6.76
CA ALA A 61 4.35 4.47 -5.42
C ALA A 61 4.95 5.69 -4.75
N THR A 62 6.28 5.80 -4.83
CA THR A 62 6.99 6.92 -4.22
C THR A 62 6.42 8.25 -4.71
N LYS A 63 5.99 8.29 -5.97
CA LYS A 63 5.42 9.50 -6.55
C LYS A 63 4.13 9.90 -5.85
N ASP A 64 3.45 8.91 -5.27
CA ASP A 64 2.20 9.15 -4.56
C ASP A 64 2.45 9.36 -3.08
N LEU A 65 3.63 8.95 -2.62
CA LEU A 65 4.00 9.08 -1.21
C LEU A 65 4.00 10.54 -0.79
N GLU A 66 4.35 11.42 -1.72
CA GLU A 66 4.39 12.86 -1.43
C GLU A 66 3.12 13.30 -0.71
N ARG A 67 2.00 12.69 -1.07
CA ARG A 67 0.72 13.03 -0.45
C ARG A 67 0.70 12.60 1.02
N TYR A 68 1.02 11.35 1.28
CA TYR A 68 1.04 10.82 2.64
C TYR A 68 1.91 11.69 3.54
N ASN A 69 2.91 12.32 2.95
CA ASN A 69 3.81 13.18 3.71
C ASN A 69 3.10 14.44 4.19
N SER A 70 2.37 15.07 3.28
CA SER A 70 1.64 16.29 3.61
C SER A 70 0.70 16.06 4.78
N GLN A 71 -0.16 15.06 4.66
CA GLN A 71 -1.12 14.73 5.72
C GLN A 71 -0.42 14.63 7.07
N MET A 72 0.50 13.68 7.18
CA MET A 72 1.24 13.48 8.43
C MET A 72 1.48 14.82 9.13
N LYS A 73 1.71 15.86 8.34
CA LYS A 73 1.97 17.19 8.88
C LYS A 73 1.02 17.49 10.04
N ARG A 74 -0.24 17.78 9.72
CA ARG A 74 -1.24 18.08 10.73
C ARG A 74 -1.21 17.03 11.86
N ALA A 75 -0.87 15.81 11.50
CA ALA A 75 -0.81 14.72 12.47
C ALA A 75 0.15 15.06 13.61
N ILE A 76 1.36 15.49 13.25
CA ILE A 76 2.36 15.85 14.25
C ILE A 76 1.78 16.80 15.30
N GLU A 77 0.77 17.56 14.91
CA GLU A 77 0.12 18.51 15.81
C GLU A 77 -0.79 17.79 16.79
N GLN A 78 -0.23 16.84 17.53
CA GLN A 78 -0.99 16.07 18.50
C GLN A 78 -2.28 15.53 17.88
N GLU A 79 -2.27 15.35 16.56
CA GLU A 79 -3.42 14.84 15.84
C GLU A 79 -3.20 13.41 15.40
N SER A 80 -4.23 12.82 14.78
CA SER A 80 -4.14 11.44 14.31
C SER A 80 -4.09 10.46 15.48
N GLN A 81 -4.84 10.76 16.53
CA GLN A 81 -4.88 9.92 17.71
C GLN A 81 -3.48 9.69 18.27
N MET A 82 -2.71 10.77 18.36
CA MET A 82 -1.34 10.69 18.88
C MET A 82 -1.34 10.09 20.28
N SER A 83 -0.23 9.44 20.62
CA SER A 83 -0.09 8.82 21.94
C SER A 83 -0.33 9.83 23.05
N LEU A 84 -1.41 9.64 23.80
CA LEU A 84 -1.75 10.54 24.90
C LEU A 84 -1.00 10.17 26.16
N LYS A 85 -1.01 8.88 26.50
CA LYS A 85 -0.34 8.38 27.68
C LYS A 85 1.12 8.81 27.69
N ASP A 86 1.61 9.22 28.86
CA ASP A 86 2.99 9.66 29.01
C ASP A 86 3.31 10.77 28.02
N SER A 87 2.37 11.69 27.84
CA SER A 87 2.55 12.80 26.91
C SER A 87 3.71 13.69 27.36
N GLY A 88 4.52 14.13 26.40
CA GLY A 88 5.65 14.98 26.71
C GLY A 88 5.34 15.97 27.82
N PRO A 89 6.35 16.28 28.64
CA PRO A 89 6.21 17.23 29.76
C PRO A 89 6.02 18.66 29.28
N SER A 90 5.84 19.57 30.23
CA SER A 90 5.65 20.98 29.92
C SER A 90 6.25 21.87 31.00
N SER A 91 6.58 23.10 30.63
CA SER A 91 7.17 24.05 31.58
C SER A 91 6.09 24.90 32.23
N GLY A 92 6.37 25.37 33.44
CA GLY A 92 5.40 26.19 34.16
C GLY A 92 6.02 27.46 34.70
N GLY A 1 -4.05 -6.49 4.28
CA GLY A 1 -5.00 -7.14 3.40
C GLY A 1 -6.39 -6.55 3.50
N SER A 2 -7.23 -7.16 4.33
CA SER A 2 -8.61 -6.69 4.51
C SER A 2 -8.68 -5.72 5.68
N SER A 3 -8.80 -4.43 5.36
CA SER A 3 -8.88 -3.40 6.39
C SER A 3 -9.79 -2.26 5.94
N GLY A 4 -10.64 -1.79 6.84
CA GLY A 4 -11.56 -0.71 6.51
C GLY A 4 -11.01 0.64 6.93
N SER A 5 -10.15 1.21 6.09
CA SER A 5 -9.55 2.52 6.37
C SER A 5 -10.52 3.65 6.03
N SER A 6 -11.23 4.13 7.05
CA SER A 6 -12.20 5.20 6.86
C SER A 6 -11.54 6.57 7.01
N GLY A 7 -11.74 7.43 6.02
CA GLY A 7 -11.16 8.76 6.06
C GLY A 7 -10.04 8.93 5.04
N ILE A 8 -8.92 9.49 5.48
CA ILE A 8 -7.78 9.72 4.60
C ILE A 8 -7.57 8.53 3.67
N LYS A 9 -6.96 8.79 2.51
CA LYS A 9 -6.70 7.76 1.53
C LYS A 9 -5.20 7.52 1.37
N LYS A 10 -4.72 6.40 1.91
CA LYS A 10 -3.30 6.06 1.83
C LYS A 10 -2.96 5.51 0.45
N PRO A 11 -1.74 5.80 -0.02
CA PRO A 11 -1.25 5.34 -1.32
C PRO A 11 -1.01 3.84 -1.36
N MET A 12 -0.87 3.29 -2.56
CA MET A 12 -0.64 1.86 -2.73
C MET A 12 0.82 1.59 -3.07
N SER A 13 1.42 0.61 -2.40
CA SER A 13 2.81 0.25 -2.64
C SER A 13 2.96 -0.51 -3.95
N ALA A 14 4.16 -0.47 -4.52
CA ALA A 14 4.44 -1.16 -5.78
C ALA A 14 3.85 -2.56 -5.78
N SER A 15 3.88 -3.21 -4.61
CA SER A 15 3.34 -4.56 -4.48
C SER A 15 1.90 -4.64 -5.00
N ALA A 16 1.07 -3.70 -4.54
CA ALA A 16 -0.33 -3.66 -4.95
C ALA A 16 -0.46 -3.17 -6.38
N LEU A 17 0.14 -2.02 -6.67
CA LEU A 17 0.08 -1.43 -8.00
C LEU A 17 0.29 -2.50 -9.08
N PHE A 18 1.40 -3.23 -8.97
CA PHE A 18 1.71 -4.29 -9.94
C PHE A 18 0.52 -5.25 -10.09
N VAL A 19 -0.02 -5.68 -8.96
CA VAL A 19 -1.16 -6.60 -8.96
C VAL A 19 -2.34 -6.00 -9.72
N GLN A 20 -2.83 -4.86 -9.24
CA GLN A 20 -3.96 -4.19 -9.87
C GLN A 20 -3.72 -4.02 -11.37
N ASP A 21 -2.46 -3.92 -11.76
CA ASP A 21 -2.10 -3.76 -13.17
C ASP A 21 -2.37 -5.04 -13.95
N HIS A 22 -1.72 -6.14 -13.52
CA HIS A 22 -1.89 -7.42 -14.18
C HIS A 22 -3.05 -8.20 -13.58
N ARG A 23 -3.84 -7.52 -12.74
CA ARG A 23 -4.98 -8.15 -12.10
C ARG A 23 -6.07 -8.46 -13.12
N PRO A 24 -6.57 -7.42 -13.79
CA PRO A 24 -7.62 -7.55 -14.80
C PRO A 24 -7.13 -8.26 -16.06
N GLN A 25 -6.01 -7.79 -16.60
CA GLN A 25 -5.43 -8.38 -17.81
C GLN A 25 -5.53 -9.90 -17.77
N PHE A 26 -5.28 -10.48 -16.60
CA PHE A 26 -5.34 -11.92 -16.43
C PHE A 26 -6.78 -12.43 -16.62
N LEU A 27 -7.73 -11.72 -16.01
CA LEU A 27 -9.13 -12.09 -16.11
C LEU A 27 -9.66 -11.88 -17.52
N ILE A 28 -9.52 -10.65 -18.02
CA ILE A 28 -9.98 -10.33 -19.36
C ILE A 28 -9.82 -11.51 -20.31
N GLU A 29 -8.64 -12.12 -20.28
CA GLU A 29 -8.34 -13.27 -21.13
C GLU A 29 -8.85 -14.56 -20.49
N ASN A 30 -8.59 -14.71 -19.20
CA ASN A 30 -9.01 -15.90 -18.47
C ASN A 30 -9.99 -15.54 -17.36
N PRO A 31 -11.27 -15.36 -17.73
CA PRO A 31 -12.33 -15.01 -16.78
C PRO A 31 -12.66 -16.17 -15.84
N LYS A 32 -12.79 -17.36 -16.40
CA LYS A 32 -13.11 -18.55 -15.62
C LYS A 32 -12.32 -18.56 -14.31
N THR A 33 -11.02 -18.28 -14.40
CA THR A 33 -10.15 -18.26 -13.23
C THR A 33 -10.68 -17.30 -12.18
N SER A 34 -11.25 -17.85 -11.11
CA SER A 34 -11.80 -17.03 -10.03
C SER A 34 -10.90 -15.82 -9.76
N LEU A 35 -11.52 -14.75 -9.26
CA LEU A 35 -10.78 -13.52 -8.96
C LEU A 35 -9.61 -13.80 -8.02
N GLU A 36 -9.93 -14.29 -6.83
CA GLU A 36 -8.91 -14.61 -5.83
C GLU A 36 -7.82 -15.49 -6.43
N ASP A 37 -8.23 -16.49 -7.21
CA ASP A 37 -7.30 -17.40 -7.85
C ASP A 37 -6.37 -16.66 -8.80
N ALA A 38 -6.93 -15.75 -9.59
CA ALA A 38 -6.16 -14.97 -10.54
C ALA A 38 -5.05 -14.20 -9.85
N THR A 39 -5.37 -13.62 -8.70
CA THR A 39 -4.40 -12.84 -7.93
C THR A 39 -3.37 -13.75 -7.29
N LEU A 40 -3.85 -14.79 -6.60
CA LEU A 40 -2.96 -15.73 -5.94
C LEU A 40 -1.74 -16.04 -6.79
N GLN A 41 -1.96 -16.12 -8.11
CA GLN A 41 -0.87 -16.41 -9.04
C GLN A 41 -0.01 -15.19 -9.27
N ILE A 42 -0.66 -14.04 -9.43
CA ILE A 42 0.06 -12.79 -9.66
C ILE A 42 0.96 -12.45 -8.48
N GLU A 43 0.43 -12.57 -7.27
CA GLU A 43 1.20 -12.28 -6.06
C GLU A 43 2.57 -12.93 -6.12
N GLU A 44 2.59 -14.24 -6.29
CA GLU A 44 3.85 -14.99 -6.37
C GLU A 44 4.66 -14.57 -7.59
N LEU A 45 3.96 -14.21 -8.66
CA LEU A 45 4.62 -13.79 -9.90
C LEU A 45 5.35 -12.46 -9.69
N TRP A 46 4.97 -11.74 -8.64
CA TRP A 46 5.58 -10.45 -8.34
C TRP A 46 6.74 -10.62 -7.37
N LYS A 47 6.67 -11.65 -6.53
CA LYS A 47 7.71 -11.92 -5.55
C LYS A 47 8.96 -12.48 -6.23
N THR A 48 8.76 -13.37 -7.20
CA THR A 48 9.87 -13.98 -7.92
C THR A 48 10.63 -12.93 -8.74
N LEU A 49 9.91 -11.91 -9.20
CA LEU A 49 10.51 -10.84 -9.99
C LEU A 49 11.82 -10.39 -9.37
N SER A 50 12.64 -9.68 -10.16
CA SER A 50 13.93 -9.19 -9.68
C SER A 50 13.79 -7.78 -9.13
N GLU A 51 14.86 -7.27 -8.53
CA GLU A 51 14.87 -5.93 -7.97
C GLU A 51 14.70 -4.87 -9.06
N GLU A 52 15.70 -4.76 -9.92
CA GLU A 52 15.66 -3.79 -11.01
C GLU A 52 14.25 -3.64 -11.55
N GLU A 53 13.53 -4.75 -11.64
CA GLU A 53 12.16 -4.75 -12.14
C GLU A 53 11.24 -3.97 -11.20
N LYS A 54 11.15 -4.44 -9.95
CA LYS A 54 10.32 -3.80 -8.95
C LYS A 54 10.67 -2.32 -8.80
N LEU A 55 11.95 -2.01 -8.98
CA LEU A 55 12.41 -0.63 -8.86
C LEU A 55 11.61 0.30 -9.76
N LYS A 56 11.59 -0.02 -11.05
CA LYS A 56 10.85 0.80 -12.02
C LYS A 56 9.48 1.17 -11.48
N TYR A 57 8.90 0.28 -10.69
CA TYR A 57 7.59 0.52 -10.10
C TYR A 57 7.69 1.37 -8.84
N GLU A 58 8.66 1.03 -7.99
CA GLU A 58 8.88 1.76 -6.75
C GLU A 58 8.67 3.27 -6.97
N GLU A 59 9.43 3.84 -7.88
CA GLU A 59 9.34 5.27 -8.17
C GLU A 59 7.87 5.69 -8.35
N LYS A 60 7.16 4.97 -9.21
CA LYS A 60 5.76 5.26 -9.46
C LYS A 60 4.98 5.38 -8.16
N ALA A 61 5.24 4.46 -7.24
CA ALA A 61 4.56 4.46 -5.95
C ALA A 61 4.90 5.71 -5.14
N THR A 62 6.18 5.87 -4.85
CA THR A 62 6.65 7.03 -4.07
C THR A 62 6.09 8.33 -4.65
N LYS A 63 5.93 8.37 -5.96
CA LYS A 63 5.40 9.56 -6.63
C LYS A 63 4.10 10.02 -5.97
N ASP A 64 3.28 9.06 -5.56
CA ASP A 64 2.01 9.36 -4.92
C ASP A 64 2.22 9.70 -3.44
N LEU A 65 3.12 8.96 -2.80
CA LEU A 65 3.42 9.18 -1.38
C LEU A 65 3.48 10.67 -1.06
N GLU A 66 4.16 11.43 -1.92
CA GLU A 66 4.29 12.87 -1.72
C GLU A 66 2.95 13.48 -1.33
N ARG A 67 1.96 13.31 -2.20
CA ARG A 67 0.63 13.87 -1.94
C ARG A 67 0.13 13.46 -0.56
N TYR A 68 0.17 12.16 -0.28
CA TYR A 68 -0.29 11.65 1.01
C TYR A 68 0.36 12.41 2.16
N ASN A 69 1.66 12.63 2.05
CA ASN A 69 2.41 13.35 3.08
C ASN A 69 1.78 14.72 3.34
N SER A 70 1.29 15.35 2.28
CA SER A 70 0.68 16.67 2.40
C SER A 70 -0.79 16.56 2.80
N GLN A 71 -1.43 15.47 2.37
CA GLN A 71 -2.83 15.23 2.69
C GLN A 71 -3.02 14.97 4.19
N MET A 72 -1.92 14.65 4.87
CA MET A 72 -1.96 14.39 6.29
C MET A 72 -1.77 15.68 7.10
N LYS A 73 -0.89 16.53 6.61
CA LYS A 73 -0.61 17.80 7.29
C LYS A 73 -1.89 18.43 7.82
N ARG A 74 -2.87 18.62 6.94
CA ARG A 74 -4.13 19.22 7.32
C ARG A 74 -4.89 18.30 8.28
N ALA A 75 -4.83 17.00 8.02
CA ALA A 75 -5.50 16.02 8.86
C ALA A 75 -5.04 16.13 10.31
N ILE A 76 -3.75 16.34 10.50
CA ILE A 76 -3.19 16.47 11.84
C ILE A 76 -4.11 17.26 12.76
N GLU A 77 -4.82 18.22 12.19
CA GLU A 77 -5.75 19.05 12.95
C GLU A 77 -7.11 18.38 13.06
N GLN A 78 -7.12 17.11 13.44
CA GLN A 78 -8.36 16.35 13.57
C GLN A 78 -9.37 16.79 12.53
N GLU A 79 -8.92 16.97 11.29
CA GLU A 79 -9.79 17.39 10.20
C GLU A 79 -10.49 16.18 9.57
N SER A 80 -9.72 15.15 9.28
CA SER A 80 -10.26 13.93 8.67
C SER A 80 -11.30 13.29 9.58
N GLN A 81 -12.32 12.69 8.97
CA GLN A 81 -13.38 12.04 9.72
C GLN A 81 -12.81 11.03 10.72
N MET A 82 -12.92 11.34 12.00
CA MET A 82 -12.42 10.46 13.05
C MET A 82 -13.19 10.67 14.35
N SER A 83 -12.85 9.89 15.37
CA SER A 83 -13.51 9.98 16.66
C SER A 83 -12.96 11.16 17.46
N LEU A 84 -13.73 11.59 18.46
CA LEU A 84 -13.32 12.71 19.30
C LEU A 84 -13.47 12.36 20.78
N LYS A 85 -12.54 12.85 21.60
CA LYS A 85 -12.57 12.58 23.03
C LYS A 85 -12.48 13.89 23.81
N ASP A 86 -11.84 14.89 23.22
CA ASP A 86 -11.70 16.19 23.88
C ASP A 86 -11.29 16.03 25.34
N SER A 87 -10.40 15.07 25.60
CA SER A 87 -9.93 14.80 26.95
C SER A 87 -8.54 15.39 27.17
N GLY A 88 -7.64 15.15 26.22
CA GLY A 88 -6.30 15.66 26.33
C GLY A 88 -5.45 14.86 27.30
N PRO A 89 -4.25 15.38 27.60
CA PRO A 89 -3.31 14.72 28.51
C PRO A 89 -3.81 14.74 29.96
N SER A 90 -3.35 13.77 30.75
CA SER A 90 -3.75 13.67 32.15
C SER A 90 -2.56 13.93 33.07
N SER A 91 -2.82 14.56 34.20
CA SER A 91 -1.77 14.87 35.17
C SER A 91 -2.12 14.32 36.55
N GLY A 92 -1.10 13.94 37.30
CA GLY A 92 -1.32 13.40 38.64
C GLY A 92 -0.24 13.82 39.61
N GLY A 1 -16.24 7.40 8.80
CA GLY A 1 -14.79 7.50 8.89
C GLY A 1 -14.10 6.19 8.63
N SER A 2 -13.71 5.50 9.70
CA SER A 2 -13.03 4.22 9.57
C SER A 2 -13.11 3.43 10.88
N SER A 3 -12.94 2.11 10.78
CA SER A 3 -13.01 1.25 11.94
C SER A 3 -11.73 0.43 12.08
N GLY A 4 -11.28 0.24 13.32
CA GLY A 4 -10.07 -0.53 13.57
C GLY A 4 -8.86 0.37 13.75
N SER A 5 -8.94 1.29 14.70
CA SER A 5 -7.83 2.20 14.97
C SER A 5 -7.26 2.77 13.67
N SER A 6 -8.13 2.97 12.69
CA SER A 6 -7.71 3.50 11.40
C SER A 6 -7.92 5.02 11.33
N GLY A 7 -7.22 5.66 10.40
CA GLY A 7 -7.34 7.10 10.25
C GLY A 7 -6.67 7.61 9.00
N ILE A 8 -5.57 6.97 8.62
CA ILE A 8 -4.81 7.37 7.43
C ILE A 8 -4.84 6.27 6.37
N LYS A 9 -5.52 6.54 5.26
CA LYS A 9 -5.62 5.57 4.17
C LYS A 9 -4.33 5.52 3.37
N LYS A 10 -3.39 4.70 3.82
CA LYS A 10 -2.11 4.55 3.13
C LYS A 10 -2.30 4.38 1.64
N PRO A 11 -1.42 5.02 0.85
CA PRO A 11 -1.48 4.95 -0.61
C PRO A 11 -1.10 3.58 -1.15
N MET A 12 -1.41 3.33 -2.41
CA MET A 12 -1.10 2.05 -3.04
C MET A 12 0.40 1.90 -3.26
N SER A 13 0.93 0.73 -2.94
CA SER A 13 2.35 0.46 -3.09
C SER A 13 2.63 -0.24 -4.42
N ALA A 14 3.86 -0.10 -4.90
CA ALA A 14 4.25 -0.72 -6.17
C ALA A 14 3.66 -2.10 -6.31
N SER A 15 3.44 -2.78 -5.18
CA SER A 15 2.88 -4.12 -5.18
C SER A 15 1.42 -4.10 -5.67
N ALA A 16 0.58 -3.34 -4.97
CA ALA A 16 -0.82 -3.24 -5.33
C ALA A 16 -0.98 -2.74 -6.77
N LEU A 17 -0.11 -1.83 -7.17
CA LEU A 17 -0.16 -1.27 -8.51
C LEU A 17 0.08 -2.36 -9.57
N PHE A 18 1.17 -3.09 -9.42
CA PHE A 18 1.51 -4.16 -10.35
C PHE A 18 0.39 -5.20 -10.42
N VAL A 19 -0.24 -5.45 -9.28
CA VAL A 19 -1.33 -6.42 -9.20
C VAL A 19 -2.55 -5.92 -9.98
N GLN A 20 -3.02 -4.74 -9.64
CA GLN A 20 -4.19 -4.16 -10.30
C GLN A 20 -3.90 -3.92 -11.78
N ASP A 21 -2.64 -4.06 -12.17
CA ASP A 21 -2.23 -3.88 -13.56
C ASP A 21 -2.46 -5.15 -14.37
N HIS A 22 -2.37 -6.29 -13.71
CA HIS A 22 -2.56 -7.58 -14.36
C HIS A 22 -3.78 -8.30 -13.80
N ARG A 23 -4.53 -7.61 -12.94
CA ARG A 23 -5.72 -8.18 -12.34
C ARG A 23 -6.76 -8.54 -13.39
N PRO A 24 -7.21 -7.52 -14.15
CA PRO A 24 -8.20 -7.70 -15.20
C PRO A 24 -7.64 -8.47 -16.40
N GLN A 25 -6.43 -8.12 -16.80
CA GLN A 25 -5.78 -8.77 -17.94
C GLN A 25 -5.76 -10.29 -17.74
N PHE A 26 -5.25 -10.73 -16.60
CA PHE A 26 -5.16 -12.15 -16.29
C PHE A 26 -6.47 -12.86 -16.66
N LEU A 27 -7.57 -12.36 -16.13
CA LEU A 27 -8.88 -12.95 -16.41
C LEU A 27 -9.25 -12.79 -17.88
N ILE A 28 -9.29 -11.54 -18.35
CA ILE A 28 -9.63 -11.25 -19.72
C ILE A 28 -9.12 -12.35 -20.66
N GLU A 29 -7.95 -12.88 -20.34
CA GLU A 29 -7.34 -13.93 -21.15
C GLU A 29 -7.66 -15.32 -20.57
N ASN A 30 -7.65 -15.40 -19.25
CA ASN A 30 -7.94 -16.66 -18.56
C ASN A 30 -9.11 -16.51 -17.61
N PRO A 31 -10.33 -16.59 -18.17
CA PRO A 31 -11.57 -16.46 -17.38
C PRO A 31 -11.80 -17.66 -16.48
N LYS A 32 -11.40 -18.83 -16.95
CA LYS A 32 -11.56 -20.07 -16.18
C LYS A 32 -11.04 -19.90 -14.76
N THR A 33 -10.20 -18.88 -14.55
CA THR A 33 -9.65 -18.61 -13.23
C THR A 33 -10.39 -17.48 -12.55
N SER A 34 -10.82 -17.73 -11.31
CA SER A 34 -11.54 -16.73 -10.54
C SER A 34 -10.60 -15.63 -10.04
N LEU A 35 -11.18 -14.52 -9.60
CA LEU A 35 -10.40 -13.40 -9.10
C LEU A 35 -9.37 -13.87 -8.08
N GLU A 36 -9.83 -14.25 -6.90
CA GLU A 36 -8.95 -14.73 -5.84
C GLU A 36 -7.77 -15.49 -6.42
N ASP A 37 -8.05 -16.65 -7.02
CA ASP A 37 -7.01 -17.47 -7.62
C ASP A 37 -6.09 -16.63 -8.50
N ALA A 38 -6.68 -15.89 -9.44
CA ALA A 38 -5.91 -15.05 -10.33
C ALA A 38 -4.90 -14.20 -9.57
N THR A 39 -5.39 -13.46 -8.58
CA THR A 39 -4.53 -12.61 -7.78
C THR A 39 -3.47 -13.42 -7.05
N LEU A 40 -3.91 -14.41 -6.28
CA LEU A 40 -2.99 -15.27 -5.54
C LEU A 40 -1.74 -15.56 -6.36
N GLN A 41 -1.93 -15.81 -7.64
CA GLN A 41 -0.80 -16.11 -8.54
C GLN A 41 -0.01 -14.84 -8.85
N ILE A 42 -0.73 -13.74 -9.10
CA ILE A 42 -0.09 -12.47 -9.42
C ILE A 42 0.80 -12.01 -8.27
N GLU A 43 0.36 -12.25 -7.04
CA GLU A 43 1.13 -11.86 -5.86
C GLU A 43 2.52 -12.47 -5.89
N GLU A 44 2.58 -13.80 -5.94
CA GLU A 44 3.86 -14.50 -5.98
C GLU A 44 4.64 -14.18 -7.25
N LEU A 45 3.89 -13.92 -8.33
CA LEU A 45 4.52 -13.59 -9.61
C LEU A 45 5.15 -12.20 -9.57
N TRP A 46 4.88 -11.47 -8.51
CA TRP A 46 5.42 -10.13 -8.34
C TRP A 46 6.70 -10.15 -7.51
N LYS A 47 6.77 -11.09 -6.57
CA LYS A 47 7.93 -11.24 -5.70
C LYS A 47 9.09 -11.92 -6.44
N THR A 48 8.75 -12.92 -7.25
CA THR A 48 9.76 -13.66 -8.00
C THR A 48 10.46 -12.76 -9.00
N LEU A 49 9.94 -11.54 -9.16
CA LEU A 49 10.53 -10.58 -10.09
C LEU A 49 11.93 -10.16 -9.63
N SER A 50 12.64 -9.45 -10.49
CA SER A 50 13.99 -8.99 -10.17
C SER A 50 13.94 -7.59 -9.56
N GLU A 51 14.98 -7.25 -8.80
CA GLU A 51 15.07 -5.95 -8.15
C GLU A 51 14.75 -4.83 -9.14
N GLU A 52 15.57 -4.70 -10.17
CA GLU A 52 15.37 -3.68 -11.19
C GLU A 52 13.92 -3.64 -11.65
N GLU A 53 13.36 -4.82 -11.90
CA GLU A 53 11.97 -4.93 -12.35
C GLU A 53 11.04 -4.17 -11.41
N LYS A 54 11.15 -4.45 -10.12
CA LYS A 54 10.32 -3.79 -9.13
C LYS A 54 10.59 -2.28 -9.09
N LEU A 55 11.86 -1.93 -9.00
CA LEU A 55 12.26 -0.52 -8.95
C LEU A 55 11.37 0.32 -9.86
N LYS A 56 11.33 -0.02 -11.14
CA LYS A 56 10.52 0.71 -12.10
C LYS A 56 9.15 1.04 -11.52
N TYR A 57 8.57 0.08 -10.81
CA TYR A 57 7.26 0.27 -10.19
C TYR A 57 7.39 0.98 -8.85
N GLU A 58 8.52 0.78 -8.18
CA GLU A 58 8.76 1.41 -6.89
C GLU A 58 8.88 2.93 -7.03
N GLU A 59 9.10 3.38 -8.25
CA GLU A 59 9.24 4.80 -8.53
C GLU A 59 7.88 5.50 -8.51
N LYS A 60 6.82 4.74 -8.82
CA LYS A 60 5.47 5.27 -8.85
C LYS A 60 4.96 5.52 -7.44
N ALA A 61 5.02 4.48 -6.60
CA ALA A 61 4.58 4.59 -5.21
C ALA A 61 5.28 5.72 -4.49
N THR A 62 6.61 5.75 -4.59
CA THR A 62 7.42 6.78 -3.95
C THR A 62 6.89 8.18 -4.30
N LYS A 63 6.65 8.41 -5.59
CA LYS A 63 6.16 9.70 -6.05
C LYS A 63 4.88 10.08 -5.32
N ASP A 64 4.11 9.08 -4.92
CA ASP A 64 2.86 9.31 -4.21
C ASP A 64 3.10 9.51 -2.72
N LEU A 65 4.00 8.70 -2.16
CA LEU A 65 4.33 8.78 -0.74
C LEU A 65 4.35 10.24 -0.27
N GLU A 66 4.68 11.14 -1.18
CA GLU A 66 4.73 12.56 -0.86
C GLU A 66 3.49 12.99 -0.09
N ARG A 67 2.35 12.98 -0.77
CA ARG A 67 1.09 13.37 -0.15
C ARG A 67 1.05 12.96 1.32
N TYR A 68 1.12 11.66 1.57
CA TYR A 68 1.10 11.15 2.93
C TYR A 68 1.95 12.01 3.86
N ASN A 69 3.13 12.39 3.39
CA ASN A 69 4.04 13.21 4.17
C ASN A 69 3.39 14.54 4.54
N SER A 70 2.67 15.12 3.58
CA SER A 70 2.00 16.40 3.79
C SER A 70 0.74 16.21 4.64
N GLN A 71 0.15 15.02 4.57
CA GLN A 71 -1.05 14.72 5.33
C GLN A 71 -0.74 14.60 6.82
N MET A 72 0.31 13.84 7.14
CA MET A 72 0.71 13.63 8.52
C MET A 72 0.60 14.93 9.31
N LYS A 73 1.41 15.92 8.94
CA LYS A 73 1.40 17.21 9.60
C LYS A 73 -0.02 17.62 9.99
N ARG A 74 -0.99 17.22 9.18
CA ARG A 74 -2.38 17.55 9.43
C ARG A 74 -3.02 16.51 10.34
N ALA A 75 -3.07 15.27 9.88
CA ALA A 75 -3.66 14.18 10.66
C ALA A 75 -3.26 14.28 12.13
N ILE A 76 -2.08 14.85 12.38
CA ILE A 76 -1.59 15.00 13.74
C ILE A 76 -2.69 15.49 14.68
N GLU A 77 -3.29 16.62 14.33
CA GLU A 77 -4.37 17.19 15.13
C GLU A 77 -5.52 16.20 15.29
N GLN A 78 -6.54 16.60 16.05
CA GLN A 78 -7.70 15.75 16.28
C GLN A 78 -8.09 15.00 15.00
N GLU A 79 -7.75 15.59 13.86
CA GLU A 79 -8.06 14.98 12.57
C GLU A 79 -7.91 13.46 12.63
N SER A 80 -6.71 13.01 13.00
CA SER A 80 -6.44 11.59 13.10
C SER A 80 -5.89 11.23 14.48
N GLN A 81 -5.94 9.94 14.81
CA GLN A 81 -5.44 9.48 16.10
C GLN A 81 -3.99 9.03 16.00
N MET A 82 -3.26 9.16 17.10
CA MET A 82 -1.85 8.77 17.14
C MET A 82 -1.69 7.39 17.76
N SER A 83 -0.53 6.77 17.51
CA SER A 83 -0.25 5.45 18.04
C SER A 83 1.18 5.36 18.57
N LEU A 84 1.51 4.26 19.22
CA LEU A 84 2.85 4.05 19.78
C LEU A 84 3.87 3.84 18.67
N LYS A 85 5.11 4.26 18.92
CA LYS A 85 6.18 4.12 17.94
C LYS A 85 7.49 3.79 18.64
N ASP A 86 8.32 2.99 17.96
CA ASP A 86 9.62 2.61 18.52
C ASP A 86 10.69 2.60 17.43
N SER A 87 11.78 3.32 17.68
CA SER A 87 12.88 3.40 16.72
C SER A 87 14.21 3.58 17.45
N GLY A 88 15.29 3.12 16.80
CA GLY A 88 16.61 3.25 17.39
C GLY A 88 17.68 2.55 16.57
N PRO A 89 18.80 2.21 17.22
CA PRO A 89 19.93 1.53 16.56
C PRO A 89 19.59 0.09 16.18
N SER A 90 18.35 -0.32 16.46
CA SER A 90 17.91 -1.67 16.15
C SER A 90 18.45 -2.12 14.80
N SER A 91 18.73 -3.42 14.68
CA SER A 91 19.26 -3.98 13.44
C SER A 91 18.13 -4.24 12.44
N GLY A 92 17.18 -5.08 12.84
CA GLY A 92 16.06 -5.39 11.97
C GLY A 92 15.56 -6.82 12.16
N GLY A 1 -9.56 -10.59 4.99
CA GLY A 1 -9.28 -9.28 4.45
C GLY A 1 -8.30 -8.50 5.31
N SER A 2 -8.81 -7.61 6.16
CA SER A 2 -7.98 -6.81 7.03
C SER A 2 -8.40 -6.97 8.49
N SER A 3 -7.74 -7.88 9.19
CA SER A 3 -8.04 -8.13 10.60
C SER A 3 -7.71 -6.91 11.45
N GLY A 4 -8.74 -6.17 11.85
CA GLY A 4 -8.52 -4.99 12.67
C GLY A 4 -8.60 -3.71 11.87
N SER A 5 -8.63 -2.58 12.55
CA SER A 5 -8.70 -1.28 11.90
C SER A 5 -7.57 -0.37 12.38
N SER A 6 -7.17 0.57 11.52
CA SER A 6 -6.10 1.50 11.85
C SER A 6 -6.51 2.94 11.54
N GLY A 7 -6.22 3.84 12.47
CA GLY A 7 -6.57 5.23 12.28
C GLY A 7 -5.90 5.84 11.06
N ILE A 8 -4.62 5.54 10.88
CA ILE A 8 -3.87 6.06 9.73
C ILE A 8 -3.99 5.13 8.54
N LYS A 9 -4.43 5.67 7.41
CA LYS A 9 -4.58 4.89 6.19
C LYS A 9 -3.29 4.89 5.38
N LYS A 10 -2.86 3.71 4.98
CA LYS A 10 -1.63 3.57 4.20
C LYS A 10 -1.94 3.54 2.71
N PRO A 11 -1.05 4.14 1.91
CA PRO A 11 -1.20 4.20 0.45
C PRO A 11 -1.01 2.84 -0.21
N MET A 12 -0.96 2.82 -1.53
CA MET A 12 -0.78 1.59 -2.28
C MET A 12 0.68 1.40 -2.68
N SER A 13 1.33 0.40 -2.09
CA SER A 13 2.73 0.12 -2.38
C SER A 13 2.89 -0.44 -3.80
N ALA A 14 4.11 -0.37 -4.32
CA ALA A 14 4.39 -0.87 -5.66
C ALA A 14 3.87 -2.29 -5.84
N SER A 15 3.97 -3.09 -4.78
CA SER A 15 3.50 -4.47 -4.83
C SER A 15 2.04 -4.55 -5.26
N ALA A 16 1.25 -3.57 -4.81
CA ALA A 16 -0.16 -3.51 -5.15
C ALA A 16 -0.36 -3.08 -6.60
N LEU A 17 0.38 -2.04 -7.01
CA LEU A 17 0.28 -1.52 -8.36
C LEU A 17 0.38 -2.65 -9.39
N PHE A 18 1.53 -3.32 -9.41
CA PHE A 18 1.76 -4.41 -10.35
C PHE A 18 0.55 -5.35 -10.39
N VAL A 19 -0.03 -5.60 -9.22
CA VAL A 19 -1.19 -6.48 -9.12
C VAL A 19 -2.39 -5.90 -9.85
N GLN A 20 -2.77 -4.68 -9.48
CA GLN A 20 -3.90 -4.01 -10.12
C GLN A 20 -3.68 -3.84 -11.61
N ASP A 21 -2.41 -3.72 -12.00
CA ASP A 21 -2.05 -3.55 -13.40
C ASP A 21 -2.39 -4.81 -14.19
N HIS A 22 -1.78 -5.93 -13.81
CA HIS A 22 -2.00 -7.19 -14.49
C HIS A 22 -3.13 -7.98 -13.83
N ARG A 23 -3.89 -7.30 -12.96
CA ARG A 23 -4.99 -7.93 -12.25
C ARG A 23 -6.00 -8.53 -13.23
N PRO A 24 -6.57 -7.68 -14.10
CA PRO A 24 -7.54 -8.10 -15.10
C PRO A 24 -6.91 -8.95 -16.20
N GLN A 25 -5.71 -8.57 -16.61
CA GLN A 25 -5.00 -9.30 -17.66
C GLN A 25 -5.13 -10.80 -17.47
N PHE A 26 -5.08 -11.24 -16.22
CA PHE A 26 -5.20 -12.66 -15.90
C PHE A 26 -6.62 -13.16 -16.18
N LEU A 27 -7.60 -12.31 -15.93
CA LEU A 27 -9.00 -12.67 -16.15
C LEU A 27 -9.32 -12.72 -17.64
N ILE A 28 -8.89 -11.71 -18.37
CA ILE A 28 -9.12 -11.64 -19.81
C ILE A 28 -8.69 -12.92 -20.50
N GLU A 29 -7.42 -13.26 -20.37
CA GLU A 29 -6.87 -14.47 -20.98
C GLU A 29 -7.48 -15.72 -20.33
N ASN A 30 -7.70 -15.65 -19.03
CA ASN A 30 -8.28 -16.78 -18.30
C ASN A 30 -9.43 -16.32 -17.40
N PRO A 31 -10.62 -16.14 -18.01
CA PRO A 31 -11.82 -15.70 -17.29
C PRO A 31 -12.34 -16.77 -16.34
N LYS A 32 -12.14 -18.04 -16.70
CA LYS A 32 -12.59 -19.16 -15.88
C LYS A 32 -12.05 -19.03 -14.45
N THR A 33 -11.04 -18.18 -14.28
CA THR A 33 -10.43 -17.99 -12.97
C THR A 33 -10.93 -16.69 -12.33
N SER A 34 -11.58 -16.81 -11.18
CA SER A 34 -12.10 -15.65 -10.46
C SER A 34 -11.00 -14.63 -10.19
N LEU A 35 -11.38 -13.39 -9.95
CA LEU A 35 -10.43 -12.32 -9.67
C LEU A 35 -9.56 -12.67 -8.48
N GLU A 36 -10.07 -13.53 -7.60
CA GLU A 36 -9.33 -13.95 -6.41
C GLU A 36 -8.19 -14.89 -6.79
N ASP A 37 -8.55 -16.09 -7.25
CA ASP A 37 -7.55 -17.08 -7.63
C ASP A 37 -6.53 -16.47 -8.59
N ALA A 38 -7.02 -15.62 -9.51
CA ALA A 38 -6.15 -14.97 -10.48
C ALA A 38 -5.12 -14.08 -9.80
N THR A 39 -5.59 -13.24 -8.88
CA THR A 39 -4.71 -12.34 -8.16
C THR A 39 -3.75 -13.10 -7.25
N LEU A 40 -4.30 -13.99 -6.44
CA LEU A 40 -3.49 -14.79 -5.53
C LEU A 40 -2.17 -15.20 -6.18
N GLN A 41 -2.20 -15.37 -7.49
CA GLN A 41 -0.99 -15.75 -8.23
C GLN A 41 -0.18 -14.53 -8.63
N ILE A 42 -0.87 -13.48 -9.08
CA ILE A 42 -0.21 -12.26 -9.48
C ILE A 42 0.61 -11.67 -8.34
N GLU A 43 0.14 -11.87 -7.12
CA GLU A 43 0.83 -11.36 -5.94
C GLU A 43 2.20 -12.01 -5.79
N GLU A 44 2.20 -13.34 -5.77
CA GLU A 44 3.45 -14.09 -5.63
C GLU A 44 4.38 -13.84 -6.82
N LEU A 45 3.79 -13.72 -8.00
CA LEU A 45 4.56 -13.48 -9.22
C LEU A 45 5.32 -12.16 -9.13
N TRP A 46 4.95 -11.33 -8.16
CA TRP A 46 5.59 -10.04 -7.97
C TRP A 46 6.79 -10.17 -7.03
N LYS A 47 6.76 -11.18 -6.18
CA LYS A 47 7.85 -11.42 -5.23
C LYS A 47 8.96 -12.22 -5.87
N THR A 48 8.80 -12.54 -7.15
CA THR A 48 9.80 -13.31 -7.89
C THR A 48 10.30 -12.54 -9.11
N LEU A 49 9.85 -11.30 -9.24
CA LEU A 49 10.24 -10.47 -10.37
C LEU A 49 11.72 -10.11 -10.29
N SER A 50 12.20 -9.33 -11.26
CA SER A 50 13.59 -8.93 -11.31
C SER A 50 13.79 -7.60 -10.58
N GLU A 51 14.99 -7.41 -10.02
CA GLU A 51 15.31 -6.18 -9.29
C GLU A 51 14.79 -4.96 -10.04
N GLU A 52 15.41 -4.67 -11.18
CA GLU A 52 15.02 -3.52 -11.99
C GLU A 52 13.50 -3.44 -12.12
N GLU A 53 12.91 -4.45 -12.76
CA GLU A 53 11.47 -4.49 -12.96
C GLU A 53 10.74 -3.89 -11.76
N LYS A 54 11.09 -4.36 -10.56
CA LYS A 54 10.46 -3.88 -9.33
C LYS A 54 10.71 -2.39 -9.16
N LEU A 55 11.94 -1.95 -9.41
CA LEU A 55 12.30 -0.55 -9.29
C LEU A 55 11.43 0.32 -10.19
N LYS A 56 11.31 -0.07 -11.45
CA LYS A 56 10.51 0.67 -12.42
C LYS A 56 9.12 0.96 -11.85
N TYR A 57 8.66 0.10 -10.94
CA TYR A 57 7.36 0.27 -10.33
C TYR A 57 7.44 1.17 -9.10
N GLU A 58 8.45 0.94 -8.27
CA GLU A 58 8.64 1.73 -7.05
C GLU A 58 8.37 3.20 -7.32
N GLU A 59 8.95 3.72 -8.40
CA GLU A 59 8.78 5.12 -8.76
C GLU A 59 7.34 5.56 -8.53
N LYS A 60 6.39 4.70 -8.88
CA LYS A 60 4.97 5.00 -8.70
C LYS A 60 4.61 5.09 -7.22
N ALA A 61 4.97 4.06 -6.47
CA ALA A 61 4.68 4.01 -5.04
C ALA A 61 5.26 5.24 -4.33
N THR A 62 6.55 5.47 -4.55
CA THR A 62 7.23 6.61 -3.92
C THR A 62 6.56 7.92 -4.30
N LYS A 63 6.21 8.06 -5.58
CA LYS A 63 5.57 9.27 -6.06
C LYS A 63 4.23 9.49 -5.36
N ASP A 64 3.66 8.41 -4.83
CA ASP A 64 2.38 8.49 -4.12
C ASP A 64 2.59 8.46 -2.62
N LEU A 65 3.85 8.36 -2.20
CA LEU A 65 4.19 8.32 -0.78
C LEU A 65 4.08 9.71 -0.16
N GLU A 66 4.35 10.74 -0.96
CA GLU A 66 4.29 12.12 -0.47
C GLU A 66 3.09 12.31 0.45
N ARG A 67 2.00 11.58 0.17
CA ARG A 67 0.79 11.68 0.98
C ARG A 67 1.06 11.24 2.41
N TYR A 68 1.17 9.93 2.60
CA TYR A 68 1.42 9.37 3.93
C TYR A 68 2.54 10.13 4.64
N ASN A 69 3.59 10.45 3.90
CA ASN A 69 4.73 11.19 4.46
C ASN A 69 4.26 12.45 5.17
N SER A 70 3.41 13.21 4.48
CA SER A 70 2.90 14.46 5.04
C SER A 70 1.85 14.18 6.12
N GLN A 71 0.92 13.28 5.80
CA GLN A 71 -0.14 12.93 6.74
C GLN A 71 0.42 12.71 8.14
N MET A 72 1.35 11.78 8.26
CA MET A 72 1.97 11.47 9.55
C MET A 72 2.14 12.73 10.39
N LYS A 73 2.44 13.84 9.72
CA LYS A 73 2.62 15.12 10.40
C LYS A 73 1.62 15.27 11.55
N ARG A 74 0.34 15.23 11.21
CA ARG A 74 -0.72 15.36 12.22
C ARG A 74 -0.69 14.19 13.20
N ALA A 75 -0.34 13.01 12.69
CA ALA A 75 -0.27 11.81 13.51
C ALA A 75 0.78 11.95 14.60
N ILE A 76 1.75 12.83 14.37
CA ILE A 76 2.82 13.06 15.34
C ILE A 76 2.32 13.85 16.53
N GLU A 77 1.17 14.51 16.36
CA GLU A 77 0.58 15.30 17.43
C GLU A 77 -0.47 14.50 18.19
N GLN A 78 -0.24 13.19 18.32
CA GLN A 78 -1.16 12.32 19.03
C GLN A 78 -2.58 12.45 18.46
N GLU A 79 -2.67 12.62 17.15
CA GLU A 79 -3.96 12.76 16.48
C GLU A 79 -4.30 11.52 15.67
N SER A 80 -3.79 10.37 16.11
CA SER A 80 -4.03 9.11 15.41
C SER A 80 -4.46 8.03 16.39
N GLN A 81 -5.09 6.98 15.87
CA GLN A 81 -5.56 5.88 16.69
C GLN A 81 -4.50 4.79 16.80
N MET A 82 -3.27 5.21 17.08
CA MET A 82 -2.16 4.26 17.22
C MET A 82 -1.04 4.86 18.07
N SER A 83 -0.22 4.00 18.64
CA SER A 83 0.89 4.43 19.49
C SER A 83 2.22 3.96 18.93
N LEU A 84 2.93 4.86 18.26
CA LEU A 84 4.23 4.53 17.68
C LEU A 84 5.37 5.16 18.48
N LYS A 85 6.04 4.33 19.27
CA LYS A 85 7.16 4.80 20.09
C LYS A 85 8.01 5.82 19.33
N ASP A 86 8.54 6.79 20.05
CA ASP A 86 9.38 7.82 19.44
C ASP A 86 10.86 7.51 19.66
N SER A 87 11.58 7.31 18.55
CA SER A 87 13.00 7.00 18.63
C SER A 87 13.82 8.26 18.96
N GLY A 88 14.78 8.10 19.87
CA GLY A 88 15.61 9.22 20.27
C GLY A 88 14.84 10.52 20.28
N PRO A 89 14.02 10.72 21.33
CA PRO A 89 13.22 11.93 21.48
C PRO A 89 14.07 13.16 21.81
N SER A 90 15.12 12.96 22.59
CA SER A 90 16.02 14.03 22.98
C SER A 90 15.34 14.97 23.98
N SER A 91 14.64 14.37 24.95
CA SER A 91 13.95 15.14 25.97
C SER A 91 14.86 16.22 26.56
N GLY A 92 16.08 15.82 26.91
CA GLY A 92 17.02 16.75 27.48
C GLY A 92 16.84 16.94 28.97
N GLY A 1 6.40 -10.48 1.37
CA GLY A 1 6.75 -9.57 2.45
C GLY A 1 5.91 -9.80 3.69
N SER A 2 6.22 -9.06 4.76
CA SER A 2 5.49 -9.19 6.01
C SER A 2 4.46 -8.07 6.15
N SER A 3 3.43 -8.33 6.94
CA SER A 3 2.36 -7.35 7.15
C SER A 3 2.20 -7.03 8.64
N GLY A 4 2.61 -5.83 9.03
CA GLY A 4 2.50 -5.42 10.42
C GLY A 4 1.14 -4.84 10.76
N SER A 5 0.77 -4.90 12.04
CA SER A 5 -0.51 -4.39 12.49
C SER A 5 -0.50 -2.86 12.54
N SER A 6 -0.67 -2.23 11.39
CA SER A 6 -0.67 -0.78 11.30
C SER A 6 -2.05 -0.26 10.93
N GLY A 7 -2.56 0.68 11.73
CA GLY A 7 -3.87 1.25 11.48
C GLY A 7 -3.86 2.26 10.34
N ILE A 8 -2.89 3.16 10.37
CA ILE A 8 -2.76 4.19 9.34
C ILE A 8 -2.85 3.58 7.94
N LYS A 9 -4.01 3.75 7.30
CA LYS A 9 -4.23 3.22 5.96
C LYS A 9 -3.04 3.55 5.05
N LYS A 10 -2.71 2.62 4.16
CA LYS A 10 -1.61 2.81 3.23
C LYS A 10 -2.10 2.84 1.79
N PRO A 11 -1.44 3.63 0.94
CA PRO A 11 -1.80 3.76 -0.47
C PRO A 11 -1.48 2.50 -1.27
N MET A 12 -1.48 2.63 -2.59
CA MET A 12 -1.19 1.49 -3.46
C MET A 12 0.29 1.45 -3.84
N SER A 13 1.09 0.87 -2.95
CA SER A 13 2.53 0.77 -3.18
C SER A 13 2.82 0.03 -4.49
N ALA A 14 4.08 0.07 -4.91
CA ALA A 14 4.48 -0.60 -6.14
C ALA A 14 3.96 -2.04 -6.19
N SER A 15 3.66 -2.59 -5.02
CA SER A 15 3.16 -3.95 -4.92
C SER A 15 1.74 -4.05 -5.46
N ALA A 16 0.83 -3.27 -4.87
CA ALA A 16 -0.56 -3.26 -5.29
C ALA A 16 -0.70 -2.83 -6.75
N LEU A 17 0.01 -1.77 -7.11
CA LEU A 17 -0.03 -1.26 -8.47
C LEU A 17 0.15 -2.38 -9.48
N PHE A 18 1.21 -3.16 -9.31
CA PHE A 18 1.50 -4.27 -10.22
C PHE A 18 0.34 -5.26 -10.25
N VAL A 19 -0.30 -5.45 -9.09
CA VAL A 19 -1.43 -6.37 -8.99
C VAL A 19 -2.65 -5.82 -9.74
N GLN A 20 -2.92 -4.53 -9.56
CA GLN A 20 -4.05 -3.89 -10.22
C GLN A 20 -3.82 -3.80 -11.73
N ASP A 21 -2.56 -3.75 -12.13
CA ASP A 21 -2.21 -3.65 -13.54
C ASP A 21 -2.49 -4.98 -14.25
N HIS A 22 -1.94 -6.06 -13.71
CA HIS A 22 -2.13 -7.39 -14.30
C HIS A 22 -3.35 -8.08 -13.69
N ARG A 23 -4.11 -7.34 -12.89
CA ARG A 23 -5.30 -7.89 -12.25
C ARG A 23 -6.34 -8.29 -13.29
N PRO A 24 -6.79 -7.32 -14.09
CA PRO A 24 -7.80 -7.56 -15.14
C PRO A 24 -7.25 -8.38 -16.29
N GLN A 25 -6.03 -8.08 -16.70
CA GLN A 25 -5.37 -8.79 -17.79
C GLN A 25 -5.43 -10.29 -17.57
N PHE A 26 -5.09 -10.71 -16.35
CA PHE A 26 -5.09 -12.13 -16.00
C PHE A 26 -6.45 -12.77 -16.31
N LEU A 27 -7.49 -12.22 -15.71
CA LEU A 27 -8.85 -12.73 -15.93
C LEU A 27 -9.24 -12.65 -17.40
N ILE A 28 -9.18 -11.45 -17.95
CA ILE A 28 -9.53 -11.25 -19.36
C ILE A 28 -9.10 -12.43 -20.21
N GLU A 29 -7.81 -12.74 -20.19
CA GLU A 29 -7.28 -13.86 -20.96
C GLU A 29 -7.71 -15.19 -20.35
N ASN A 30 -7.69 -15.27 -19.02
CA ASN A 30 -8.07 -16.47 -18.32
C ASN A 30 -9.32 -16.24 -17.48
N PRO A 31 -10.49 -16.19 -18.15
CA PRO A 31 -11.77 -15.97 -17.48
C PRO A 31 -12.21 -17.17 -16.64
N LYS A 32 -11.60 -18.32 -16.91
CA LYS A 32 -11.91 -19.54 -16.18
C LYS A 32 -11.48 -19.44 -14.73
N THR A 33 -10.57 -18.51 -14.45
CA THR A 33 -10.08 -18.31 -13.09
C THR A 33 -10.91 -17.26 -12.36
N SER A 34 -11.08 -17.45 -11.04
CA SER A 34 -11.85 -16.53 -10.23
C SER A 34 -11.06 -15.25 -9.96
N LEU A 35 -11.65 -14.36 -9.16
CA LEU A 35 -11.01 -13.11 -8.81
C LEU A 35 -9.82 -13.33 -7.88
N GLU A 36 -10.08 -14.00 -6.76
CA GLU A 36 -9.02 -14.28 -5.78
C GLU A 36 -7.88 -15.06 -6.43
N ASP A 37 -8.21 -16.22 -6.98
CA ASP A 37 -7.22 -17.07 -7.63
C ASP A 37 -6.33 -16.24 -8.56
N ALA A 38 -6.96 -15.50 -9.47
CA ALA A 38 -6.23 -14.67 -10.41
C ALA A 38 -5.15 -13.85 -9.71
N THR A 39 -5.49 -13.34 -8.53
CA THR A 39 -4.55 -12.54 -7.75
C THR A 39 -3.45 -13.41 -7.15
N LEU A 40 -3.86 -14.43 -6.39
CA LEU A 40 -2.92 -15.33 -5.75
C LEU A 40 -1.70 -15.57 -6.64
N GLN A 41 -1.94 -15.71 -7.94
CA GLN A 41 -0.86 -15.94 -8.89
C GLN A 41 -0.06 -14.66 -9.12
N ILE A 42 -0.76 -13.54 -9.26
CA ILE A 42 -0.11 -12.25 -9.48
C ILE A 42 0.84 -11.91 -8.34
N GLU A 43 0.31 -11.95 -7.11
CA GLU A 43 1.12 -11.63 -5.93
C GLU A 43 2.43 -12.41 -5.95
N GLU A 44 2.33 -13.73 -6.08
CA GLU A 44 3.51 -14.59 -6.11
C GLU A 44 4.37 -14.29 -7.34
N LEU A 45 3.73 -13.81 -8.40
CA LEU A 45 4.43 -13.49 -9.64
C LEU A 45 5.14 -12.15 -9.52
N TRP A 46 4.87 -11.43 -8.43
CA TRP A 46 5.49 -10.13 -8.19
C TRP A 46 6.61 -10.25 -7.18
N LYS A 47 6.56 -11.29 -6.36
CA LYS A 47 7.58 -11.52 -5.34
C LYS A 47 8.81 -12.20 -5.93
N THR A 48 8.60 -12.94 -7.02
CA THR A 48 9.70 -13.64 -7.68
C THR A 48 10.46 -12.71 -8.61
N LEU A 49 9.85 -11.59 -8.95
CA LEU A 49 10.48 -10.61 -9.85
C LEU A 49 11.85 -10.22 -9.33
N SER A 50 12.61 -9.51 -10.16
CA SER A 50 13.94 -9.07 -9.78
C SER A 50 13.93 -7.61 -9.33
N GLU A 51 14.96 -7.22 -8.59
CA GLU A 51 15.07 -5.86 -8.09
C GLU A 51 14.75 -4.84 -9.19
N GLU A 52 15.67 -4.71 -10.14
CA GLU A 52 15.50 -3.78 -11.25
C GLU A 52 14.03 -3.71 -11.67
N GLU A 53 13.51 -4.82 -12.18
CA GLU A 53 12.13 -4.89 -12.62
C GLU A 53 11.21 -4.12 -11.67
N LYS A 54 11.43 -4.30 -10.37
CA LYS A 54 10.63 -3.63 -9.35
C LYS A 54 10.95 -2.14 -9.30
N LEU A 55 12.23 -1.82 -9.16
CA LEU A 55 12.67 -0.44 -9.10
C LEU A 55 11.85 0.44 -10.03
N LYS A 56 11.61 -0.06 -11.24
CA LYS A 56 10.83 0.68 -12.24
C LYS A 56 9.49 1.12 -11.65
N TYR A 57 8.78 0.18 -11.04
CA TYR A 57 7.48 0.48 -10.46
C TYR A 57 7.64 1.32 -9.19
N GLU A 58 8.66 1.00 -8.39
CA GLU A 58 8.91 1.72 -7.16
C GLU A 58 8.83 3.23 -7.38
N GLU A 59 9.51 3.71 -8.42
CA GLU A 59 9.51 5.12 -8.75
C GLU A 59 8.08 5.67 -8.79
N LYS A 60 7.14 4.84 -9.22
CA LYS A 60 5.75 5.23 -9.30
C LYS A 60 5.11 5.26 -7.92
N ALA A 61 5.56 4.39 -7.04
CA ALA A 61 5.03 4.32 -5.68
C ALA A 61 5.49 5.52 -4.85
N THR A 62 6.79 5.78 -4.88
CA THR A 62 7.35 6.90 -4.13
C THR A 62 6.62 8.19 -4.43
N LYS A 63 6.21 8.35 -5.68
CA LYS A 63 5.49 9.55 -6.11
C LYS A 63 4.06 9.55 -5.58
N ASP A 64 3.59 8.37 -5.19
CA ASP A 64 2.23 8.23 -4.66
C ASP A 64 2.26 7.86 -3.18
N LEU A 65 3.47 7.78 -2.62
CA LEU A 65 3.63 7.42 -1.22
C LEU A 65 3.42 8.65 -0.31
N GLU A 66 3.50 9.83 -0.91
CA GLU A 66 3.30 11.07 -0.17
C GLU A 66 1.95 11.08 0.54
N ARG A 67 1.07 10.17 0.13
CA ARG A 67 -0.25 10.07 0.71
C ARG A 67 -0.18 9.50 2.14
N TYR A 68 0.75 8.57 2.34
CA TYR A 68 0.92 7.95 3.64
C TYR A 68 1.54 8.92 4.64
N ASN A 69 2.66 9.52 4.26
CA ASN A 69 3.36 10.47 5.12
C ASN A 69 2.39 11.51 5.68
N SER A 70 1.27 11.70 4.98
CA SER A 70 0.26 12.67 5.40
C SER A 70 -0.74 12.03 6.36
N GLN A 71 -1.26 10.87 5.97
CA GLN A 71 -2.23 10.15 6.80
C GLN A 71 -1.65 9.86 8.18
N MET A 72 -0.33 9.92 8.29
CA MET A 72 0.34 9.65 9.56
C MET A 72 0.73 10.96 10.24
N LYS A 73 1.31 11.88 9.47
CA LYS A 73 1.72 13.18 10.00
C LYS A 73 0.63 13.78 10.87
N ARG A 74 -0.62 13.49 10.54
CA ARG A 74 -1.75 14.02 11.30
C ARG A 74 -1.95 13.23 12.59
N ALA A 75 -1.67 11.92 12.53
CA ALA A 75 -1.83 11.06 13.70
C ALA A 75 -0.82 11.44 14.79
N ILE A 76 0.33 11.95 14.37
CA ILE A 76 1.37 12.35 15.31
C ILE A 76 0.77 13.01 16.54
N GLU A 77 -0.37 13.65 16.37
CA GLU A 77 -1.05 14.33 17.48
C GLU A 77 -2.28 13.53 17.92
N GLN A 78 -2.94 14.01 18.98
CA GLN A 78 -4.13 13.35 19.50
C GLN A 78 -5.05 12.92 18.36
N GLU A 79 -5.02 13.65 17.26
CA GLU A 79 -5.85 13.35 16.11
C GLU A 79 -5.95 11.84 15.90
N SER A 80 -4.81 11.16 15.96
CA SER A 80 -4.77 9.72 15.77
C SER A 80 -5.96 9.04 16.45
N GLN A 81 -6.30 7.86 15.97
CA GLN A 81 -7.43 7.10 16.53
C GLN A 81 -7.23 6.86 18.02
N MET A 82 -8.17 6.12 18.62
CA MET A 82 -8.10 5.80 20.04
C MET A 82 -6.72 5.26 20.40
N SER A 83 -6.28 5.53 21.63
CA SER A 83 -4.98 5.07 22.10
C SER A 83 -5.14 4.14 23.30
N LEU A 84 -6.10 3.22 23.22
CA LEU A 84 -6.35 2.28 24.30
C LEU A 84 -5.30 1.17 24.31
N LYS A 85 -4.94 0.69 23.12
CA LYS A 85 -3.95 -0.37 23.00
C LYS A 85 -2.56 0.21 22.70
N ASP A 86 -1.58 -0.20 23.47
CA ASP A 86 -0.21 0.27 23.30
C ASP A 86 0.60 -0.70 22.45
N SER A 87 1.49 -0.16 21.63
CA SER A 87 2.33 -0.98 20.76
C SER A 87 3.75 -1.08 21.31
N GLY A 88 4.29 0.05 21.76
CA GLY A 88 5.63 0.07 22.30
C GLY A 88 6.37 1.36 22.01
N PRO A 89 6.05 2.41 22.79
CA PRO A 89 6.67 3.72 22.63
C PRO A 89 8.14 3.73 23.05
N SER A 90 8.86 4.77 22.64
CA SER A 90 10.27 4.89 22.97
C SER A 90 10.76 6.32 22.76
N SER A 91 11.70 6.74 23.59
CA SER A 91 12.25 8.10 23.51
C SER A 91 12.78 8.38 22.11
N GLY A 92 12.67 9.64 21.68
CA GLY A 92 13.13 10.02 20.36
C GLY A 92 12.17 10.93 19.64
N GLY A 1 7.31 -2.58 7.33
CA GLY A 1 7.60 -1.38 8.11
C GLY A 1 6.53 -1.10 9.14
N SER A 2 6.15 0.18 9.24
CA SER A 2 5.12 0.59 10.20
C SER A 2 3.88 1.10 9.48
N SER A 3 3.03 0.18 9.04
CA SER A 3 1.81 0.55 8.33
C SER A 3 0.77 1.11 9.30
N GLY A 4 -0.09 1.99 8.79
CA GLY A 4 -1.12 2.58 9.62
C GLY A 4 -2.47 1.95 9.42
N SER A 5 -3.17 1.65 10.51
CA SER A 5 -4.48 1.03 10.45
C SER A 5 -5.53 1.89 11.16
N SER A 6 -5.14 2.45 12.31
CA SER A 6 -6.04 3.29 13.08
C SER A 6 -5.84 4.76 12.74
N GLY A 7 -6.44 5.19 11.64
CA GLY A 7 -6.32 6.57 11.22
C GLY A 7 -5.54 6.72 9.93
N ILE A 8 -4.40 7.39 9.99
CA ILE A 8 -3.56 7.60 8.81
C ILE A 8 -3.21 6.28 8.15
N LYS A 9 -3.48 6.18 6.85
CA LYS A 9 -3.20 4.97 6.10
C LYS A 9 -1.96 5.16 5.21
N LYS A 10 -1.65 4.15 4.40
CA LYS A 10 -0.51 4.21 3.50
C LYS A 10 -0.95 4.09 2.05
N PRO A 11 -0.25 4.80 1.15
CA PRO A 11 -0.55 4.77 -0.28
C PRO A 11 -0.21 3.44 -0.93
N MET A 12 -1.06 2.98 -1.84
CA MET A 12 -0.84 1.72 -2.53
C MET A 12 0.62 1.57 -2.93
N SER A 13 1.25 0.50 -2.45
CA SER A 13 2.66 0.24 -2.75
C SER A 13 2.80 -0.36 -4.15
N ALA A 14 3.96 -0.13 -4.76
CA ALA A 14 4.24 -0.64 -6.10
C ALA A 14 3.63 -2.03 -6.28
N SER A 15 3.77 -2.88 -5.26
CA SER A 15 3.24 -4.23 -5.31
C SER A 15 1.80 -4.24 -5.82
N ALA A 16 0.98 -3.38 -5.23
CA ALA A 16 -0.42 -3.28 -5.62
C ALA A 16 -0.56 -2.86 -7.09
N LEU A 17 0.02 -1.72 -7.43
CA LEU A 17 -0.04 -1.21 -8.80
C LEU A 17 0.18 -2.35 -9.80
N PHE A 18 1.31 -3.03 -9.68
CA PHE A 18 1.63 -4.13 -10.58
C PHE A 18 0.47 -5.10 -10.70
N VAL A 19 -0.12 -5.46 -9.57
CA VAL A 19 -1.25 -6.38 -9.54
C VAL A 19 -2.42 -5.84 -10.36
N GLN A 20 -2.81 -4.60 -10.05
CA GLN A 20 -3.92 -3.96 -10.76
C GLN A 20 -3.68 -3.99 -12.27
N ASP A 21 -2.43 -3.89 -12.68
CA ASP A 21 -2.08 -3.91 -14.09
C ASP A 21 -2.37 -5.27 -14.72
N HIS A 22 -1.72 -6.30 -14.18
CA HIS A 22 -1.91 -7.66 -14.69
C HIS A 22 -3.10 -8.34 -14.00
N ARG A 23 -3.89 -7.53 -13.28
CA ARG A 23 -5.05 -8.04 -12.57
C ARG A 23 -6.11 -8.53 -13.57
N PRO A 24 -6.60 -7.62 -14.41
CA PRO A 24 -7.61 -7.93 -15.42
C PRO A 24 -7.08 -8.83 -16.53
N GLN A 25 -5.87 -8.52 -17.00
CA GLN A 25 -5.25 -9.29 -18.07
C GLN A 25 -5.29 -10.78 -17.76
N PHE A 26 -4.91 -11.14 -16.53
CA PHE A 26 -4.91 -12.53 -16.11
C PHE A 26 -6.26 -13.18 -16.38
N LEU A 27 -7.34 -12.44 -16.13
CA LEU A 27 -8.68 -12.94 -16.35
C LEU A 27 -9.04 -12.93 -17.84
N ILE A 28 -8.96 -11.75 -18.45
CA ILE A 28 -9.27 -11.61 -19.87
C ILE A 28 -8.85 -12.84 -20.65
N GLU A 29 -7.61 -13.28 -20.45
CA GLU A 29 -7.08 -14.45 -21.13
C GLU A 29 -7.60 -15.73 -20.49
N ASN A 30 -7.64 -15.74 -19.16
CA ASN A 30 -8.12 -16.90 -18.42
C ASN A 30 -9.34 -16.56 -17.57
N PRO A 31 -10.51 -16.52 -18.22
CA PRO A 31 -11.78 -16.21 -17.55
C PRO A 31 -12.22 -17.32 -16.58
N LYS A 32 -11.44 -18.40 -16.54
CA LYS A 32 -11.75 -19.52 -15.67
C LYS A 32 -11.03 -19.37 -14.33
N THR A 33 -10.71 -18.14 -13.97
CA THR A 33 -10.02 -17.87 -12.71
C THR A 33 -10.78 -16.86 -11.86
N SER A 34 -11.13 -17.25 -10.64
CA SER A 34 -11.87 -16.37 -9.75
C SER A 34 -11.00 -15.18 -9.33
N LEU A 35 -11.65 -14.15 -8.79
CA LEU A 35 -10.96 -12.95 -8.35
C LEU A 35 -9.73 -13.31 -7.50
N GLU A 36 -9.98 -13.95 -6.37
CA GLU A 36 -8.90 -14.35 -5.46
C GLU A 36 -7.80 -15.09 -6.23
N ASP A 37 -8.12 -16.28 -6.69
CA ASP A 37 -7.16 -17.10 -7.44
C ASP A 37 -6.27 -16.21 -8.31
N ALA A 38 -6.90 -15.46 -9.22
CA ALA A 38 -6.16 -14.58 -10.12
C ALA A 38 -5.07 -13.83 -9.38
N THR A 39 -5.46 -13.09 -8.35
CA THR A 39 -4.52 -12.32 -7.55
C THR A 39 -3.52 -13.23 -6.85
N LEU A 40 -4.02 -14.12 -6.01
CA LEU A 40 -3.18 -15.06 -5.28
C LEU A 40 -1.97 -15.47 -6.12
N GLN A 41 -2.19 -15.66 -7.42
CA GLN A 41 -1.12 -16.05 -8.32
C GLN A 41 -0.30 -14.84 -8.74
N ILE A 42 -0.97 -13.75 -9.07
CA ILE A 42 -0.30 -12.53 -9.49
C ILE A 42 0.64 -12.02 -8.39
N GLU A 43 0.10 -11.84 -7.18
CA GLU A 43 0.89 -11.36 -6.06
C GLU A 43 2.24 -12.07 -6.00
N GLU A 44 2.20 -13.40 -5.89
CA GLU A 44 3.41 -14.19 -5.82
C GLU A 44 4.29 -13.96 -7.05
N LEU A 45 3.65 -13.80 -8.19
CA LEU A 45 4.36 -13.57 -9.45
C LEU A 45 5.16 -12.27 -9.39
N TRP A 46 4.68 -11.32 -8.59
CA TRP A 46 5.34 -10.04 -8.45
C TRP A 46 6.57 -10.15 -7.55
N LYS A 47 6.56 -11.15 -6.68
CA LYS A 47 7.67 -11.38 -5.76
C LYS A 47 8.85 -12.03 -6.48
N THR A 48 8.55 -12.93 -7.40
CA THR A 48 9.57 -13.62 -8.16
C THR A 48 10.39 -12.65 -9.00
N LEU A 49 9.74 -11.61 -9.50
CA LEU A 49 10.40 -10.60 -10.32
C LEU A 49 11.73 -10.19 -9.69
N SER A 50 12.52 -9.44 -10.44
CA SER A 50 13.82 -8.97 -9.97
C SER A 50 13.72 -7.58 -9.37
N GLU A 51 14.86 -7.03 -8.97
CA GLU A 51 14.90 -5.69 -8.38
C GLU A 51 14.56 -4.62 -9.42
N GLU A 52 15.49 -4.41 -10.36
CA GLU A 52 15.29 -3.41 -11.40
C GLU A 52 13.86 -3.45 -11.93
N GLU A 53 13.38 -4.65 -12.25
CA GLU A 53 12.04 -4.83 -12.76
C GLU A 53 11.00 -4.20 -11.83
N LYS A 54 11.26 -4.31 -10.52
CA LYS A 54 10.36 -3.75 -9.52
C LYS A 54 10.56 -2.24 -9.39
N LEU A 55 11.82 -1.81 -9.39
CA LEU A 55 12.14 -0.40 -9.27
C LEU A 55 11.19 0.46 -10.11
N LYS A 56 11.12 0.16 -11.41
CA LYS A 56 10.24 0.88 -12.31
C LYS A 56 8.89 1.16 -11.66
N TYR A 57 8.42 0.21 -10.86
CA TYR A 57 7.13 0.34 -10.18
C TYR A 57 7.30 1.04 -8.84
N GLU A 58 8.39 0.71 -8.15
CA GLU A 58 8.67 1.31 -6.85
C GLU A 58 8.61 2.84 -6.91
N GLU A 59 8.74 3.37 -8.13
CA GLU A 59 8.70 4.81 -8.33
C GLU A 59 7.27 5.33 -8.25
N LYS A 60 6.31 4.49 -8.63
CA LYS A 60 4.91 4.86 -8.61
C LYS A 60 4.43 5.08 -7.17
N ALA A 61 4.77 4.15 -6.29
CA ALA A 61 4.37 4.26 -4.88
C ALA A 61 4.97 5.51 -4.24
N THR A 62 6.30 5.61 -4.32
CA THR A 62 6.99 6.76 -3.74
C THR A 62 6.34 8.07 -4.14
N LYS A 63 6.13 8.25 -5.44
CA LYS A 63 5.50 9.46 -5.96
C LYS A 63 4.36 9.91 -5.07
N ASP A 64 3.68 8.94 -4.46
CA ASP A 64 2.56 9.23 -3.57
C ASP A 64 3.02 9.31 -2.12
N LEU A 65 3.93 8.42 -1.74
CA LEU A 65 4.45 8.39 -0.39
C LEU A 65 4.81 9.80 0.10
N GLU A 66 5.53 10.54 -0.74
CA GLU A 66 5.93 11.90 -0.39
C GLU A 66 4.85 12.60 0.42
N ARG A 67 3.61 12.51 -0.05
CA ARG A 67 2.48 13.13 0.63
C ARG A 67 2.22 12.45 1.98
N TYR A 68 2.12 11.12 1.96
CA TYR A 68 1.88 10.35 3.17
C TYR A 68 2.89 10.69 4.25
N ASN A 69 4.13 10.91 3.84
CA ASN A 69 5.21 11.24 4.76
C ASN A 69 5.01 12.64 5.35
N SER A 70 4.82 13.62 4.47
CA SER A 70 4.62 15.00 4.89
C SER A 70 3.78 15.07 6.16
N GLN A 71 2.67 14.33 6.17
CA GLN A 71 1.78 14.31 7.31
C GLN A 71 2.40 13.51 8.47
N MET A 72 2.70 12.25 8.22
CA MET A 72 3.29 11.39 9.23
C MET A 72 4.25 12.18 10.12
N LYS A 73 4.89 13.19 9.53
CA LYS A 73 5.83 14.03 10.27
C LYS A 73 5.36 14.23 11.72
N ARG A 74 4.29 15.00 11.89
CA ARG A 74 3.75 15.28 13.21
C ARG A 74 3.31 13.99 13.89
N ALA A 75 2.54 13.16 13.17
CA ALA A 75 2.06 11.90 13.72
C ALA A 75 3.17 11.18 14.47
N ILE A 76 4.19 10.73 13.75
CA ILE A 76 5.31 10.02 14.35
C ILE A 76 5.69 10.64 15.70
N GLU A 77 5.51 11.96 15.80
CA GLU A 77 5.84 12.67 17.02
C GLU A 77 4.72 12.56 18.05
N GLN A 78 4.16 11.35 18.17
CA GLN A 78 3.07 11.11 19.11
C GLN A 78 2.15 12.33 19.20
N GLU A 79 1.84 12.90 18.05
CA GLU A 79 0.96 14.07 17.99
C GLU A 79 -0.46 13.68 17.57
N SER A 80 -0.54 12.77 16.60
CA SER A 80 -1.83 12.32 16.10
C SER A 80 -2.82 12.13 17.25
N GLN A 81 -2.57 11.13 18.09
CA GLN A 81 -3.44 10.85 19.23
C GLN A 81 -3.08 11.74 20.42
N MET A 82 -1.92 11.48 21.02
CA MET A 82 -1.47 12.26 22.16
C MET A 82 -1.20 13.71 21.77
N SER A 83 -2.14 14.59 22.10
CA SER A 83 -2.00 16.00 21.78
C SER A 83 -0.74 16.59 22.40
N LEU A 84 -0.39 17.79 21.99
CA LEU A 84 0.80 18.47 22.52
C LEU A 84 0.76 18.53 24.04
N LYS A 85 -0.27 19.19 24.58
CA LYS A 85 -0.43 19.31 26.02
C LYS A 85 0.87 19.80 26.66
N ASP A 86 1.49 20.80 26.05
CA ASP A 86 2.73 21.36 26.57
C ASP A 86 3.75 20.26 26.84
N SER A 87 3.72 19.21 26.01
CA SER A 87 4.64 18.09 26.17
C SER A 87 5.84 18.25 25.26
N GLY A 88 6.95 18.71 25.81
CA GLY A 88 8.16 18.89 25.03
C GLY A 88 9.40 19.00 25.89
N PRO A 89 9.92 17.84 26.33
CA PRO A 89 11.12 17.78 27.17
C PRO A 89 12.39 18.17 26.41
N SER A 90 13.54 17.99 27.05
CA SER A 90 14.82 18.32 26.44
C SER A 90 15.89 17.31 26.83
N SER A 91 17.10 17.52 26.33
CA SER A 91 18.22 16.63 26.62
C SER A 91 19.35 17.38 27.31
N GLY A 92 20.37 16.65 27.74
CA GLY A 92 21.50 17.26 28.42
C GLY A 92 22.65 17.53 27.48
#